data_6IFZ
#
_entry.id   6IFZ
#
loop_
_entity.id
_entity.type
_entity.pdbx_description
1 polymer 'Type III-A CRISPR-associated protein Csm1'
2 polymer 'Type III-A CRISPR-associated protein Csm2'
3 polymer 'Type III-A CRISPR-associated RAMP protein Csm3'
4 polymer 'Type III-A CRISPR-associated RAMP protein Csm4'
5 polymer 'Type III-A CRISPR-associated RAMP protein Csm5'
6 polymer crRNA
7 polymer CTR2
8 non-polymer 'ZINC ION'
#
loop_
_entity_poly.entity_id
_entity_poly.type
_entity_poly.pdbx_seq_one_letter_code
_entity_poly.pdbx_strand_id
1 'polypeptide(L)'
;MKKEKIDLFYGALLADIGKVIQRATGERKKHALVGADWFDEIADNQVISDQIRYHMANYQSDKLGNDHLAYITYIADNIA
SGVDRRQSNEESDEDTSAKIWDTYTNQADIFNVFGAQTDKRYFKPTVLNLKSKPNFASATYEPFSKGDYAAIATRIKNEL
AEFEFNQVQIDSLLNLFEATLSFVPSSTNTKEIADISLADHSRLTAAFALAIYDYLEDKGRHNYKEDLFTKVSAFYEEEA
FLLASFDLSGIQDFIYNINIATNGAAKQLKARSLYLDFMSEYIADSLLDKLGLNRANMLYVGGGHAYFVLANTEKTVETL
VQFEKDFNQFLLANFQTRLYVAFGWGSFAAKDIMSELNSPESYRQVYQKASRMISKKKISRYDYQTLMLLNRGGKSSERE
CEICHSVENLVSYHDQKVCDICRGLYQFSKEIAHDHFIITENEGLPIGPNACLKGVAFEKLSQEAFSRVYVKNDYKAGTV
KATHVFVGDYQCDEIYNYAALSKNENGLGIKRLAVVRLDVDDLGAAFMAGFSQQGNGQYSTLSRSATFSRSMSLFFKVYI
NQFASDKKLSIIYAGGDDVFAIGSWQDIIAFTVELRENFIKWTNGKLTLSAGIGLFADKTPISLMAHQTGELEEAAKGNE
KDSISLFSSDYTFKFDRFITNVYDDKLEQIRYFFNHQDERGKNFIYKLIELLRNHDRMNMARLAYYLTRLEELTRETDRD
KFKTFKNLFYSWYTNKNDKDRKEAELALLLYIYEIRKD
;
A
2 'polypeptide(L)'
;MTILTDENYVDIAEKAILKLERNTRNRKNPDAFFLTTSKLRNLLSLTSTLFDESKVKEYDALLDRIAYLRVQFVYQAGRE
IAVKDLIEKAQILEALKEIKDRETLQRFCRYMEALVAYFKFYGGKD
;
D,C
3 'polypeptide(L)'
;MTFAKIKFSAQIRLETGLHIGGSDAFAAIGAINSPVIKDPITNLPIIPGSSLKGKMRTLLAKVYNEKVAEKPSDDSDILS
RLFGNSKDKRFKMGRLIFRDAFLSNADELDSLGVRSYTEVKFENTIDRITAEANPRQIERAIRNSTFDFELIYEITDENE
NQVEEDFKVIRDGLKLLELDYLGGSGSRGYGKVAFENLKATTVFGNYDVKTLNELLTAEV
;
G,F,E
4 'polypeptide(L)'
;MTYKLYIMTFQNAHFGSGTLDSSKLTFSADRIFSALVLEALKMGKLDAFLAEANQDKFTLTDAFPFQFGPFLPKPIGYPK
HDQIDQSVDVKEVRRQAKLSKKLQFLALENVDDYLNGELFENEEHAVIDTVTKNQPHKDDNLYQVATTRFSNDTSLYVIA
NESDLLNELMSSLQYSGLGGKRSSGFGRFELDIQNIPLELSDRLTKNHSDKVMSLTTALPVDADLEEAMEDGHYLLTKSS
GFAFSHATNENYRKQDLYKFASGSTFSKTFEGQIVDVRPLDFPHAVLNYAKPLFFKLEV
;
B
5 'polypeptide(L)'
;MKNDYRTFKLSLLTLAPIHIGNGEKYTSREFIYENKKFYFPDMGKFYNKMVEKRLAEKFEAFLIQTRPNARNNRLISFLN
DNRIAERSFGGYSISETGLESDKNPNSAGAINEVNKFIRDAFGNPYIPGSSLKGAIRTILMNTTPKWNNENAVNDFGRFP
KENKNLIPWGPKKGKEYDDLFNAIRVSDSKPFDNKSLILVQKWDYSAKTNKAKPLPLYRESISPLTKIEFEITTTTDEAG
RLIEELGKRAQAFYKDYKAFFLSEFPDDKIQANLQYPIYLGAGSGAWTKTLFKQADGILQRRYSRMKTKMVKKGVLKLTK
APLKTVKIPSGNHSLVKNHESFYEMGKANFMIKEIDK
;
H
6 'polyribonucleotide' ACGGAAACGCUUUCUAGCUCGCUAUAAUUACCCAUU I
7 'polyribonucleotide' GGUAGGAAUGGGUAAUUAUAGCGAGCUAGAAAGCCAAAGGAAGUUUUGUC J
#
# COMPACT_ATOMS: atom_id res chain seq x y z
N LYS A 2 28.98 -27.30 62.34
CA LYS A 2 29.78 -26.35 61.58
C LYS A 2 30.24 -25.19 62.45
N LYS A 3 31.31 -25.40 63.22
CA LYS A 3 31.79 -24.42 64.17
C LYS A 3 33.09 -23.74 63.78
N GLU A 4 33.95 -24.40 62.99
CA GLU A 4 35.21 -23.82 62.54
C GLU A 4 35.25 -23.74 61.02
N LYS A 5 34.08 -23.77 60.37
CA LYS A 5 34.01 -23.55 58.94
C LYS A 5 33.93 -22.06 58.64
N ILE A 6 33.38 -21.28 59.57
CA ILE A 6 33.04 -19.88 59.31
C ILE A 6 34.30 -19.04 59.23
N ASP A 7 35.18 -19.18 60.23
CA ASP A 7 36.45 -18.48 60.22
C ASP A 7 37.37 -18.98 59.10
N LEU A 8 37.20 -20.24 58.69
CA LEU A 8 37.90 -20.74 57.51
C LEU A 8 37.47 -19.98 56.27
N PHE A 9 36.16 -19.78 56.10
CA PHE A 9 35.65 -19.01 54.96
C PHE A 9 36.16 -17.58 55.01
N TYR A 10 36.15 -16.98 56.19
CA TYR A 10 36.56 -15.59 56.33
C TYR A 10 38.05 -15.41 56.09
N GLY A 11 38.85 -16.38 56.50
CA GLY A 11 40.28 -16.32 56.27
C GLY A 11 40.66 -16.55 54.82
N ALA A 12 40.17 -17.64 54.23
CA ALA A 12 40.50 -17.94 52.85
C ALA A 12 39.78 -17.04 51.85
N LEU A 13 38.80 -16.25 52.29
CA LEU A 13 38.26 -15.19 51.45
C LEU A 13 39.03 -13.89 51.64
N LEU A 14 39.25 -13.52 52.90
CA LEU A 14 39.86 -12.25 53.26
C LEU A 14 41.38 -12.28 53.22
N ALA A 15 41.98 -13.37 52.74
CA ALA A 15 43.36 -13.19 52.36
C ALA A 15 43.41 -12.58 50.98
N ASP A 16 44.59 -12.04 50.64
CA ASP A 16 44.79 -11.17 49.48
C ASP A 16 43.83 -9.98 49.48
N ILE A 17 43.46 -9.53 50.68
CA ILE A 17 42.83 -8.22 50.85
C ILE A 17 43.84 -7.20 51.33
N GLY A 18 45.01 -7.65 51.79
CA GLY A 18 46.17 -6.77 51.85
C GLY A 18 46.53 -6.22 50.49
N LYS A 19 46.32 -7.01 49.44
CA LYS A 19 46.53 -6.65 48.03
C LYS A 19 45.62 -5.51 47.55
N VAL A 20 44.77 -4.89 48.36
CA VAL A 20 44.30 -3.54 48.07
C VAL A 20 45.03 -2.51 48.92
N ILE A 21 45.42 -2.86 50.16
CA ILE A 21 46.11 -1.92 51.04
C ILE A 21 47.49 -1.57 50.48
N GLN A 22 48.30 -2.59 50.19
CA GLN A 22 49.64 -2.37 49.66
C GLN A 22 49.65 -2.08 48.17
N ARG A 23 48.48 -1.93 47.53
CA ARG A 23 48.38 -1.23 46.27
C ARG A 23 47.87 0.18 46.42
N ALA A 24 47.30 0.53 47.58
CA ALA A 24 46.90 1.90 47.86
C ALA A 24 47.97 2.72 48.57
N THR A 25 48.87 2.06 49.30
CA THR A 25 49.94 2.73 50.02
C THR A 25 51.31 2.52 49.39
N GLY A 26 51.41 1.66 48.38
CA GLY A 26 52.67 1.49 47.68
C GLY A 26 53.72 0.72 48.44
N GLU A 27 53.32 -0.13 49.38
CA GLU A 27 54.26 -0.91 50.16
C GLU A 27 54.59 -2.22 49.46
N ARG A 28 55.88 -2.57 49.40
CA ARG A 28 56.34 -3.81 48.79
C ARG A 28 56.30 -4.99 49.75
N LYS A 29 55.70 -4.83 50.92
CA LYS A 29 55.49 -5.96 51.82
C LYS A 29 54.49 -6.93 51.20
N LYS A 30 54.71 -8.23 51.43
CA LYS A 30 53.80 -9.24 50.91
C LYS A 30 52.44 -9.12 51.58
N HIS A 31 51.38 -9.41 50.82
CA HIS A 31 50.01 -9.11 51.24
C HIS A 31 49.57 -9.91 52.44
N ALA A 32 50.17 -11.10 52.63
CA ALA A 32 49.84 -11.99 53.73
C ALA A 32 50.09 -11.36 55.09
N LEU A 33 51.02 -10.41 55.17
CA LEU A 33 51.29 -9.68 56.39
C LEU A 33 50.52 -8.38 56.49
N VAL A 34 50.31 -7.69 55.38
CA VAL A 34 49.63 -6.40 55.39
C VAL A 34 48.15 -6.58 55.75
N GLY A 35 47.50 -7.56 55.12
CA GLY A 35 46.10 -7.81 55.40
C GLY A 35 45.88 -8.35 56.81
N ALA A 36 46.77 -9.24 57.26
CA ALA A 36 46.68 -9.77 58.61
C ALA A 36 47.00 -8.72 59.66
N ASP A 37 47.79 -7.69 59.31
CA ASP A 37 48.03 -6.60 60.23
C ASP A 37 46.82 -5.69 60.33
N TRP A 38 46.34 -5.22 59.17
CA TRP A 38 45.24 -4.26 59.15
C TRP A 38 43.90 -4.88 59.59
N PHE A 39 43.75 -6.20 59.47
CA PHE A 39 42.53 -6.86 59.94
C PHE A 39 42.42 -6.80 61.46
N ASP A 40 43.55 -6.73 62.16
CA ASP A 40 43.53 -6.69 63.62
C ASP A 40 43.02 -5.36 64.17
N GLU A 41 42.91 -4.32 63.34
CA GLU A 41 42.48 -3.01 63.80
C GLU A 41 41.02 -2.72 63.44
N ILE A 42 40.27 -3.75 63.04
CA ILE A 42 38.82 -3.69 62.99
C ILE A 42 38.18 -4.76 63.87
N ALA A 43 38.71 -5.98 63.84
CA ALA A 43 38.18 -7.06 64.67
C ALA A 43 39.33 -7.96 65.09
N ASP A 44 39.11 -8.72 66.15
CA ASP A 44 40.12 -9.58 66.73
C ASP A 44 39.74 -11.04 66.53
N ASN A 45 40.52 -11.74 65.71
CA ASN A 45 40.32 -13.18 65.50
C ASN A 45 41.65 -13.74 65.00
N GLN A 46 42.28 -14.58 65.81
CA GLN A 46 43.50 -15.25 65.39
C GLN A 46 43.23 -16.28 64.30
N VAL A 47 42.03 -16.86 64.28
CA VAL A 47 41.66 -17.87 63.31
C VAL A 47 41.42 -17.30 61.91
N ILE A 48 41.34 -15.99 61.77
CA ILE A 48 41.27 -15.35 60.46
C ILE A 48 42.60 -14.73 60.09
N SER A 49 43.21 -13.99 61.03
CA SER A 49 44.47 -13.30 60.76
C SER A 49 45.62 -14.27 60.57
N ASP A 50 45.63 -15.39 61.29
CA ASP A 50 46.66 -16.38 61.04
C ASP A 50 46.40 -17.18 59.77
N GLN A 51 45.18 -17.13 59.23
CA GLN A 51 44.91 -17.71 57.92
C GLN A 51 45.35 -16.78 56.80
N ILE A 52 45.15 -15.47 56.96
CA ILE A 52 45.73 -14.51 56.02
C ILE A 52 47.25 -14.55 56.10
N ARG A 53 47.79 -14.81 57.28
CA ARG A 53 49.23 -14.74 57.50
C ARG A 53 49.97 -15.89 56.83
N TYR A 54 49.49 -17.11 57.00
CA TYR A 54 50.22 -18.28 56.54
C TYR A 54 49.64 -18.86 55.25
N HIS A 55 48.99 -18.06 54.42
CA HIS A 55 48.43 -18.61 53.19
C HIS A 55 49.45 -18.59 52.06
N MET A 56 50.42 -17.67 52.10
CA MET A 56 51.32 -17.49 50.98
C MET A 56 52.36 -18.60 50.92
N ALA A 57 52.85 -19.03 52.10
CA ALA A 57 53.93 -20.03 52.25
C ALA A 57 55.19 -19.61 51.49
N ASN A 58 55.47 -18.32 51.49
CA ASN A 58 56.68 -17.79 50.92
C ASN A 58 57.32 -16.73 51.81
N TYR A 59 56.61 -16.22 52.81
CA TYR A 59 57.19 -15.29 53.79
C TYR A 59 57.53 -16.04 55.08
N GLN A 60 56.52 -16.66 55.70
CA GLN A 60 56.71 -17.43 56.91
C GLN A 60 55.60 -18.46 57.01
N SER A 61 55.96 -19.70 57.30
CA SER A 61 55.00 -20.79 57.42
C SER A 61 55.20 -21.66 58.64
N ASP A 62 56.38 -21.64 59.26
CA ASP A 62 56.78 -22.62 60.26
C ASP A 62 56.26 -22.23 61.64
N LYS A 63 54.93 -22.14 61.76
CA LYS A 63 54.29 -21.92 63.04
C LYS A 63 53.02 -22.76 63.21
N LEU A 64 52.72 -23.63 62.26
CA LEU A 64 51.49 -24.41 62.30
C LEU A 64 51.77 -25.89 62.02
N ASP A 67 47.80 -28.55 63.57
CA ASP A 67 47.76 -27.82 62.32
C ASP A 67 46.84 -26.60 62.45
N HIS A 68 46.89 -25.72 61.46
CA HIS A 68 46.07 -24.52 61.44
C HIS A 68 45.34 -24.44 60.11
N LEU A 69 44.08 -24.02 60.14
CA LEU A 69 43.28 -23.88 58.92
C LEU A 69 44.02 -23.01 57.93
N ALA A 70 45.35 -23.07 58.01
CA ALA A 70 46.19 -22.28 57.11
C ALA A 70 46.44 -23.02 55.81
N TYR A 71 46.72 -24.33 55.88
CA TYR A 71 47.10 -25.11 54.71
C TYR A 71 45.98 -25.23 53.69
N ILE A 72 44.73 -25.43 54.15
CA ILE A 72 43.57 -25.29 53.28
C ILE A 72 43.55 -23.89 52.68
N THR A 73 43.77 -22.87 53.53
CA THR A 73 43.92 -21.49 53.10
C THR A 73 45.07 -21.34 52.12
N TYR A 74 46.10 -22.17 52.27
CA TYR A 74 47.14 -22.25 51.26
C TYR A 74 46.57 -22.81 49.96
N ILE A 75 46.03 -24.03 50.01
CA ILE A 75 45.81 -24.75 48.76
C ILE A 75 44.58 -24.23 48.03
N ALA A 76 43.64 -23.60 48.74
CA ALA A 76 42.53 -22.95 48.07
C ALA A 76 42.97 -21.74 47.28
N ASP A 77 44.11 -21.14 47.64
CA ASP A 77 44.69 -20.10 46.81
C ASP A 77 45.45 -20.65 45.62
N ASN A 78 45.91 -21.90 45.70
CA ASN A 78 46.72 -22.44 44.62
C ASN A 78 45.89 -23.12 43.54
N ILE A 79 44.61 -23.37 43.80
CA ILE A 79 43.70 -23.80 42.76
C ILE A 79 42.87 -22.64 42.22
N ALA A 80 42.80 -21.52 42.95
CA ALA A 80 42.07 -20.34 42.52
C ALA A 80 42.84 -19.48 41.53
N SER A 81 43.86 -20.02 40.88
CA SER A 81 44.48 -19.40 39.73
C SER A 81 44.66 -20.46 38.65
N GLY A 82 44.75 -19.99 37.41
CA GLY A 82 44.97 -20.88 36.28
C GLY A 82 46.37 -21.42 36.16
N VAL A 83 47.32 -20.89 36.92
CA VAL A 83 48.69 -21.38 36.93
C VAL A 83 49.09 -21.71 38.36
N ASP A 84 50.36 -22.09 38.53
CA ASP A 84 50.91 -22.46 39.83
C ASP A 84 51.28 -21.19 40.61
N ARG A 85 50.25 -20.50 41.09
CA ARG A 85 50.45 -19.24 41.80
C ARG A 85 50.11 -19.37 43.28
N THR A 103 53.37 -4.40 35.91
CA THR A 103 53.21 -4.29 37.36
C THR A 103 52.26 -3.15 37.69
N TYR A 104 52.23 -2.15 36.80
CA TYR A 104 51.37 -0.99 36.95
C TYR A 104 50.25 -1.00 35.91
N THR A 105 49.70 -2.19 35.67
CA THR A 105 48.59 -2.33 34.74
C THR A 105 47.27 -2.42 35.51
N ASN A 106 46.20 -1.98 34.86
CA ASN A 106 44.86 -2.08 35.43
C ASN A 106 44.31 -3.47 35.19
N GLN A 107 43.03 -3.66 35.47
CA GLN A 107 42.36 -4.92 35.18
C GLN A 107 42.03 -4.99 33.70
N ALA A 108 42.49 -6.06 33.06
CA ALA A 108 42.14 -6.30 31.68
C ALA A 108 40.66 -6.59 31.56
N ASP A 109 40.04 -6.07 30.51
CA ASP A 109 38.66 -6.45 30.22
C ASP A 109 38.63 -7.90 29.76
N ILE A 110 37.49 -8.55 29.97
CA ILE A 110 37.40 -9.99 29.77
C ILE A 110 37.49 -10.33 28.29
N PHE A 111 37.02 -9.43 27.44
CA PHE A 111 36.84 -9.70 26.02
C PHE A 111 38.09 -9.44 25.20
N ASN A 112 39.24 -9.28 25.87
CA ASN A 112 40.51 -9.26 25.16
C ASN A 112 40.90 -10.65 24.69
N VAL A 113 40.35 -11.69 25.32
CA VAL A 113 40.58 -13.07 24.90
C VAL A 113 39.25 -13.79 24.70
N PHE A 114 38.22 -13.04 24.32
CA PHE A 114 36.95 -13.62 23.88
C PHE A 114 36.92 -13.60 22.36
N GLY A 115 36.92 -14.78 21.76
CA GLY A 115 36.66 -14.90 20.34
C GLY A 115 37.73 -14.32 19.44
N ALA A 116 37.43 -13.18 18.83
CA ALA A 116 38.38 -12.50 17.96
C ALA A 116 39.38 -11.70 18.79
N GLN A 117 40.36 -11.12 18.10
CA GLN A 117 41.33 -10.23 18.73
C GLN A 117 41.08 -8.80 18.26
N THR A 118 40.87 -7.90 19.19
CA THR A 118 40.76 -6.48 18.95
C THR A 118 41.76 -5.77 19.86
N ASP A 119 41.63 -4.45 19.94
CA ASP A 119 42.45 -3.67 20.84
C ASP A 119 42.10 -4.02 22.29
N LYS A 120 43.13 -4.25 23.09
CA LYS A 120 42.94 -4.62 24.49
C LYS A 120 42.46 -3.41 25.29
N ARG A 121 41.26 -3.50 25.84
CA ARG A 121 40.70 -2.44 26.65
C ARG A 121 40.85 -2.77 28.13
N TYR A 122 40.96 -1.73 28.95
CA TYR A 122 41.31 -1.90 30.35
C TYR A 122 40.39 -1.06 31.24
N PHE A 123 40.13 -1.57 32.43
CA PHE A 123 39.12 -0.98 33.31
C PHE A 123 39.67 0.16 34.15
N LYS A 124 38.91 1.26 34.19
CA LYS A 124 39.09 2.30 35.18
C LYS A 124 38.72 1.75 36.55
N PRO A 125 39.65 1.68 37.50
CA PRO A 125 39.39 0.99 38.78
C PRO A 125 38.51 1.78 39.74
N THR A 126 37.20 1.66 39.56
CA THR A 126 36.23 2.38 40.37
C THR A 126 35.24 1.43 41.00
N VAL A 127 34.40 1.98 41.88
CA VAL A 127 33.36 1.24 42.57
C VAL A 127 32.10 1.21 41.70
N LEU A 128 30.98 0.78 42.27
CA LEU A 128 29.73 0.69 41.52
C LEU A 128 28.59 1.35 42.31
N ASN A 129 27.66 1.95 41.57
CA ASN A 129 26.49 2.59 42.19
C ASN A 129 25.23 2.17 41.46
N LEU A 130 24.10 2.79 41.83
CA LEU A 130 22.79 2.43 41.29
C LEU A 130 22.33 3.35 40.18
N LYS A 131 22.48 4.66 40.37
CA LYS A 131 22.30 5.65 39.32
C LYS A 131 23.57 5.88 38.53
N SER A 132 24.47 4.90 38.52
CA SER A 132 25.80 5.05 37.94
C SER A 132 25.69 4.99 36.42
N LYS A 133 26.25 6.00 35.77
CA LYS A 133 26.60 5.89 34.36
C LYS A 133 27.60 4.73 34.20
N PRO A 134 27.54 3.98 33.08
CA PRO A 134 28.26 2.70 33.01
C PRO A 134 29.78 2.79 33.02
N ASN A 135 30.41 1.63 32.94
CA ASN A 135 31.83 1.52 33.27
C ASN A 135 32.59 0.90 32.11
N PHE A 136 32.43 1.45 30.92
CA PHE A 136 33.10 0.97 29.72
C PHE A 136 34.61 1.09 29.85
N ALA A 137 35.31 0.20 29.15
CA ALA A 137 36.75 0.14 29.19
C ALA A 137 37.33 0.64 27.86
N SER A 138 38.55 1.15 27.94
CA SER A 138 39.28 1.58 26.76
C SER A 138 40.74 1.14 26.89
N ALA A 139 41.50 1.34 25.82
CA ALA A 139 42.93 1.05 25.85
C ALA A 139 43.72 2.17 26.51
N THR A 140 43.12 3.34 26.70
CA THR A 140 43.79 4.48 27.31
C THR A 140 43.62 4.52 28.82
N TYR A 141 43.38 3.38 29.45
CA TYR A 141 43.39 3.25 30.90
C TYR A 141 44.35 2.16 31.32
N GLU A 142 45.43 1.99 30.55
CA GLU A 142 46.43 0.96 30.79
C GLU A 142 47.42 1.25 31.94
N PRO A 143 48.01 2.44 32.10
CA PRO A 143 48.84 2.65 33.29
C PRO A 143 47.99 2.79 34.55
N PHE A 144 48.62 2.49 35.68
CA PHE A 144 47.95 2.36 36.95
C PHE A 144 47.54 3.73 37.50
N SER A 145 46.79 3.71 38.60
CA SER A 145 46.48 4.92 39.34
C SER A 145 46.32 4.53 40.81
N LYS A 146 47.40 4.69 41.58
CA LYS A 146 47.37 4.39 43.01
C LYS A 146 46.43 5.34 43.75
N GLY A 147 46.33 6.59 43.30
CA GLY A 147 45.48 7.56 43.96
C GLY A 147 44.00 7.32 43.79
N ASP A 148 43.61 6.44 42.85
CA ASP A 148 42.19 6.13 42.68
C ASP A 148 41.68 5.22 43.79
N TYR A 149 42.59 4.51 44.46
CA TYR A 149 42.19 3.41 45.34
C TYR A 149 41.64 3.86 46.68
N ALA A 150 41.83 5.13 47.07
CA ALA A 150 41.48 5.57 48.42
C ALA A 150 39.98 5.50 48.69
N ALA A 151 39.16 5.95 47.73
CA ALA A 151 37.71 5.80 47.82
C ALA A 151 37.27 4.36 47.82
N ILE A 152 38.11 3.45 47.35
CA ILE A 152 37.91 2.03 47.56
C ILE A 152 38.29 1.62 48.97
N ALA A 153 39.48 2.05 49.42
CA ALA A 153 40.12 1.43 50.58
C ALA A 153 39.36 1.73 51.87
N THR A 154 39.01 3.00 52.09
CA THR A 154 38.21 3.36 53.25
C THR A 154 36.81 2.77 53.18
N ARG A 155 36.34 2.48 51.97
CA ARG A 155 35.07 1.79 51.79
C ARG A 155 35.10 0.40 52.42
N ILE A 156 36.28 -0.24 52.43
CA ILE A 156 36.38 -1.52 53.11
C ILE A 156 36.53 -1.31 54.61
N LYS A 157 37.04 -0.16 55.05
CA LYS A 157 37.24 0.01 56.49
C LYS A 157 35.95 0.39 57.21
N ASN A 158 35.12 1.23 56.59
CA ASN A 158 33.95 1.79 57.24
C ASN A 158 32.72 0.90 57.11
N GLU A 159 32.45 0.37 55.92
CA GLU A 159 31.30 -0.51 55.72
C GLU A 159 31.47 -1.83 56.45
N LEU A 160 32.70 -2.18 56.81
CA LEU A 160 32.95 -3.43 57.59
C LEU A 160 33.37 -3.00 58.99
N ALA A 161 32.98 -1.78 59.38
CA ALA A 161 33.46 -1.11 60.59
C ALA A 161 33.17 -1.91 61.86
N GLU A 162 31.91 -2.04 62.21
CA GLU A 162 31.52 -2.86 63.37
C GLU A 162 31.15 -4.23 62.84
N PHE A 163 32.14 -5.11 62.74
CA PHE A 163 31.95 -6.37 62.04
C PHE A 163 32.22 -7.57 62.95
N GLU A 164 31.45 -8.62 62.72
CA GLU A 164 31.49 -9.87 63.47
C GLU A 164 31.49 -11.02 62.47
N PHE A 165 31.59 -12.25 62.96
CA PHE A 165 31.76 -13.42 62.09
C PHE A 165 30.74 -14.49 62.46
N ASN A 166 29.65 -14.53 61.69
CA ASN A 166 28.51 -15.43 61.91
C ASN A 166 27.65 -15.44 60.66
N GLN A 167 26.66 -16.34 60.66
CA GLN A 167 25.83 -16.56 59.48
C GLN A 167 24.87 -15.41 59.18
N VAL A 168 24.67 -14.49 60.11
CA VAL A 168 24.03 -13.23 59.76
C VAL A 168 24.96 -12.40 58.88
N GLN A 169 26.16 -12.11 59.40
CA GLN A 169 27.14 -11.28 58.70
C GLN A 169 27.91 -12.02 57.62
N ILE A 170 27.49 -13.24 57.27
CA ILE A 170 28.25 -14.05 56.31
C ILE A 170 28.09 -13.54 54.88
N ASP A 171 27.07 -12.73 54.61
CA ASP A 171 26.60 -12.62 53.24
C ASP A 171 26.62 -11.19 52.71
N SER A 172 26.30 -10.20 53.55
CA SER A 172 26.37 -8.81 53.12
C SER A 172 27.80 -8.32 52.92
N LEU A 173 28.79 -9.09 53.37
CA LEU A 173 30.17 -8.86 52.97
C LEU A 173 30.33 -9.03 51.46
N LEU A 174 29.66 -10.04 50.88
CA LEU A 174 29.92 -10.42 49.50
C LEU A 174 29.48 -9.35 48.52
N ASN A 175 28.29 -8.78 48.72
CA ASN A 175 27.87 -7.62 47.92
C ASN A 175 28.79 -6.44 48.16
N LEU A 176 29.34 -6.33 49.39
CA LEU A 176 30.36 -5.35 49.71
C LEU A 176 31.58 -5.47 48.80
N PHE A 177 31.87 -6.67 48.32
CA PHE A 177 32.94 -6.77 47.33
C PHE A 177 32.44 -6.40 45.95
N GLU A 178 31.24 -6.84 45.57
CA GLU A 178 30.82 -6.65 44.20
C GLU A 178 30.33 -5.25 43.90
N ALA A 179 30.12 -4.42 44.92
CA ALA A 179 29.93 -3.00 44.68
C ALA A 179 31.26 -2.29 44.46
N THR A 180 32.35 -2.82 45.02
CA THR A 180 33.65 -2.15 44.98
C THR A 180 34.69 -2.91 44.19
N LEU A 181 34.98 -4.15 44.55
CA LEU A 181 36.11 -4.91 44.02
C LEU A 181 35.81 -5.59 42.70
N SER A 182 34.72 -5.21 42.01
CA SER A 182 34.38 -5.82 40.73
C SER A 182 35.37 -5.47 39.65
N PHE A 183 36.11 -4.36 39.79
CA PHE A 183 37.04 -3.87 38.79
C PHE A 183 38.38 -3.52 39.42
N VAL A 184 38.88 -4.40 40.27
CA VAL A 184 40.23 -4.29 40.84
C VAL A 184 41.01 -5.52 40.38
N PRO A 185 42.16 -5.34 39.73
CA PRO A 185 42.90 -6.50 39.19
C PRO A 185 43.49 -7.37 40.28
N SER A 186 43.96 -8.53 39.85
CA SER A 186 44.59 -9.50 40.73
C SER A 186 45.87 -9.99 40.08
N SER A 187 46.95 -10.03 40.88
CA SER A 187 48.28 -10.52 40.49
C SER A 187 48.81 -9.75 39.28
N THR A 188 49.12 -8.48 39.53
CA THR A 188 49.50 -7.55 38.46
C THR A 188 50.81 -7.96 37.77
N ASN A 189 51.67 -8.66 38.49
CA ASN A 189 52.99 -9.03 37.95
C ASN A 189 52.95 -10.43 37.32
N THR A 190 51.99 -10.63 36.43
CA THR A 190 51.92 -11.81 35.56
C THR A 190 51.15 -11.40 34.31
N LYS A 191 51.11 -12.28 33.31
CA LYS A 191 50.57 -11.91 32.01
C LYS A 191 49.35 -12.72 31.60
N GLU A 192 49.34 -14.03 31.87
CA GLU A 192 48.28 -14.90 31.37
C GLU A 192 46.97 -14.69 32.12
N ILE A 193 46.97 -14.97 33.42
CA ILE A 193 45.79 -14.74 34.24
C ILE A 193 45.76 -13.26 34.62
N ALA A 194 45.05 -12.47 33.82
CA ALA A 194 45.07 -11.01 33.94
C ALA A 194 43.69 -10.41 34.13
N ASP A 195 42.68 -10.90 33.40
CA ASP A 195 41.36 -10.27 33.37
C ASP A 195 40.42 -10.83 34.42
N ILE A 196 40.95 -11.27 35.55
CA ILE A 196 40.17 -11.86 36.64
C ILE A 196 40.24 -10.90 37.82
N SER A 197 39.09 -10.39 38.23
CA SER A 197 39.03 -9.39 39.29
C SER A 197 39.16 -10.04 40.65
N LEU A 198 39.37 -9.19 41.67
CA LEU A 198 39.54 -9.68 43.03
C LEU A 198 38.24 -10.20 43.61
N ALA A 199 37.11 -9.60 43.20
CA ALA A 199 35.79 -10.02 43.65
C ALA A 199 35.25 -11.20 42.85
N ASP A 200 36.11 -11.89 42.11
CA ASP A 200 35.83 -13.25 41.69
C ASP A 200 36.94 -14.20 42.06
N HIS A 201 38.19 -13.73 42.19
CA HIS A 201 39.27 -14.57 42.68
C HIS A 201 39.04 -14.98 44.12
N SER A 202 38.67 -14.02 44.98
CA SER A 202 38.41 -14.35 46.37
C SER A 202 37.15 -15.18 46.54
N ARG A 203 36.14 -14.92 45.70
CA ARG A 203 34.91 -15.71 45.77
C ARG A 203 35.16 -17.16 45.37
N LEU A 204 35.94 -17.38 44.31
CA LEU A 204 36.34 -18.74 43.97
C LEU A 204 37.27 -19.38 44.99
N THR A 205 38.12 -18.59 45.65
CA THR A 205 38.99 -19.13 46.67
C THR A 205 38.21 -19.65 47.86
N ALA A 206 37.31 -18.83 48.39
CA ALA A 206 36.42 -19.26 49.46
C ALA A 206 35.39 -20.28 49.01
N ALA A 207 35.09 -20.34 47.72
CA ALA A 207 34.24 -21.41 47.20
C ALA A 207 34.98 -22.74 47.25
N PHE A 208 36.25 -22.74 46.86
CA PHE A 208 37.01 -23.98 46.82
C PHE A 208 37.35 -24.44 48.22
N ALA A 209 37.60 -23.50 49.14
CA ALA A 209 38.09 -23.84 50.48
C ALA A 209 37.10 -24.67 51.26
N LEU A 210 35.82 -24.28 51.21
CA LEU A 210 34.79 -25.06 51.88
C LEU A 210 34.60 -26.43 51.24
N ALA A 211 34.84 -26.53 49.93
CA ALA A 211 34.76 -27.84 49.27
C ALA A 211 35.90 -28.75 49.70
N ILE A 212 37.13 -28.22 49.78
CA ILE A 212 38.26 -29.00 50.29
C ILE A 212 38.01 -29.44 51.73
N TYR A 213 37.48 -28.53 52.56
CA TYR A 213 37.27 -28.87 53.96
C TYR A 213 36.18 -29.92 54.12
N ASP A 214 35.10 -29.83 53.32
CA ASP A 214 34.05 -30.83 53.41
C ASP A 214 34.52 -32.19 52.90
N TYR A 215 35.33 -32.19 51.83
CA TYR A 215 35.86 -33.44 51.31
C TYR A 215 36.85 -34.09 52.28
N LEU A 216 37.64 -33.28 52.99
CA LEU A 216 38.62 -33.85 53.91
C LEU A 216 37.95 -34.28 55.21
N GLU A 217 37.19 -33.39 55.84
CA GLU A 217 36.55 -33.67 57.11
C GLU A 217 35.27 -34.49 56.98
N ASP A 218 34.94 -34.97 55.78
CA ASP A 218 34.00 -36.09 55.71
C ASP A 218 34.72 -37.41 55.95
N LYS A 219 35.92 -37.56 55.38
CA LYS A 219 36.61 -38.85 55.37
C LYS A 219 37.53 -39.04 56.57
N GLY A 220 37.43 -38.17 57.57
CA GLY A 220 38.19 -38.35 58.80
C GLY A 220 39.68 -38.13 58.66
N ARG A 221 40.09 -37.04 58.03
CA ARG A 221 41.50 -36.68 57.92
C ARG A 221 41.69 -35.36 58.67
N HIS A 222 42.30 -35.44 59.85
CA HIS A 222 42.29 -34.36 60.82
C HIS A 222 43.57 -33.53 60.86
N ASN A 223 44.54 -33.82 60.00
CA ASN A 223 45.73 -33.00 59.89
C ASN A 223 45.95 -32.58 58.43
N TYR A 224 46.60 -31.42 58.28
CA TYR A 224 46.72 -30.77 56.98
C TYR A 224 48.15 -30.45 56.57
N LYS A 225 49.13 -30.58 57.46
CA LYS A 225 50.51 -30.29 57.10
C LYS A 225 51.10 -31.37 56.20
N GLU A 226 50.60 -32.60 56.34
CA GLU A 226 51.12 -33.73 55.59
C GLU A 226 50.24 -34.12 54.42
N ASP A 227 49.03 -33.58 54.33
CA ASP A 227 48.11 -33.89 53.25
C ASP A 227 47.92 -32.74 52.28
N LEU A 228 48.31 -31.53 52.65
CA LEU A 228 48.03 -30.35 51.83
C LEU A 228 49.23 -29.47 51.58
N PHE A 229 50.35 -29.68 52.26
CA PHE A 229 51.54 -28.88 52.05
C PHE A 229 52.68 -29.64 51.41
N THR A 230 52.91 -30.88 51.80
CA THR A 230 53.94 -31.71 51.19
C THR A 230 53.37 -32.79 50.27
N LYS A 231 52.28 -33.43 50.64
CA LYS A 231 51.53 -34.28 49.70
C LYS A 231 50.38 -33.51 49.07
N VAL A 232 50.69 -32.33 48.54
CA VAL A 232 49.69 -31.54 47.85
C VAL A 232 49.54 -31.99 46.40
N SER A 233 50.61 -32.53 45.81
CA SER A 233 50.58 -32.96 44.43
C SER A 233 49.76 -34.23 44.23
N ALA A 234 49.56 -35.02 45.29
CA ALA A 234 48.78 -36.25 45.22
C ALA A 234 47.30 -36.05 45.48
N PHE A 235 46.95 -35.21 46.47
CA PHE A 235 45.55 -34.81 46.65
C PHE A 235 45.11 -33.90 45.50
N TYR A 236 46.06 -33.17 44.91
CA TYR A 236 45.87 -32.33 43.75
C TYR A 236 45.37 -33.11 42.53
N GLU A 237 45.63 -34.41 42.45
CA GLU A 237 45.07 -35.28 41.43
C GLU A 237 44.11 -36.30 42.03
N GLU A 238 43.57 -36.01 43.21
CA GLU A 238 42.53 -36.81 43.83
C GLU A 238 41.19 -36.14 43.56
N GLU A 239 40.22 -36.92 43.08
CA GLU A 239 38.96 -36.36 42.59
C GLU A 239 38.13 -35.82 43.73
N ALA A 240 38.24 -34.51 43.97
CA ALA A 240 37.75 -33.90 45.19
C ALA A 240 36.75 -32.78 44.97
N PHE A 241 36.35 -32.51 43.73
CA PHE A 241 35.48 -31.38 43.45
C PHE A 241 34.33 -31.82 42.57
N LEU A 242 33.11 -31.54 43.01
CA LEU A 242 31.92 -31.77 42.21
C LEU A 242 31.51 -30.45 41.58
N LEU A 243 31.79 -30.28 40.30
CA LEU A 243 31.22 -29.16 39.57
C LEU A 243 29.76 -29.52 39.35
N ALA A 244 28.91 -29.06 40.25
CA ALA A 244 27.50 -29.34 40.12
C ALA A 244 26.80 -28.21 39.38
N SER A 245 25.60 -28.50 38.91
CA SER A 245 24.83 -27.55 38.14
C SER A 245 23.38 -27.99 38.15
N PHE A 246 22.49 -27.04 37.87
CA PHE A 246 21.11 -27.40 37.64
C PHE A 246 20.53 -26.52 36.55
N ASP A 247 19.37 -26.96 36.07
CA ASP A 247 18.65 -26.32 34.96
C ASP A 247 17.16 -26.42 35.25
N LEU A 248 16.47 -25.29 35.20
CA LEU A 248 15.03 -25.27 35.43
C LEU A 248 14.34 -25.28 34.07
N SER A 249 13.81 -26.44 33.69
CA SER A 249 13.14 -26.60 32.42
C SER A 249 11.70 -26.13 32.53
N GLY A 250 11.25 -25.39 31.53
CA GLY A 250 9.90 -24.92 31.47
C GLY A 250 9.70 -23.47 31.81
N ILE A 251 10.76 -22.67 31.77
CA ILE A 251 10.66 -21.28 32.19
C ILE A 251 9.91 -20.45 31.15
N GLN A 252 10.34 -20.54 29.89
CA GLN A 252 9.79 -19.67 28.84
C GLN A 252 8.32 -19.95 28.59
N ASP A 253 7.94 -21.22 28.57
CA ASP A 253 6.56 -21.61 28.43
C ASP A 253 5.80 -21.58 29.74
N PHE A 254 6.41 -21.07 30.81
CA PHE A 254 5.66 -20.63 31.97
C PHE A 254 5.43 -19.13 31.98
N ILE A 255 6.41 -18.34 31.57
CA ILE A 255 6.22 -16.90 31.44
C ILE A 255 5.15 -16.61 30.40
N TYR A 256 5.19 -17.31 29.28
CA TYR A 256 4.20 -17.08 28.22
C TYR A 256 3.05 -18.08 28.36
N ASN A 257 2.35 -17.94 29.48
CA ASN A 257 1.13 -18.68 29.75
C ASN A 257 -0.11 -17.83 29.51
N ILE A 258 0.06 -16.70 28.84
CA ILE A 258 -0.96 -15.67 28.72
C ILE A 258 -1.55 -15.70 27.32
N ASN A 259 -2.87 -15.57 27.23
CA ASN A 259 -3.57 -15.56 25.97
C ASN A 259 -4.15 -14.18 25.70
N ILE A 260 -4.92 -14.12 24.62
CA ILE A 260 -5.73 -12.95 24.34
C ILE A 260 -6.79 -12.82 25.43
N ALA A 261 -7.19 -11.59 25.72
CA ALA A 261 -8.19 -11.23 26.74
C ALA A 261 -7.80 -11.75 28.12
N THR A 262 -6.70 -11.20 28.62
CA THR A 262 -6.18 -11.53 29.93
C THR A 262 -6.13 -10.27 30.78
N ASN A 263 -6.61 -10.40 32.01
CA ASN A 263 -6.80 -9.27 32.92
C ASN A 263 -5.49 -8.63 33.33
N GLY A 264 -4.59 -9.39 33.94
CA GLY A 264 -3.26 -8.87 34.24
C GLY A 264 -2.40 -8.92 33.01
N ALA A 265 -2.22 -7.77 32.38
CA ALA A 265 -1.70 -7.75 31.03
C ALA A 265 -0.20 -8.00 30.99
N ALA A 266 0.57 -7.07 31.56
CA ALA A 266 2.01 -7.20 31.60
C ALA A 266 2.57 -7.21 33.01
N LYS A 267 1.76 -6.80 34.00
CA LYS A 267 2.17 -7.00 35.39
C LYS A 267 2.22 -8.47 35.74
N GLN A 268 1.35 -9.28 35.12
CA GLN A 268 1.40 -10.73 35.24
C GLN A 268 2.46 -11.35 34.37
N LEU A 269 3.28 -10.55 33.70
CA LEU A 269 4.44 -11.04 32.97
C LEU A 269 5.74 -10.65 33.67
N LYS A 270 5.78 -9.40 34.16
CA LYS A 270 6.79 -8.99 35.13
C LYS A 270 6.81 -9.90 36.34
N ALA A 271 5.64 -10.16 36.91
CA ALA A 271 5.53 -10.97 38.12
C ALA A 271 5.93 -12.41 37.89
N ARG A 272 5.59 -12.98 36.74
CA ARG A 272 5.97 -14.36 36.48
C ARG A 272 7.46 -14.52 36.20
N SER A 273 8.05 -13.57 35.46
CA SER A 273 9.49 -13.63 35.27
C SER A 273 10.27 -13.30 36.52
N LEU A 274 9.68 -12.59 37.48
CA LEU A 274 10.39 -12.42 38.75
C LEU A 274 10.19 -13.62 39.66
N TYR A 275 9.04 -14.28 39.54
CA TYR A 275 8.76 -15.47 40.33
C TYR A 275 9.72 -16.60 39.98
N LEU A 276 9.92 -16.83 38.68
CA LEU A 276 10.85 -17.87 38.27
C LEU A 276 12.29 -17.52 38.60
N ASP A 277 12.64 -16.23 38.59
CA ASP A 277 13.98 -15.82 38.99
C ASP A 277 14.21 -16.00 40.49
N PHE A 278 13.21 -15.73 41.33
CA PHE A 278 13.39 -15.98 42.74
C PHE A 278 13.33 -17.45 43.08
N MET A 279 12.63 -18.25 42.27
CA MET A 279 12.67 -19.69 42.45
C MET A 279 14.03 -20.25 42.09
N SER A 280 14.60 -19.80 40.98
CA SER A 280 15.94 -20.19 40.58
C SER A 280 17.03 -19.57 41.43
N GLU A 281 16.71 -18.59 42.26
CA GLU A 281 17.61 -18.12 43.30
C GLU A 281 17.46 -18.87 44.61
N TYR A 282 16.23 -19.23 44.99
CA TYR A 282 16.00 -19.96 46.22
C TYR A 282 16.48 -21.39 46.11
N ILE A 283 16.53 -21.98 44.91
CA ILE A 283 17.17 -23.30 44.79
C ILE A 283 18.66 -23.19 45.09
N ALA A 284 19.33 -22.20 44.51
CA ALA A 284 20.74 -21.98 44.75
C ALA A 284 21.04 -21.49 46.15
N ASP A 285 20.04 -20.98 46.88
CA ASP A 285 20.24 -20.66 48.29
C ASP A 285 19.99 -21.88 49.19
N SER A 286 18.82 -22.49 49.07
CA SER A 286 18.40 -23.60 49.91
C SER A 286 19.13 -24.89 49.60
N LEU A 287 19.89 -24.96 48.51
CA LEU A 287 20.75 -26.10 48.28
C LEU A 287 21.90 -26.08 49.25
N LEU A 288 22.58 -24.95 49.35
CA LEU A 288 23.86 -24.88 50.03
C LEU A 288 23.72 -24.80 51.55
N ASP A 289 22.51 -24.62 52.08
CA ASP A 289 22.32 -24.78 53.52
C ASP A 289 21.80 -26.16 53.88
N LYS A 290 21.23 -26.89 52.92
CA LYS A 290 21.15 -28.33 53.06
C LYS A 290 22.54 -28.94 53.07
N LEU A 291 23.45 -28.35 52.31
CA LEU A 291 24.88 -28.59 52.39
C LEU A 291 25.45 -27.66 53.47
N GLY A 292 26.76 -27.49 53.52
CA GLY A 292 27.29 -26.53 54.47
C GLY A 292 27.89 -25.32 53.79
N LEU A 293 27.28 -24.85 52.72
CA LEU A 293 27.92 -23.87 51.86
C LEU A 293 27.13 -22.56 51.84
N ASN A 294 27.64 -21.62 51.03
CA ASN A 294 27.16 -20.26 51.02
C ASN A 294 27.04 -19.72 49.60
N ARG A 295 26.80 -18.43 49.45
CA ARG A 295 26.60 -17.82 48.14
C ARG A 295 27.90 -17.57 47.39
N ALA A 296 29.04 -18.01 47.91
CA ALA A 296 30.28 -17.93 47.16
C ALA A 296 30.52 -19.16 46.32
N ASN A 297 29.95 -20.31 46.72
CA ASN A 297 30.13 -21.54 45.97
C ASN A 297 29.43 -21.50 44.63
N MET A 298 28.37 -20.71 44.52
CA MET A 298 27.62 -20.59 43.28
C MET A 298 28.44 -19.78 42.28
N LEU A 299 28.90 -20.44 41.22
CA LEU A 299 29.73 -19.74 40.24
C LEU A 299 28.87 -18.86 39.34
N TYR A 300 27.69 -19.33 38.98
CA TYR A 300 26.77 -18.49 38.23
C TYR A 300 25.34 -18.91 38.51
N VAL A 301 24.45 -17.93 38.64
CA VAL A 301 23.02 -18.19 38.68
C VAL A 301 22.36 -17.20 37.72
N GLY A 302 21.24 -17.62 37.14
CA GLY A 302 20.65 -16.84 36.08
C GLY A 302 19.52 -17.56 35.40
N GLY A 303 19.56 -17.63 34.07
CA GLY A 303 18.43 -18.09 33.29
C GLY A 303 18.16 -19.58 33.38
N GLY A 304 17.76 -20.04 34.56
CA GLY A 304 17.47 -21.43 34.78
C GLY A 304 18.67 -22.24 35.20
N HIS A 305 19.78 -22.04 34.52
CA HIS A 305 21.01 -22.74 34.82
C HIS A 305 21.70 -22.08 35.99
N ALA A 306 22.37 -22.90 36.78
CA ALA A 306 23.22 -22.37 37.85
C ALA A 306 24.33 -23.39 38.12
N TYR A 307 25.55 -22.90 38.17
CA TYR A 307 26.73 -23.73 38.29
C TYR A 307 27.42 -23.41 39.62
N PHE A 308 27.73 -24.46 40.37
CA PHE A 308 28.31 -24.42 41.71
C PHE A 308 29.65 -25.13 41.70
N VAL A 309 30.27 -25.20 42.88
CA VAL A 309 31.37 -26.10 43.17
C VAL A 309 31.12 -26.67 44.56
N LEU A 310 31.01 -27.99 44.66
CA LEU A 310 30.72 -28.67 45.91
C LEU A 310 31.82 -29.69 46.17
N ALA A 311 31.72 -30.39 47.28
CA ALA A 311 32.68 -31.43 47.61
C ALA A 311 32.28 -32.75 46.96
N ASN A 312 33.29 -33.56 46.63
CA ASN A 312 33.08 -34.85 46.00
C ASN A 312 33.04 -35.93 47.07
N THR A 313 31.98 -35.90 47.85
CA THR A 313 31.69 -36.95 48.81
C THR A 313 30.30 -37.51 48.55
N GLU A 314 29.93 -38.52 49.31
CA GLU A 314 28.58 -39.04 49.27
C GLU A 314 27.61 -38.17 50.05
N LYS A 315 28.11 -37.37 51.00
CA LYS A 315 27.23 -36.47 51.74
C LYS A 315 26.71 -35.34 50.87
N THR A 316 27.40 -35.02 49.78
CA THR A 316 26.85 -34.06 48.83
C THR A 316 25.97 -34.75 47.81
N VAL A 317 26.30 -35.97 47.41
CA VAL A 317 25.55 -36.66 46.35
C VAL A 317 24.18 -37.08 46.85
N GLU A 318 24.10 -37.66 48.05
CA GLU A 318 22.80 -38.04 48.58
C GLU A 318 21.97 -36.82 48.97
N THR A 319 22.62 -35.74 49.42
CA THR A 319 21.86 -34.51 49.69
C THR A 319 21.36 -33.88 48.41
N LEU A 320 22.12 -33.98 47.32
CA LEU A 320 21.68 -33.47 46.03
C LEU A 320 20.49 -34.27 45.51
N VAL A 321 20.57 -35.60 45.60
CA VAL A 321 19.50 -36.46 45.11
C VAL A 321 18.24 -36.28 45.95
N GLN A 322 18.40 -36.24 47.28
CA GLN A 322 17.28 -36.01 48.19
C GLN A 322 16.64 -34.65 47.97
N PHE A 323 17.46 -33.61 47.78
CA PHE A 323 16.94 -32.27 47.60
C PHE A 323 16.26 -32.13 46.25
N GLU A 324 16.82 -32.74 45.21
CA GLU A 324 16.19 -32.68 43.90
C GLU A 324 14.87 -33.43 43.88
N LYS A 325 14.79 -34.58 44.56
CA LYS A 325 13.54 -35.32 44.64
C LYS A 325 12.48 -34.55 45.43
N ASP A 326 12.89 -33.93 46.53
CA ASP A 326 11.93 -33.19 47.34
C ASP A 326 11.45 -31.93 46.64
N PHE A 327 12.37 -31.22 45.96
CA PHE A 327 11.95 -30.04 45.22
C PHE A 327 11.11 -30.40 44.02
N ASN A 328 11.32 -31.56 43.43
CA ASN A 328 10.44 -31.91 42.33
C ASN A 328 9.11 -32.46 42.79
N GLN A 329 9.03 -33.05 44.00
CA GLN A 329 7.72 -33.27 44.60
C GLN A 329 7.00 -31.97 44.86
N PHE A 330 7.76 -30.94 45.28
CA PHE A 330 7.18 -29.62 45.48
C PHE A 330 6.69 -29.02 44.17
N LEU A 331 7.44 -29.20 43.08
CA LEU A 331 7.02 -28.67 41.79
C LEU A 331 5.84 -29.44 41.23
N LEU A 332 5.77 -30.75 41.47
CA LEU A 332 4.60 -31.51 41.04
C LEU A 332 3.38 -31.19 41.90
N ALA A 333 3.59 -30.69 43.11
CA ALA A 333 2.49 -30.37 43.99
C ALA A 333 1.68 -29.17 43.53
N ASN A 334 2.27 -28.25 42.76
CA ASN A 334 1.52 -27.05 42.39
C ASN A 334 1.56 -26.76 40.89
N PHE A 335 2.62 -27.18 40.22
CA PHE A 335 2.77 -26.85 38.81
C PHE A 335 2.35 -27.97 37.87
N GLN A 336 2.57 -29.23 38.29
CA GLN A 336 2.14 -30.44 37.56
C GLN A 336 2.73 -30.50 36.15
N THR A 337 4.05 -30.74 36.13
CA THR A 337 4.84 -30.98 34.92
C THR A 337 4.87 -29.78 33.99
N ARG A 338 4.81 -28.57 34.55
CA ARG A 338 5.13 -27.40 33.76
C ARG A 338 6.55 -26.92 34.01
N LEU A 339 7.06 -27.09 35.22
CA LEU A 339 8.43 -26.78 35.55
C LEU A 339 9.10 -28.04 36.07
N TYR A 340 10.42 -28.11 35.89
CA TYR A 340 11.17 -29.27 36.35
C TYR A 340 12.62 -28.88 36.58
N VAL A 341 13.10 -29.01 37.81
CA VAL A 341 14.52 -28.79 38.09
C VAL A 341 15.29 -30.07 37.82
N ALA A 342 16.34 -29.97 37.00
CA ALA A 342 17.18 -31.11 36.70
C ALA A 342 18.59 -30.79 37.15
N PHE A 343 19.14 -31.67 37.97
CA PHE A 343 20.46 -31.46 38.53
C PHE A 343 21.50 -32.24 37.74
N GLY A 344 22.76 -32.05 38.06
CA GLY A 344 23.79 -32.84 37.42
C GLY A 344 25.16 -32.39 37.85
N TRP A 345 26.03 -33.34 38.13
CA TRP A 345 27.33 -33.02 38.69
C TRP A 345 28.42 -33.78 37.95
N GLY A 346 29.51 -33.09 37.64
CA GLY A 346 30.69 -33.71 37.07
C GLY A 346 31.82 -33.64 38.09
N SER A 347 32.42 -34.78 38.38
CA SER A 347 33.50 -34.82 39.35
C SER A 347 34.83 -34.56 38.66
N PHE A 348 35.72 -33.88 39.37
CA PHE A 348 37.04 -33.58 38.85
C PHE A 348 37.99 -33.30 40.00
N ALA A 349 39.24 -33.72 39.81
CA ALA A 349 40.36 -33.34 40.65
C ALA A 349 40.86 -31.97 40.21
N ALA A 350 41.76 -31.39 41.01
CA ALA A 350 42.27 -30.04 40.73
C ALA A 350 43.21 -30.07 39.53
N LYS A 351 42.60 -30.18 38.35
CA LYS A 351 43.28 -30.37 37.08
C LYS A 351 42.65 -29.52 35.99
N ASP A 352 41.93 -28.47 36.38
CA ASP A 352 41.56 -27.42 35.43
C ASP A 352 42.56 -26.26 35.53
N ILE A 353 43.84 -26.61 35.44
CA ILE A 353 44.95 -25.67 35.60
C ILE A 353 46.00 -26.01 34.55
N MET A 354 46.44 -25.00 33.82
CA MET A 354 47.48 -25.17 32.81
C MET A 354 48.69 -24.29 33.13
N ASN A 358 46.92 -32.66 28.77
CA ASN A 358 45.47 -32.61 28.68
C ASN A 358 44.91 -31.40 29.42
N SER A 359 45.31 -30.21 28.99
CA SER A 359 44.79 -28.97 29.55
C SER A 359 43.44 -28.54 28.94
N PRO A 360 43.22 -28.51 27.57
CA PRO A 360 41.89 -28.08 27.11
C PRO A 360 40.83 -29.18 27.22
N GLU A 361 41.23 -30.43 27.02
CA GLU A 361 40.28 -31.55 27.14
C GLU A 361 40.28 -32.11 28.55
N SER A 362 40.13 -31.21 29.52
CA SER A 362 39.87 -31.57 30.91
C SER A 362 38.77 -30.64 31.43
N TYR A 363 38.69 -29.45 30.85
CA TYR A 363 37.69 -28.49 31.30
C TYR A 363 36.38 -28.66 30.55
N ARG A 364 36.48 -28.92 29.24
CA ARG A 364 35.28 -29.23 28.45
C ARG A 364 34.68 -30.56 28.89
N GLN A 365 35.53 -31.49 29.34
CA GLN A 365 35.07 -32.80 29.77
C GLN A 365 34.19 -32.73 31.02
N VAL A 366 34.62 -31.98 32.03
CA VAL A 366 33.86 -31.94 33.27
C VAL A 366 32.59 -31.11 33.14
N TYR A 367 32.57 -30.14 32.21
CA TYR A 367 31.33 -29.47 31.90
C TYR A 367 30.42 -30.35 31.06
N GLN A 368 30.99 -31.26 30.26
CA GLN A 368 30.20 -32.21 29.48
C GLN A 368 29.44 -33.19 30.36
N LYS A 369 30.01 -33.58 31.49
CA LYS A 369 29.43 -34.59 32.37
C LYS A 369 28.15 -34.11 33.04
N ALA A 370 28.16 -32.90 33.58
CA ALA A 370 26.95 -32.33 34.13
C ALA A 370 25.93 -31.99 33.05
N SER A 371 26.40 -31.64 31.85
CA SER A 371 25.50 -31.37 30.73
C SER A 371 24.72 -32.62 30.35
N ARG A 372 25.42 -33.74 30.23
CA ARG A 372 24.74 -34.97 29.86
C ARG A 372 24.00 -35.61 31.03
N MET A 373 24.37 -35.30 32.26
CA MET A 373 23.53 -35.74 33.37
C MET A 373 22.21 -34.98 33.43
N ILE A 374 22.23 -33.67 33.13
CA ILE A 374 20.99 -32.92 33.03
C ILE A 374 20.17 -33.39 31.83
N SER A 375 20.84 -33.70 30.72
CA SER A 375 20.14 -34.16 29.52
C SER A 375 19.51 -35.53 29.72
N LYS A 376 20.19 -36.42 30.44
CA LYS A 376 19.62 -37.71 30.79
C LYS A 376 18.50 -37.56 31.81
N LYS A 377 18.60 -36.58 32.71
CA LYS A 377 17.56 -36.38 33.69
C LYS A 377 16.42 -35.53 33.17
N LYS A 378 16.56 -34.92 32.00
CA LYS A 378 15.47 -34.19 31.37
C LYS A 378 14.49 -35.09 30.66
N ILE A 379 14.81 -36.38 30.55
CA ILE A 379 14.26 -37.24 29.53
C ILE A 379 13.77 -38.52 30.20
N SER A 380 14.09 -38.66 31.48
CA SER A 380 13.75 -39.83 32.29
C SER A 380 13.18 -39.35 33.63
N ARG A 381 12.15 -38.50 33.54
CA ARG A 381 11.63 -37.62 34.59
C ARG A 381 11.46 -38.19 36.00
N TYR A 382 10.58 -39.16 36.19
CA TYR A 382 10.17 -39.53 37.53
C TYR A 382 10.49 -40.98 37.84
N ASP A 383 10.03 -41.41 39.01
CA ASP A 383 10.09 -42.79 39.46
C ASP A 383 8.70 -43.40 39.44
N TYR A 384 8.64 -44.68 39.81
CA TYR A 384 7.43 -45.49 39.69
C TYR A 384 6.29 -44.96 40.54
N GLN A 385 6.59 -44.64 41.81
CA GLN A 385 5.54 -44.29 42.77
C GLN A 385 4.92 -42.94 42.44
N THR A 386 5.72 -41.97 42.02
CA THR A 386 5.18 -40.65 41.75
C THR A 386 4.29 -40.64 40.51
N LEU A 387 4.67 -41.36 39.46
CA LEU A 387 3.83 -41.38 38.28
C LEU A 387 2.63 -42.27 38.47
N MET A 388 2.73 -43.28 39.34
CA MET A 388 1.54 -44.01 39.74
C MET A 388 0.61 -43.14 40.57
N LEU A 389 1.17 -42.18 41.31
CA LEU A 389 0.36 -41.23 42.06
C LEU A 389 -0.29 -40.21 41.14
N LEU A 390 0.42 -39.80 40.08
CA LEU A 390 0.05 -38.63 39.30
C LEU A 390 -1.24 -38.82 38.51
N ASN A 391 -1.65 -40.07 38.28
CA ASN A 391 -2.91 -40.35 37.61
C ASN A 391 -3.77 -41.27 38.47
N ARG A 392 -3.77 -41.04 39.79
CA ARG A 392 -4.53 -41.89 40.70
C ARG A 392 -6.03 -41.71 40.55
N GLY A 393 -6.48 -40.62 39.93
CA GLY A 393 -7.90 -40.43 39.74
C GLY A 393 -8.57 -40.07 41.04
N GLY A 394 -9.84 -40.44 41.16
CA GLY A 394 -10.63 -40.08 42.31
C GLY A 394 -10.92 -38.60 42.40
N LYS A 395 -10.81 -37.89 41.28
CA LYS A 395 -10.71 -36.44 41.27
C LYS A 395 -11.85 -35.90 40.42
N SER A 396 -12.97 -35.59 41.06
CA SER A 396 -14.08 -34.99 40.36
C SER A 396 -13.81 -33.51 40.13
N SER A 397 -14.36 -32.99 39.03
CA SER A 397 -14.18 -31.58 38.72
C SER A 397 -15.30 -31.12 37.79
N GLU A 398 -15.60 -29.83 37.87
CA GLU A 398 -16.50 -29.19 36.92
C GLU A 398 -15.97 -27.87 36.39
N ARG A 399 -15.03 -27.22 37.07
CA ARG A 399 -14.43 -25.97 36.64
C ARG A 399 -12.91 -26.13 36.59
N GLU A 400 -12.27 -25.17 35.93
CA GLU A 400 -10.82 -25.18 35.83
C GLU A 400 -10.32 -23.74 35.79
N CYS A 401 -9.08 -23.56 36.20
CA CYS A 401 -8.42 -22.26 36.10
C CYS A 401 -8.11 -22.03 34.63
N GLU A 402 -8.78 -21.05 34.01
CA GLU A 402 -8.65 -20.77 32.58
C GLU A 402 -7.23 -20.35 32.17
N ILE A 403 -6.43 -19.95 33.15
CA ILE A 403 -5.03 -19.60 32.94
C ILE A 403 -4.18 -20.86 32.80
N CYS A 404 -4.09 -21.67 33.85
CA CYS A 404 -3.11 -22.74 33.92
C CYS A 404 -3.70 -24.14 33.83
N HIS A 405 -5.03 -24.25 33.75
CA HIS A 405 -5.75 -25.52 33.58
C HIS A 405 -5.49 -26.50 34.72
N SER A 406 -5.48 -25.96 35.94
CA SER A 406 -5.35 -26.73 37.16
C SER A 406 -6.69 -26.75 37.87
N VAL A 407 -6.80 -27.66 38.85
CA VAL A 407 -8.07 -27.96 39.49
C VAL A 407 -8.03 -27.56 40.97
N GLU A 408 -6.88 -27.69 41.60
CA GLU A 408 -6.81 -27.50 43.05
C GLU A 408 -6.89 -26.03 43.44
N ASN A 409 -7.60 -25.77 44.53
CA ASN A 409 -7.74 -24.47 45.18
C ASN A 409 -8.27 -23.39 44.24
N LEU A 410 -9.50 -23.60 43.80
CA LEU A 410 -10.17 -22.64 42.93
C LEU A 410 -10.98 -21.66 43.76
N VAL A 411 -10.80 -20.37 43.48
CA VAL A 411 -11.57 -19.32 44.14
C VAL A 411 -12.13 -18.39 43.08
N SER A 412 -12.78 -17.31 43.51
CA SER A 412 -13.69 -16.56 42.69
C SER A 412 -13.16 -15.16 42.46
N TYR A 413 -11.91 -15.05 42.03
CA TYR A 413 -11.19 -13.79 41.99
C TYR A 413 -11.65 -12.98 40.78
N HIS A 414 -12.26 -11.82 41.05
CA HIS A 414 -12.75 -10.88 40.05
C HIS A 414 -13.71 -11.55 39.06
N ASP A 415 -14.84 -12.01 39.65
CA ASP A 415 -15.97 -12.72 39.01
C ASP A 415 -15.52 -13.77 37.98
N GLN A 416 -14.53 -14.57 38.37
CA GLN A 416 -14.03 -15.65 37.55
C GLN A 416 -13.33 -16.64 38.48
N LYS A 417 -13.11 -17.85 37.97
CA LYS A 417 -12.43 -18.89 38.71
C LYS A 417 -10.95 -18.83 38.44
N VAL A 418 -10.15 -18.72 39.52
CA VAL A 418 -8.70 -18.80 39.40
C VAL A 418 -8.18 -19.87 40.36
N CYS A 419 -6.93 -20.26 40.15
CA CYS A 419 -6.28 -21.23 41.01
C CYS A 419 -5.58 -20.52 42.15
N ASP A 420 -4.66 -21.22 42.82
CA ASP A 420 -3.88 -20.64 43.90
C ASP A 420 -2.70 -19.82 43.40
N ILE A 421 -1.95 -20.38 42.45
CA ILE A 421 -0.71 -19.75 41.98
C ILE A 421 -1.02 -18.49 41.19
N CYS A 422 -2.12 -18.49 40.43
CA CYS A 422 -2.56 -17.32 39.70
C CYS A 422 -3.41 -16.38 40.55
N ARG A 423 -3.38 -16.54 41.87
CA ARG A 423 -3.84 -15.55 42.83
C ARG A 423 -2.68 -14.95 43.60
N GLY A 424 -1.76 -15.81 44.02
CA GLY A 424 -0.50 -15.34 44.54
C GLY A 424 0.30 -14.52 43.53
N LEU A 425 0.13 -14.78 42.24
CA LEU A 425 0.81 -13.99 41.23
C LEU A 425 0.26 -12.57 41.15
N TYR A 426 -1.05 -12.38 41.37
CA TYR A 426 -1.56 -11.02 41.41
C TYR A 426 -1.13 -10.31 42.68
N GLN A 427 -1.06 -11.03 43.80
CA GLN A 427 -0.48 -10.46 45.02
C GLN A 427 0.97 -10.07 44.80
N PHE A 428 1.71 -10.89 44.07
CA PHE A 428 3.11 -10.60 43.82
C PHE A 428 3.28 -9.46 42.82
N SER A 429 2.38 -9.32 41.86
CA SER A 429 2.44 -8.17 40.97
C SER A 429 2.06 -6.88 41.68
N LYS A 430 1.33 -6.96 42.78
CA LYS A 430 1.20 -5.78 43.60
C LYS A 430 2.47 -5.52 44.41
N GLU A 431 3.10 -6.57 44.94
CA GLU A 431 4.28 -6.39 45.77
C GLU A 431 5.56 -6.10 45.00
N ILE A 432 5.53 -6.22 43.67
CA ILE A 432 6.75 -6.17 42.85
C ILE A 432 7.44 -4.81 42.84
N ALA A 433 6.74 -3.74 43.21
CA ALA A 433 7.33 -2.41 43.15
C ALA A 433 8.16 -2.06 44.39
N HIS A 434 8.43 -3.02 45.26
CA HIS A 434 9.20 -2.76 46.47
C HIS A 434 10.68 -3.05 46.28
N ASP A 435 11.41 -3.11 47.37
CA ASP A 435 12.85 -3.36 47.36
C ASP A 435 13.22 -4.70 47.94
N HIS A 436 12.51 -5.16 48.97
CA HIS A 436 12.87 -6.36 49.72
C HIS A 436 11.80 -7.43 49.53
N PHE A 437 12.26 -8.66 49.31
CA PHE A 437 11.40 -9.82 49.12
C PHE A 437 11.84 -10.86 50.13
N ILE A 438 10.98 -11.15 51.10
CA ILE A 438 11.31 -12.05 52.19
C ILE A 438 10.62 -13.38 51.94
N ILE A 439 11.24 -14.46 52.39
CA ILE A 439 10.64 -15.77 52.25
C ILE A 439 10.09 -16.21 53.60
N THR A 440 8.77 -16.15 53.73
CA THR A 440 8.07 -16.58 54.94
C THR A 440 7.69 -18.06 54.78
N GLU A 441 6.78 -18.55 55.62
CA GLU A 441 6.29 -19.91 55.50
C GLU A 441 4.86 -20.02 55.00
N ASN A 442 4.06 -18.95 55.11
CA ASN A 442 2.64 -19.05 54.80
C ASN A 442 2.13 -17.98 53.86
N GLU A 443 2.87 -16.89 53.64
CA GLU A 443 2.36 -15.71 52.98
C GLU A 443 2.83 -15.67 51.53
N GLY A 444 1.89 -15.51 50.60
CA GLY A 444 2.25 -15.28 49.22
C GLY A 444 2.56 -16.52 48.43
N LEU A 445 3.51 -16.41 47.51
CA LEU A 445 3.76 -17.41 46.49
C LEU A 445 4.76 -18.45 46.97
N PRO A 446 4.44 -19.74 46.91
CA PRO A 446 5.38 -20.77 47.37
C PRO A 446 6.52 -20.94 46.38
N ILE A 447 7.74 -20.77 46.86
CA ILE A 447 8.90 -21.05 46.02
C ILE A 447 9.73 -22.19 46.59
N GLY A 448 9.27 -22.85 47.64
CA GLY A 448 9.95 -24.03 48.10
C GLY A 448 9.11 -24.94 48.96
N PRO A 449 9.72 -25.99 49.48
CA PRO A 449 9.01 -26.85 50.43
C PRO A 449 8.86 -26.14 51.77
N ASN A 450 7.65 -25.67 52.03
CA ASN A 450 7.31 -24.76 53.12
C ASN A 450 8.24 -23.54 53.12
N ALA A 451 8.17 -22.81 52.01
CA ALA A 451 8.80 -21.51 51.87
C ALA A 451 8.02 -20.72 50.84
N CYS A 452 7.41 -19.63 51.28
CA CYS A 452 6.47 -18.86 50.50
C CYS A 452 6.97 -17.42 50.38
N LEU A 453 7.17 -16.97 49.15
CA LEU A 453 7.74 -15.65 48.87
C LEU A 453 6.73 -14.55 49.14
N LYS A 454 7.22 -13.39 49.56
CA LYS A 454 6.36 -12.24 49.79
C LYS A 454 7.19 -10.97 49.69
N GLY A 455 6.75 -10.04 48.86
CA GLY A 455 7.37 -8.74 48.81
C GLY A 455 6.93 -7.87 49.97
N VAL A 456 7.83 -6.99 50.41
CA VAL A 456 7.58 -6.21 51.61
C VAL A 456 8.32 -4.89 51.47
N ALA A 457 7.86 -3.89 52.21
CA ALA A 457 8.54 -2.60 52.26
C ALA A 457 9.72 -2.69 53.21
N PHE A 458 10.45 -1.59 53.36
CA PHE A 458 11.60 -1.59 54.26
C PHE A 458 11.15 -1.60 55.71
N GLU A 459 10.26 -0.67 56.07
CA GLU A 459 9.89 -0.48 57.47
C GLU A 459 9.01 -1.60 58.01
N LYS A 460 8.37 -2.39 57.14
CA LYS A 460 7.53 -3.48 57.60
C LYS A 460 8.30 -4.74 57.93
N LEU A 461 9.64 -4.68 57.95
CA LEU A 461 10.44 -5.87 58.21
C LEU A 461 10.35 -6.32 59.66
N SER A 462 10.00 -5.42 60.57
CA SER A 462 10.03 -5.72 61.99
C SER A 462 8.90 -6.66 62.38
N GLN A 463 7.72 -6.48 61.78
CA GLN A 463 6.54 -7.20 62.24
C GLN A 463 6.55 -8.65 61.76
N GLU A 464 7.18 -8.93 60.64
CA GLU A 464 7.25 -10.29 60.11
C GLU A 464 8.56 -10.95 60.51
N ALA A 465 8.65 -12.25 60.25
CA ALA A 465 9.78 -13.08 60.66
C ALA A 465 10.29 -13.83 59.44
N PHE A 466 11.27 -13.26 58.75
CA PHE A 466 11.78 -13.88 57.55
C PHE A 466 12.76 -15.00 57.89
N SER A 467 13.20 -15.70 56.85
CA SER A 467 14.28 -16.67 56.97
C SER A 467 15.41 -16.27 56.03
N ARG A 468 15.04 -15.68 54.89
CA ARG A 468 15.99 -15.00 54.03
C ARG A 468 15.28 -13.84 53.34
N VAL A 469 16.08 -12.88 52.90
CA VAL A 469 15.58 -11.66 52.29
C VAL A 469 16.47 -11.29 51.11
N TYR A 470 15.84 -11.09 49.96
CA TYR A 470 16.52 -10.65 48.76
C TYR A 470 16.18 -9.19 48.52
N VAL A 471 17.23 -8.38 48.37
CA VAL A 471 17.07 -6.97 48.06
C VAL A 471 17.42 -6.76 46.59
N LYS A 472 16.53 -6.11 45.86
CA LYS A 472 16.55 -6.10 44.41
C LYS A 472 17.24 -4.84 43.92
N ASN A 473 18.36 -5.02 43.21
CA ASN A 473 19.12 -3.97 42.54
C ASN A 473 19.55 -2.87 43.53
N ASP A 474 20.44 -3.29 44.43
CA ASP A 474 20.98 -2.39 45.44
C ASP A 474 22.42 -2.77 45.69
N TYR A 475 23.13 -1.87 46.35
CA TYR A 475 24.50 -2.10 46.76
C TYR A 475 24.81 -1.64 48.16
N LYS A 476 23.82 -1.15 48.91
CA LYS A 476 24.04 -0.71 50.28
C LYS A 476 24.23 -1.91 51.20
N ALA A 477 24.66 -1.63 52.43
CA ALA A 477 24.99 -2.68 53.38
C ALA A 477 23.76 -3.43 53.87
N GLY A 478 22.59 -2.82 53.81
CA GLY A 478 21.36 -3.48 54.21
C GLY A 478 21.14 -3.50 55.71
N THR A 479 19.90 -3.72 56.13
CA THR A 479 19.57 -3.73 57.55
C THR A 479 19.88 -5.08 58.18
N VAL A 480 19.35 -6.17 57.60
CA VAL A 480 19.45 -7.49 58.19
C VAL A 480 20.58 -8.33 57.60
N LYS A 481 21.58 -7.68 56.99
CA LYS A 481 22.65 -8.32 56.22
C LYS A 481 22.07 -9.24 55.14
N ALA A 482 21.37 -8.61 54.21
CA ALA A 482 20.50 -9.31 53.26
C ALA A 482 21.27 -10.00 52.14
N THR A 483 20.54 -10.50 51.14
CA THR A 483 21.14 -11.08 49.95
C THR A 483 20.75 -10.23 48.75
N HIS A 484 21.75 -9.72 48.04
CA HIS A 484 21.52 -8.77 46.95
C HIS A 484 21.33 -9.55 45.64
N VAL A 485 20.15 -9.43 45.05
CA VAL A 485 19.85 -10.05 43.77
C VAL A 485 19.60 -8.96 42.73
N PHE A 486 19.70 -9.35 41.47
CA PHE A 486 19.53 -8.40 40.37
C PHE A 486 18.30 -8.78 39.55
N VAL A 487 17.66 -7.75 39.01
CA VAL A 487 16.52 -7.92 38.11
C VAL A 487 16.46 -6.74 37.18
N GLY A 488 15.91 -6.97 35.98
CA GLY A 488 15.60 -5.89 35.07
C GLY A 488 14.29 -5.26 35.48
N ASP A 489 14.35 -4.00 35.88
CA ASP A 489 13.15 -3.35 36.37
C ASP A 489 13.13 -1.90 35.93
N TYR A 490 12.07 -1.52 35.22
CA TYR A 490 11.78 -0.13 34.97
C TYR A 490 10.30 -0.03 34.70
N GLN A 491 9.71 1.09 35.11
CA GLN A 491 8.33 1.37 34.77
C GLN A 491 8.17 2.88 34.80
N CYS A 492 8.18 3.51 33.63
CA CYS A 492 7.97 4.96 33.60
C CYS A 492 6.53 5.29 33.90
N ASP A 493 5.60 4.60 33.26
CA ASP A 493 4.19 4.90 33.42
C ASP A 493 3.42 3.60 33.25
N GLU A 494 2.12 3.69 33.05
CA GLU A 494 1.32 2.50 32.83
C GLU A 494 1.37 2.09 31.37
N ILE A 495 0.91 0.87 31.10
CA ILE A 495 1.00 0.30 29.75
C ILE A 495 0.04 1.01 28.82
N TYR A 496 -1.15 1.35 29.31
CA TYR A 496 -2.16 2.00 28.50
C TYR A 496 -1.88 3.47 28.27
N ASN A 497 -0.98 4.07 29.05
CA ASN A 497 -0.61 5.47 28.82
C ASN A 497 0.48 5.62 27.77
N TYR A 498 1.04 4.52 27.28
CA TYR A 498 2.25 4.61 26.48
C TYR A 498 1.97 5.02 25.05
N ALA A 499 0.77 4.78 24.55
CA ALA A 499 0.44 5.31 23.24
C ALA A 499 0.09 6.79 23.29
N ALA A 500 -0.56 7.22 24.36
CA ALA A 500 -0.86 8.64 24.52
C ALA A 500 0.37 9.44 24.86
N LEU A 501 1.38 8.83 25.47
CA LEU A 501 2.62 9.55 25.74
C LEU A 501 3.45 9.76 24.48
N SER A 502 3.17 9.02 23.40
CA SER A 502 3.99 9.12 22.20
C SER A 502 3.76 10.44 21.47
N LYS A 503 2.58 11.04 21.63
CA LYS A 503 2.33 12.37 21.11
C LYS A 503 3.18 13.38 21.86
N ASN A 504 3.94 14.17 21.12
CA ASN A 504 4.86 15.13 21.73
C ASN A 504 4.15 16.39 22.16
N GLU A 505 4.91 17.45 22.44
CA GLU A 505 4.37 18.74 22.84
C GLU A 505 3.93 19.59 21.65
N ASN A 506 3.75 18.98 20.48
CA ASN A 506 3.07 19.62 19.36
C ASN A 506 2.05 18.70 18.70
N GLY A 507 1.83 17.51 19.23
CA GLY A 507 1.13 16.48 18.49
C GLY A 507 1.98 15.79 17.47
N LEU A 508 3.30 15.85 17.63
CA LEU A 508 4.22 15.31 16.63
C LEU A 508 4.53 13.85 16.95
N GLY A 509 3.55 13.01 16.65
CA GLY A 509 3.77 11.58 16.71
C GLY A 509 2.55 10.85 16.25
N ILE A 510 2.76 9.62 15.83
CA ILE A 510 1.64 8.71 15.67
C ILE A 510 1.37 8.04 17.02
N LYS A 511 0.11 7.76 17.28
CA LYS A 511 -0.31 7.26 18.58
C LYS A 511 -0.20 5.74 18.56
N ARG A 512 1.02 5.24 18.77
CA ARG A 512 1.30 3.81 18.81
C ARG A 512 2.12 3.48 20.03
N LEU A 513 2.48 2.21 20.19
CA LEU A 513 3.47 1.86 21.21
C LEU A 513 4.26 0.68 20.67
N ALA A 514 5.57 0.73 20.83
CA ALA A 514 6.39 -0.32 20.26
C ALA A 514 6.79 -1.31 21.33
N VAL A 515 7.29 -2.44 20.87
CA VAL A 515 7.75 -3.52 21.74
C VAL A 515 9.03 -4.05 21.14
N VAL A 516 10.09 -4.11 21.91
CA VAL A 516 11.33 -4.69 21.41
C VAL A 516 11.65 -5.93 22.23
N ARG A 517 11.85 -7.05 21.55
CA ARG A 517 12.45 -8.22 22.16
C ARG A 517 13.86 -8.33 21.61
N LEU A 518 14.82 -7.82 22.36
CA LEU A 518 16.22 -8.02 22.02
C LEU A 518 16.63 -9.44 22.36
N ASP A 519 17.83 -9.80 21.91
CA ASP A 519 18.43 -11.10 22.20
C ASP A 519 19.90 -11.04 21.82
N VAL A 520 20.78 -11.53 22.69
CA VAL A 520 22.15 -11.77 22.26
C VAL A 520 22.16 -12.94 21.29
N ASP A 521 22.82 -12.74 20.14
CA ASP A 521 23.01 -13.81 19.19
C ASP A 521 24.14 -14.71 19.65
N ASP A 522 23.86 -16.03 19.64
CA ASP A 522 24.81 -17.08 19.99
C ASP A 522 25.34 -16.93 21.42
N LEU A 523 24.41 -16.80 22.36
CA LEU A 523 24.79 -16.81 23.77
C LEU A 523 25.28 -18.19 24.19
N GLY A 524 24.61 -19.24 23.71
CA GLY A 524 25.07 -20.59 23.98
C GLY A 524 26.40 -20.90 23.37
N ALA A 525 26.66 -20.36 22.17
CA ALA A 525 28.00 -20.45 21.60
C ALA A 525 29.01 -19.58 22.34
N ALA A 526 28.54 -18.58 23.08
CA ALA A 526 29.40 -17.76 23.92
C ALA A 526 29.63 -18.37 25.30
N PHE A 527 28.89 -19.41 25.68
CA PHE A 527 29.12 -20.06 26.95
C PHE A 527 29.74 -21.44 26.82
N MET A 528 29.43 -22.18 25.74
CA MET A 528 30.03 -23.49 25.56
C MET A 528 31.50 -23.37 25.17
N ALA A 529 31.78 -22.76 24.02
CA ALA A 529 33.16 -22.47 23.66
C ALA A 529 33.61 -21.18 24.32
N GLY A 530 33.04 -20.07 23.88
CA GLY A 530 33.25 -18.79 24.55
C GLY A 530 34.63 -18.20 24.37
N PHE A 531 35.63 -18.82 25.01
CA PHE A 531 36.96 -18.26 25.11
C PHE A 531 38.02 -19.07 24.37
N SER A 532 37.71 -20.31 24.00
CA SER A 532 38.67 -21.20 23.35
C SER A 532 38.99 -20.82 21.91
N GLN A 533 38.44 -19.73 21.38
CA GLN A 533 38.80 -19.29 20.04
C GLN A 533 40.18 -18.62 20.02
N GLN A 534 40.46 -17.78 21.01
CA GLN A 534 41.80 -17.24 21.18
C GLN A 534 42.65 -18.23 21.96
N GLY A 535 43.73 -18.70 21.35
CA GLY A 535 44.64 -19.60 22.03
C GLY A 535 44.37 -21.04 21.67
N ASN A 536 45.00 -21.91 22.45
CA ASN A 536 45.05 -23.34 22.18
C ASN A 536 44.20 -24.11 23.19
N GLY A 537 43.02 -23.56 23.52
CA GLY A 537 42.23 -24.13 24.59
C GLY A 537 42.81 -23.85 25.96
N GLN A 538 43.48 -22.71 26.10
CA GLN A 538 44.12 -22.33 27.36
C GLN A 538 43.42 -21.18 28.05
N TYR A 539 42.32 -20.68 27.49
CA TYR A 539 41.66 -19.50 28.04
C TYR A 539 40.22 -19.74 28.46
N SER A 540 39.59 -20.80 27.98
CA SER A 540 38.30 -21.19 28.54
C SER A 540 38.55 -21.88 29.88
N THR A 541 38.59 -21.10 30.94
CA THR A 541 38.80 -21.64 32.29
C THR A 541 37.62 -21.25 33.17
N LEU A 542 37.72 -21.58 34.45
CA LEU A 542 36.60 -21.38 35.37
C LEU A 542 36.45 -19.91 35.75
N SER A 543 37.56 -19.24 36.01
CA SER A 543 37.52 -17.88 36.52
C SER A 543 37.01 -16.91 35.47
N ARG A 544 37.48 -17.06 34.23
CA ARG A 544 36.99 -16.22 33.14
C ARG A 544 35.53 -16.50 32.82
N SER A 545 35.09 -17.74 32.96
CA SER A 545 33.71 -18.08 32.68
C SER A 545 32.78 -17.44 33.70
N ALA A 546 33.11 -17.56 34.98
CA ALA A 546 32.31 -16.93 36.02
C ALA A 546 32.35 -15.41 35.92
N THR A 547 33.48 -14.84 35.50
CA THR A 547 33.60 -13.40 35.36
C THR A 547 32.76 -12.89 34.20
N PHE A 548 32.78 -13.60 33.06
CA PHE A 548 31.94 -13.24 31.93
C PHE A 548 30.47 -13.37 32.25
N SER A 549 30.11 -14.39 33.04
CA SER A 549 28.71 -14.59 33.39
C SER A 549 28.19 -13.48 34.30
N ARG A 550 28.99 -13.11 35.32
CA ARG A 550 28.63 -11.97 36.16
C ARG A 550 28.63 -10.67 35.39
N SER A 551 29.51 -10.52 34.40
CA SER A 551 29.53 -9.32 33.57
C SER A 551 28.25 -9.19 32.74
N MET A 552 27.79 -10.30 32.16
CA MET A 552 26.60 -10.24 31.34
C MET A 552 25.34 -10.06 32.16
N SER A 553 25.26 -10.67 33.34
CA SER A 553 24.09 -10.42 34.19
C SER A 553 24.11 -8.99 34.73
N LEU A 554 25.31 -8.47 35.04
CA LEU A 554 25.46 -7.09 35.46
C LEU A 554 25.05 -6.12 34.38
N PHE A 555 25.32 -6.45 33.11
CA PHE A 555 24.82 -5.60 32.03
C PHE A 555 23.32 -5.71 31.93
N PHE A 556 22.81 -6.91 31.68
CA PHE A 556 21.45 -7.04 31.21
C PHE A 556 20.42 -6.98 32.32
N LYS A 557 20.81 -6.87 33.58
CA LYS A 557 19.82 -6.69 34.61
C LYS A 557 19.94 -5.37 35.33
N VAL A 558 21.16 -4.95 35.66
CA VAL A 558 21.35 -3.66 36.32
C VAL A 558 21.26 -2.53 35.31
N TYR A 559 22.17 -2.52 34.34
CA TYR A 559 22.45 -1.37 33.51
C TYR A 559 21.42 -1.08 32.46
N ILE A 560 20.36 -1.89 32.32
CA ILE A 560 19.30 -1.52 31.40
C ILE A 560 18.49 -0.37 31.97
N ASN A 561 18.48 -0.20 33.29
CA ASN A 561 17.77 0.91 33.90
C ASN A 561 18.48 2.23 33.65
N GLN A 562 19.81 2.21 33.54
CA GLN A 562 20.53 3.44 33.22
C GLN A 562 20.28 3.84 31.76
N PHE A 563 20.26 2.86 30.85
CA PHE A 563 20.00 3.18 29.45
C PHE A 563 18.55 3.58 29.23
N ALA A 564 17.67 3.12 30.12
CA ALA A 564 16.25 3.43 30.05
C ALA A 564 15.83 4.26 31.26
N SER A 565 16.60 5.29 31.58
CA SER A 565 16.33 6.12 32.75
C SER A 565 15.31 7.22 32.46
N ASP A 566 15.50 7.98 31.39
CA ASP A 566 14.60 9.08 31.10
C ASP A 566 13.43 8.70 30.22
N LYS A 567 13.50 7.55 29.57
CA LYS A 567 12.59 7.23 28.50
C LYS A 567 11.23 6.79 29.04
N LYS A 568 10.23 6.87 28.18
CA LYS A 568 8.85 6.55 28.56
C LYS A 568 8.51 5.12 28.15
N LEU A 569 9.22 4.17 28.74
CA LEU A 569 8.96 2.77 28.44
C LEU A 569 8.81 1.93 29.70
N SER A 570 8.77 0.62 29.54
CA SER A 570 8.59 -0.27 30.68
C SER A 570 9.27 -1.59 30.33
N ILE A 571 10.46 -1.81 30.86
CA ILE A 571 11.17 -3.06 30.65
C ILE A 571 10.43 -4.14 31.43
N ILE A 572 9.68 -4.95 30.69
CA ILE A 572 8.89 -6.00 31.31
C ILE A 572 9.80 -7.12 31.79
N TYR A 573 10.62 -7.64 30.90
CA TYR A 573 11.46 -8.77 31.28
C TYR A 573 12.83 -8.50 30.71
N ALA A 574 13.88 -8.81 31.47
CA ALA A 574 15.21 -8.53 31.00
C ALA A 574 16.18 -9.49 31.66
N GLY A 575 17.18 -9.90 30.91
CA GLY A 575 18.29 -10.59 31.51
C GLY A 575 18.66 -11.85 30.76
N GLY A 576 19.72 -12.49 31.25
CA GLY A 576 20.32 -13.60 30.54
C GLY A 576 20.81 -13.11 29.20
N ASP A 577 20.06 -13.43 28.16
CA ASP A 577 20.17 -12.75 26.89
C ASP A 577 18.92 -11.93 26.61
N ASP A 578 17.74 -12.46 26.90
CA ASP A 578 16.52 -11.95 26.29
C ASP A 578 15.99 -10.73 27.05
N VAL A 579 15.53 -9.74 26.29
CA VAL A 579 14.94 -8.52 26.81
C VAL A 579 13.62 -8.32 26.09
N PHE A 580 12.57 -8.00 26.83
CA PHE A 580 11.25 -7.78 26.30
C PHE A 580 10.73 -6.51 26.95
N ALA A 581 10.67 -5.44 26.16
CA ALA A 581 10.38 -4.11 26.69
C ALA A 581 9.28 -3.47 25.86
N ILE A 582 8.18 -3.13 26.51
CA ILE A 582 7.10 -2.36 25.90
C ILE A 582 7.49 -0.90 26.03
N GLY A 583 6.82 -0.01 25.31
CA GLY A 583 6.95 1.39 25.62
C GLY A 583 6.44 2.26 24.49
N SER A 584 6.54 3.56 24.70
CA SER A 584 6.26 4.49 23.62
C SER A 584 7.34 4.39 22.56
N TRP A 585 6.97 4.65 21.31
CA TRP A 585 7.70 4.07 20.20
C TRP A 585 9.00 4.81 19.89
N GLN A 586 9.04 6.14 20.03
CA GLN A 586 10.29 6.86 19.80
C GLN A 586 11.32 6.47 20.85
N ASP A 587 10.87 6.36 22.10
CA ASP A 587 11.74 5.95 23.20
C ASP A 587 12.15 4.50 23.10
N ILE A 588 11.29 3.63 22.56
CA ILE A 588 11.68 2.24 22.33
C ILE A 588 12.80 2.17 21.31
N ILE A 589 12.66 2.89 20.18
CA ILE A 589 13.67 2.83 19.12
C ILE A 589 14.99 3.43 19.59
N ALA A 590 14.93 4.57 20.29
CA ALA A 590 16.14 5.17 20.83
C ALA A 590 16.76 4.32 21.93
N PHE A 591 15.94 3.56 22.65
CA PHE A 591 16.45 2.70 23.71
C PHE A 591 17.17 1.50 23.13
N THR A 592 16.66 0.93 22.05
CA THR A 592 17.40 -0.12 21.35
C THR A 592 18.69 0.39 20.77
N VAL A 593 18.67 1.62 20.22
CA VAL A 593 19.88 2.23 19.69
C VAL A 593 20.93 2.39 20.79
N GLU A 594 20.52 2.91 21.94
CA GLU A 594 21.44 3.09 23.06
C GLU A 594 21.93 1.76 23.62
N LEU A 595 21.07 0.74 23.65
CA LEU A 595 21.48 -0.56 24.16
C LEU A 595 22.48 -1.24 23.25
N ARG A 596 22.31 -1.12 21.93
CA ARG A 596 23.33 -1.70 21.06
C ARG A 596 24.61 -0.86 21.08
N GLU A 597 24.49 0.46 21.06
CA GLU A 597 25.65 1.32 21.08
C GLU A 597 26.36 1.33 22.42
N ASN A 598 25.80 0.70 23.45
CA ASN A 598 26.53 0.43 24.67
C ASN A 598 26.92 -1.02 24.86
N PHE A 599 26.27 -1.95 24.17
CA PHE A 599 26.70 -3.34 24.27
C PHE A 599 27.88 -3.64 23.36
N ILE A 600 28.04 -2.92 22.25
CA ILE A 600 29.30 -3.07 21.51
C ILE A 600 30.43 -2.29 22.17
N LYS A 601 30.12 -1.25 22.93
CA LYS A 601 31.14 -0.63 23.75
C LYS A 601 31.51 -1.53 24.92
N TRP A 602 30.55 -2.29 25.43
CA TRP A 602 30.81 -3.24 26.50
C TRP A 602 31.60 -4.43 26.00
N THR A 603 31.04 -5.16 25.05
CA THR A 603 31.64 -6.40 24.56
C THR A 603 32.50 -6.20 23.33
N ASN A 604 33.06 -4.99 23.16
CA ASN A 604 34.18 -4.70 22.26
C ASN A 604 33.86 -4.97 20.79
N GLY A 605 32.59 -4.96 20.41
CA GLY A 605 32.21 -5.34 19.08
C GLY A 605 31.93 -6.82 18.91
N LYS A 606 32.46 -7.67 19.79
CA LYS A 606 32.01 -9.05 19.83
C LYS A 606 30.62 -9.11 20.43
N LEU A 607 29.99 -10.28 20.30
CA LEU A 607 28.63 -10.55 20.81
C LEU A 607 27.62 -9.55 20.23
N THR A 608 27.41 -9.71 18.94
CA THR A 608 26.30 -9.03 18.27
C THR A 608 24.97 -9.44 18.89
N LEU A 609 24.09 -8.46 19.08
CA LEU A 609 22.74 -8.72 19.53
C LEU A 609 21.75 -8.40 18.42
N SER A 610 20.54 -8.93 18.56
CA SER A 610 19.55 -8.85 17.49
C SER A 610 18.22 -8.43 18.09
N ALA A 611 17.78 -7.21 17.78
CA ALA A 611 16.47 -6.80 18.22
C ALA A 611 15.44 -7.09 17.15
N GLY A 612 14.18 -6.98 17.54
CA GLY A 612 13.10 -6.93 16.58
C GLY A 612 12.03 -6.05 17.16
N ILE A 613 11.67 -4.99 16.46
CA ILE A 613 10.72 -4.02 17.00
C ILE A 613 9.40 -4.21 16.27
N GLY A 614 8.29 -4.07 16.97
CA GLY A 614 7.01 -4.13 16.32
C GLY A 614 6.17 -2.94 16.74
N LEU A 615 5.49 -2.30 15.81
CA LEU A 615 4.66 -1.14 16.11
C LEU A 615 3.21 -1.59 16.24
N PHE A 616 2.56 -1.17 17.31
CA PHE A 616 1.22 -1.64 17.63
C PHE A 616 0.33 -0.47 18.01
N ALA A 617 -0.95 -0.61 17.69
CA ALA A 617 -1.93 0.41 18.05
C ALA A 617 -2.22 0.31 19.55
N ASP A 618 -3.09 1.18 20.05
CA ASP A 618 -3.43 1.06 21.46
C ASP A 618 -4.50 -0.01 21.66
N LYS A 619 -4.55 -0.53 22.89
CA LYS A 619 -5.48 -1.54 23.38
C LYS A 619 -5.38 -2.86 22.63
N THR A 620 -4.31 -3.10 21.88
CA THR A 620 -4.14 -4.46 21.39
C THR A 620 -3.59 -5.33 22.51
N PRO A 621 -3.97 -6.60 22.58
CA PRO A 621 -3.52 -7.46 23.66
C PRO A 621 -2.05 -7.75 23.58
N ILE A 622 -1.48 -8.06 24.74
CA ILE A 622 -0.04 -8.15 24.94
C ILE A 622 0.32 -9.64 24.90
N SER A 623 -0.53 -10.42 24.24
CA SER A 623 -0.14 -11.72 23.74
C SER A 623 -0.10 -11.78 22.22
N LEU A 624 -0.99 -11.05 21.55
CA LEU A 624 -0.93 -10.87 20.11
C LEU A 624 0.23 -9.97 19.72
N MET A 625 0.67 -9.12 20.62
CA MET A 625 1.80 -8.21 20.52
C MET A 625 3.13 -8.93 20.72
N ALA A 626 3.22 -9.70 21.80
CA ALA A 626 4.46 -10.39 22.15
C ALA A 626 4.82 -11.46 21.14
N HIS A 627 3.82 -12.14 20.57
CA HIS A 627 4.12 -13.19 19.60
C HIS A 627 4.56 -12.61 18.26
N GLN A 628 3.93 -11.52 17.82
CA GLN A 628 4.35 -10.90 16.57
C GLN A 628 5.72 -10.28 16.69
N THR A 629 6.06 -9.71 17.84
CA THR A 629 7.42 -9.24 18.07
C THR A 629 8.42 -10.39 18.16
N GLY A 630 8.03 -11.54 18.72
CA GLY A 630 8.92 -12.68 18.71
C GLY A 630 9.16 -13.24 17.32
N GLU A 631 8.14 -13.20 16.47
CA GLU A 631 8.32 -13.64 15.09
C GLU A 631 9.20 -12.69 14.31
N LEU A 632 9.03 -11.38 14.54
CA LEU A 632 9.94 -10.37 14.02
C LEU A 632 11.38 -10.61 14.48
N GLU A 633 11.56 -10.97 15.74
CA GLU A 633 12.89 -11.14 16.30
C GLU A 633 13.58 -12.38 15.76
N GLU A 634 12.86 -13.49 15.61
CA GLU A 634 13.49 -14.66 15.02
C GLU A 634 13.70 -14.51 13.52
N ALA A 635 12.89 -13.68 12.86
CA ALA A 635 13.20 -13.32 11.47
C ALA A 635 14.46 -12.47 11.39
N ALA A 636 14.70 -11.63 12.39
CA ALA A 636 15.93 -10.86 12.44
C ALA A 636 17.14 -11.76 12.67
N LYS A 637 17.03 -12.71 13.61
CA LYS A 637 18.10 -13.67 13.83
C LYS A 637 18.36 -14.54 12.61
N GLY A 638 17.32 -14.82 11.82
CA GLY A 638 17.54 -15.55 10.60
C GLY A 638 17.91 -14.73 9.39
N ASN A 639 17.96 -13.41 9.57
CA ASN A 639 18.36 -12.48 8.47
C ASN A 639 19.84 -12.70 8.19
N GLU A 640 20.61 -12.75 9.28
CA GLU A 640 22.09 -12.89 9.40
C GLU A 640 22.37 -13.17 10.88
N LYS A 641 23.64 -13.20 11.28
CA LYS A 641 23.92 -13.38 12.73
C LYS A 641 23.36 -12.17 13.52
N ASP A 642 23.48 -10.96 12.96
CA ASP A 642 22.99 -9.71 13.61
C ASP A 642 22.05 -8.95 12.67
N SER A 643 20.91 -8.49 13.19
CA SER A 643 19.89 -7.72 12.49
C SER A 643 18.92 -7.11 13.47
N ILE A 644 18.34 -5.99 13.09
CA ILE A 644 17.16 -5.47 13.75
C ILE A 644 16.04 -5.51 12.72
N SER A 645 14.92 -6.09 13.09
CA SER A 645 13.79 -6.19 12.18
C SER A 645 12.74 -5.18 12.61
N LEU A 646 12.86 -3.95 12.13
CA LEU A 646 11.92 -2.90 12.44
C LEU A 646 10.58 -3.26 11.84
N PHE A 647 9.57 -3.36 12.69
CA PHE A 647 8.19 -3.09 12.33
C PHE A 647 7.52 -4.13 11.42
N SER A 648 8.29 -4.99 10.76
CA SER A 648 7.77 -5.82 9.68
C SER A 648 8.83 -6.83 9.24
N SER A 649 8.37 -7.87 8.55
CA SER A 649 9.24 -8.97 8.18
C SER A 649 10.02 -8.68 6.90
N ASP A 650 9.93 -7.46 6.37
CA ASP A 650 10.71 -7.05 5.22
C ASP A 650 11.62 -5.87 5.49
N TYR A 651 11.42 -5.15 6.58
CA TYR A 651 12.26 -4.01 6.93
C TYR A 651 13.41 -4.45 7.83
N THR A 652 14.17 -5.43 7.36
CA THR A 652 15.23 -6.05 8.14
C THR A 652 16.55 -5.43 7.73
N PHE A 653 17.33 -4.99 8.72
CA PHE A 653 18.55 -4.23 8.51
C PHE A 653 19.68 -4.90 9.26
N LYS A 654 20.79 -4.18 9.40
CA LYS A 654 21.80 -4.55 10.37
C LYS A 654 21.91 -3.43 11.39
N PHE A 655 22.32 -3.77 12.61
CA PHE A 655 22.58 -2.72 13.60
C PHE A 655 23.75 -1.84 13.22
N ASP A 656 24.69 -2.36 12.43
CA ASP A 656 25.80 -1.55 11.95
C ASP A 656 25.32 -0.49 10.97
N ARG A 657 24.18 -0.74 10.35
CA ARG A 657 23.65 0.06 9.26
C ARG A 657 22.36 0.79 9.63
N PHE A 658 21.54 0.25 10.53
CA PHE A 658 20.32 0.94 10.95
C PHE A 658 20.65 2.15 11.80
N ILE A 659 21.63 2.04 12.69
CA ILE A 659 21.91 3.12 13.63
C ILE A 659 22.62 4.27 12.95
N THR A 660 23.66 3.98 12.16
CA THR A 660 24.41 5.03 11.51
C THR A 660 23.65 5.61 10.32
N ASN A 661 23.32 4.76 9.33
CA ASN A 661 22.79 5.25 8.08
C ASN A 661 21.32 5.63 8.19
N VAL A 662 20.47 4.73 8.66
CA VAL A 662 19.03 4.98 8.66
C VAL A 662 18.66 6.04 9.69
N TYR A 663 18.99 5.78 10.95
CA TYR A 663 18.43 6.51 12.06
C TYR A 663 19.14 7.82 12.34
N ASP A 664 20.37 7.98 11.88
CA ASP A 664 21.11 9.19 12.20
C ASP A 664 21.64 9.91 10.96
N ASP A 665 21.97 9.18 9.90
CA ASP A 665 22.40 9.84 8.67
C ASP A 665 21.21 10.24 7.80
N LYS A 666 20.43 9.26 7.35
CA LYS A 666 19.35 9.55 6.42
C LYS A 666 18.21 10.29 7.08
N LEU A 667 17.83 9.89 8.27
CA LEU A 667 16.68 10.50 8.93
C LEU A 667 16.94 11.94 9.33
N GLU A 668 18.17 12.26 9.76
CA GLU A 668 18.49 13.65 10.04
C GLU A 668 18.62 14.48 8.77
N GLN A 669 19.03 13.87 7.65
CA GLN A 669 19.06 14.61 6.40
C GLN A 669 17.65 14.91 5.90
N ILE A 670 16.73 13.96 6.05
CA ILE A 670 15.34 14.18 5.69
C ILE A 670 14.68 15.19 6.62
N ARG A 671 15.01 15.17 7.91
CA ARG A 671 14.46 16.17 8.81
C ARG A 671 15.08 17.54 8.59
N TYR A 672 16.37 17.60 8.26
CA TYR A 672 17.04 18.86 7.98
C TYR A 672 16.52 19.49 6.70
N PHE A 673 16.16 18.68 5.72
CA PHE A 673 15.58 19.22 4.50
C PHE A 673 14.14 19.66 4.74
N PHE A 674 13.33 18.80 5.34
CA PHE A 674 11.89 19.03 5.31
C PHE A 674 11.43 20.09 6.29
N ASN A 675 12.11 20.25 7.42
CA ASN A 675 11.72 21.23 8.42
C ASN A 675 12.39 22.58 8.19
N HIS A 676 12.92 22.80 7.01
CA HIS A 676 13.36 24.12 6.58
C HIS A 676 12.41 24.77 5.61
N GLN A 677 11.65 23.98 4.87
CA GLN A 677 10.82 24.48 3.79
C GLN A 677 9.35 24.43 4.18
N ASP A 678 8.55 25.07 3.36
CA ASP A 678 7.13 25.20 3.64
C ASP A 678 6.29 24.98 2.39
N GLU A 679 6.78 24.23 1.41
CA GLU A 679 6.05 23.93 0.19
C GLU A 679 5.69 22.45 0.08
N ARG A 680 6.68 21.57 0.11
CA ARG A 680 6.43 20.13 0.05
C ARG A 680 5.95 19.66 1.40
N GLY A 681 4.82 18.98 1.43
CA GLY A 681 4.27 18.55 2.69
C GLY A 681 4.30 17.05 2.88
N LYS A 682 3.21 16.48 3.38
CA LYS A 682 3.15 15.05 3.56
C LYS A 682 2.94 14.31 2.25
N ASN A 683 2.40 14.98 1.25
CA ASN A 683 2.01 14.32 0.00
C ASN A 683 3.23 13.87 -0.79
N PHE A 684 4.26 14.71 -0.84
CA PHE A 684 5.50 14.36 -1.49
C PHE A 684 6.18 13.18 -0.82
N ILE A 685 6.13 13.13 0.51
CA ILE A 685 6.74 12.01 1.22
C ILE A 685 5.96 10.73 0.99
N TYR A 686 4.64 10.82 0.94
CA TYR A 686 3.83 9.63 0.70
C TYR A 686 4.04 9.07 -0.70
N LYS A 687 4.13 9.95 -1.70
CA LYS A 687 4.42 9.48 -3.05
C LYS A 687 5.84 8.93 -3.16
N LEU A 688 6.77 9.46 -2.37
CA LEU A 688 8.12 8.93 -2.36
C LEU A 688 8.17 7.52 -1.78
N ILE A 689 7.41 7.26 -0.71
CA ILE A 689 7.38 5.92 -0.15
C ILE A 689 6.67 4.97 -1.10
N GLU A 690 5.66 5.46 -1.81
CA GLU A 690 4.95 4.63 -2.79
C GLU A 690 5.87 4.21 -3.93
N LEU A 691 6.69 5.13 -4.44
CA LEU A 691 7.66 4.75 -5.46
C LEU A 691 8.81 3.90 -4.90
N LEU A 692 9.13 4.02 -3.62
CA LEU A 692 10.16 3.17 -3.05
C LEU A 692 9.65 1.77 -2.76
N ARG A 693 8.35 1.62 -2.53
CA ARG A 693 7.77 0.32 -2.22
C ARG A 693 7.35 -0.46 -3.46
N ASN A 694 6.82 0.21 -4.49
CA ASN A 694 6.42 -0.51 -5.70
C ASN A 694 7.63 -1.05 -6.44
N HIS A 695 8.50 -0.15 -6.93
CA HIS A 695 9.85 -0.44 -7.38
C HIS A 695 10.02 -1.49 -8.47
N ASP A 696 9.66 -1.15 -9.71
CA ASP A 696 10.31 -1.79 -10.84
C ASP A 696 11.43 -0.87 -11.33
N ARG A 697 12.01 -1.21 -12.48
CA ARG A 697 13.04 -0.36 -13.06
C ARG A 697 12.43 0.92 -13.63
N MET A 698 11.21 0.81 -14.16
CA MET A 698 10.49 1.95 -14.73
C MET A 698 10.16 3.02 -13.69
N ASN A 699 10.07 2.65 -12.43
CA ASN A 699 9.87 3.64 -11.39
C ASN A 699 11.11 4.48 -11.13
N MET A 700 12.30 4.02 -11.53
CA MET A 700 13.46 4.92 -11.51
C MET A 700 13.30 6.05 -12.51
N ALA A 701 12.76 5.76 -13.68
CA ALA A 701 12.50 6.80 -14.67
C ALA A 701 11.34 7.69 -14.25
N ARG A 702 10.29 7.11 -13.67
CA ARG A 702 9.17 7.90 -13.14
C ARG A 702 9.61 8.82 -12.02
N LEU A 703 10.54 8.36 -11.17
CA LEU A 703 11.05 9.22 -10.13
C LEU A 703 11.99 10.28 -10.68
N ALA A 704 12.72 9.95 -11.75
CA ALA A 704 13.57 10.95 -12.40
C ALA A 704 12.74 12.04 -13.05
N TYR A 705 11.56 11.69 -13.54
CA TYR A 705 10.64 12.71 -14.05
C TYR A 705 10.01 13.49 -12.91
N TYR A 706 9.64 12.80 -11.83
CA TYR A 706 8.93 13.43 -10.71
C TYR A 706 9.79 14.44 -9.98
N LEU A 707 11.03 14.07 -9.66
CA LEU A 707 11.91 14.97 -8.92
C LEU A 707 12.35 16.16 -9.76
N THR A 708 12.56 15.94 -11.06
CA THR A 708 12.92 17.05 -11.95
C THR A 708 11.74 17.96 -12.21
N ARG A 709 10.53 17.41 -12.23
CA ARG A 709 9.34 18.24 -12.35
C ARG A 709 9.13 19.07 -11.11
N LEU A 710 9.35 18.48 -9.93
CA LEU A 710 9.15 19.22 -8.70
C LEU A 710 10.32 20.14 -8.37
N GLU A 711 11.47 19.95 -9.03
CA GLU A 711 12.62 20.80 -8.77
C GLU A 711 12.37 22.23 -9.23
N GLU A 712 11.79 22.38 -10.42
CA GLU A 712 11.49 23.69 -10.97
C GLU A 712 10.07 24.16 -10.64
N LEU A 713 9.30 23.38 -9.88
CA LEU A 713 8.01 23.86 -9.41
C LEU A 713 8.14 24.66 -8.12
N THR A 714 9.30 24.62 -7.48
CA THR A 714 9.51 25.26 -6.19
C THR A 714 9.53 26.78 -6.32
N ARG A 715 9.59 27.44 -5.17
CA ARG A 715 10.02 28.82 -5.13
C ARG A 715 11.44 28.88 -5.64
N GLU A 716 11.69 29.76 -6.60
CA GLU A 716 12.95 29.73 -7.34
C GLU A 716 14.11 30.32 -6.56
N THR A 717 13.87 30.95 -5.42
CA THR A 717 14.94 31.43 -4.56
C THR A 717 15.65 30.26 -3.90
N ASP A 718 14.90 29.51 -3.09
CA ASP A 718 15.42 28.32 -2.42
C ASP A 718 15.08 27.08 -3.26
N ARG A 719 15.80 26.95 -4.37
CA ARG A 719 15.68 25.81 -5.26
C ARG A 719 16.80 24.80 -5.04
N ASP A 720 18.00 25.26 -4.71
CA ASP A 720 19.14 24.38 -4.57
C ASP A 720 19.11 23.57 -3.29
N LYS A 721 18.30 23.98 -2.30
CA LYS A 721 17.89 23.09 -1.23
C LYS A 721 17.24 21.85 -1.81
N PHE A 722 16.23 22.05 -2.65
CA PHE A 722 15.58 20.92 -3.28
C PHE A 722 16.48 20.23 -4.29
N LYS A 723 17.41 20.95 -4.92
CA LYS A 723 18.29 20.30 -5.87
C LYS A 723 19.28 19.37 -5.18
N THR A 724 19.85 19.80 -4.05
CA THR A 724 20.72 18.91 -3.32
C THR A 724 19.96 17.84 -2.56
N PHE A 725 18.64 17.99 -2.39
CA PHE A 725 17.88 16.87 -1.88
C PHE A 725 17.56 15.86 -2.99
N LYS A 726 17.17 16.34 -4.17
CA LYS A 726 16.71 15.45 -5.21
C LYS A 726 17.85 14.69 -5.86
N ASN A 727 19.05 15.29 -5.92
CA ASN A 727 20.18 14.56 -6.46
C ASN A 727 20.60 13.45 -5.52
N LEU A 728 20.49 13.70 -4.23
CA LEU A 728 20.75 12.74 -3.18
C LEU A 728 19.73 11.62 -3.11
N PHE A 729 18.45 11.94 -3.31
CA PHE A 729 17.42 10.91 -3.32
C PHE A 729 17.54 10.04 -4.56
N TYR A 730 17.82 10.64 -5.71
CA TYR A 730 18.07 9.81 -6.89
C TYR A 730 19.40 9.09 -6.79
N SER A 731 20.31 9.56 -5.95
CA SER A 731 21.54 8.81 -5.71
C SER A 731 21.27 7.55 -4.89
N TRP A 732 20.42 7.62 -3.87
CA TRP A 732 20.03 6.41 -3.16
C TRP A 732 18.66 5.87 -3.56
N TYR A 733 18.26 6.08 -4.81
CA TYR A 733 17.32 5.16 -5.43
C TYR A 733 18.01 4.22 -6.40
N THR A 734 18.93 4.76 -7.21
CA THR A 734 19.54 4.01 -8.29
C THR A 734 20.95 3.56 -7.98
N ASN A 735 21.27 3.36 -6.70
CA ASN A 735 22.62 2.97 -6.33
C ASN A 735 22.93 1.52 -6.70
N LYS A 736 21.89 0.70 -6.86
CA LYS A 736 22.00 -0.70 -7.31
C LYS A 736 22.91 -1.50 -6.38
N ASN A 737 22.60 -1.45 -5.09
CA ASN A 737 23.21 -2.34 -4.12
C ASN A 737 22.18 -3.08 -3.28
N ASP A 738 20.91 -2.69 -3.37
CA ASP A 738 19.74 -3.16 -2.62
C ASP A 738 19.82 -2.87 -1.13
N LYS A 739 20.86 -2.19 -0.67
CA LYS A 739 21.01 -1.89 0.74
C LYS A 739 20.77 -0.42 1.05
N ASP A 740 20.77 0.46 0.06
CA ASP A 740 20.55 1.88 0.29
C ASP A 740 19.16 2.34 -0.10
N ARG A 741 18.26 1.43 -0.45
CA ARG A 741 16.91 1.80 -0.87
C ARG A 741 15.93 1.58 0.27
N LYS A 742 16.03 0.43 0.92
CA LYS A 742 15.16 0.13 2.06
C LYS A 742 15.45 1.04 3.24
N GLU A 743 16.67 1.53 3.36
CA GLU A 743 16.96 2.55 4.35
C GLU A 743 16.18 3.82 4.10
N ALA A 744 16.07 4.24 2.84
CA ALA A 744 15.31 5.44 2.52
C ALA A 744 13.83 5.25 2.75
N GLU A 745 13.31 4.06 2.44
CA GLU A 745 11.90 3.77 2.71
C GLU A 745 11.60 3.78 4.20
N LEU A 746 12.45 3.15 5.03
CA LEU A 746 12.17 3.13 6.45
C LEU A 746 12.42 4.48 7.11
N ALA A 747 13.40 5.24 6.62
CA ALA A 747 13.61 6.58 7.12
C ALA A 747 12.43 7.49 6.83
N LEU A 748 11.80 7.33 5.65
CA LEU A 748 10.60 8.12 5.41
C LEU A 748 9.40 7.61 6.20
N LEU A 749 9.33 6.30 6.51
CA LEU A 749 8.31 5.82 7.44
C LEU A 749 8.45 6.44 8.81
N LEU A 750 9.68 6.49 9.33
CA LEU A 750 9.91 7.08 10.63
C LEU A 750 9.66 8.57 10.61
N TYR A 751 9.91 9.24 9.48
CA TYR A 751 9.63 10.67 9.44
C TYR A 751 8.13 10.95 9.39
N ILE A 752 7.39 10.22 8.57
CA ILE A 752 5.93 10.38 8.53
C ILE A 752 5.28 9.98 9.84
N TYR A 753 5.87 9.02 10.56
CA TYR A 753 5.43 8.75 11.92
C TYR A 753 5.71 9.91 12.86
N GLU A 754 6.87 10.57 12.71
CA GLU A 754 7.22 11.65 13.61
C GLU A 754 6.38 12.89 13.37
N ILE A 755 5.93 13.13 12.13
CA ILE A 755 5.22 14.36 11.82
C ILE A 755 3.72 14.14 11.66
N ARG A 756 3.22 12.97 12.04
CA ARG A 756 1.78 12.73 11.99
C ARG A 756 1.07 13.52 13.08
N LYS A 757 0.07 14.31 12.68
CA LYS A 757 -0.66 15.16 13.62
C LYS A 757 -1.46 14.38 14.66
N ILE B 3 -8.45 -3.11 -51.32
CA ILE B 3 -9.06 -3.19 -50.00
C ILE B 3 -8.01 -2.84 -48.95
N LEU B 4 -8.48 -2.54 -47.74
CA LEU B 4 -7.62 -2.17 -46.64
C LEU B 4 -8.35 -2.48 -45.33
N THR B 5 -7.66 -3.17 -44.43
CA THR B 5 -8.14 -3.39 -43.07
C THR B 5 -7.32 -2.51 -42.14
N ASP B 6 -7.51 -2.71 -40.82
CA ASP B 6 -6.82 -1.86 -39.87
C ASP B 6 -5.33 -2.19 -39.79
N GLU B 7 -4.96 -3.45 -40.01
CA GLU B 7 -3.59 -3.88 -39.79
C GLU B 7 -2.76 -3.93 -41.07
N ASN B 8 -3.18 -3.25 -42.13
CA ASN B 8 -2.32 -3.17 -43.30
C ASN B 8 -2.21 -1.80 -43.96
N TYR B 9 -3.11 -0.85 -43.66
CA TYR B 9 -3.25 0.34 -44.50
C TYR B 9 -2.04 1.26 -44.45
N VAL B 10 -1.24 1.19 -43.39
CA VAL B 10 -0.01 1.96 -43.38
C VAL B 10 0.99 1.36 -44.36
N ASP B 11 1.16 0.04 -44.33
CA ASP B 11 2.13 -0.61 -45.21
C ASP B 11 1.71 -0.50 -46.67
N ILE B 12 0.41 -0.66 -46.93
CA ILE B 12 -0.16 -0.41 -48.26
C ILE B 12 0.11 1.02 -48.69
N ALA B 13 0.04 1.96 -47.75
CA ALA B 13 0.37 3.34 -48.08
C ALA B 13 1.86 3.62 -48.05
N GLU B 14 2.66 2.72 -47.46
CA GLU B 14 4.10 2.97 -47.41
C GLU B 14 4.72 2.77 -48.78
N LYS B 15 4.66 1.55 -49.29
CA LYS B 15 5.29 1.19 -50.55
C LYS B 15 4.59 1.76 -51.77
N ALA B 16 3.44 2.41 -51.59
CA ALA B 16 2.91 3.23 -52.66
C ALA B 16 3.83 4.42 -52.93
N ILE B 17 4.28 5.11 -51.88
CA ILE B 17 5.16 6.26 -52.10
C ILE B 17 6.55 5.83 -52.50
N LEU B 18 6.95 4.60 -52.17
CA LEU B 18 8.15 4.03 -52.77
C LEU B 18 7.95 3.66 -54.23
N LYS B 19 6.69 3.56 -54.67
CA LYS B 19 6.39 3.18 -56.04
C LYS B 19 6.18 4.40 -56.93
N LEU B 20 5.85 5.55 -56.33
CA LEU B 20 5.65 6.79 -57.08
C LEU B 20 6.87 7.17 -57.90
N GLU B 21 6.62 7.71 -59.09
CA GLU B 21 7.69 8.06 -60.00
C GLU B 21 8.43 9.29 -59.49
N ARG B 22 9.65 9.46 -59.99
CA ARG B 22 10.48 10.59 -59.60
C ARG B 22 10.98 11.27 -60.87
N ASN B 23 11.67 12.39 -60.68
CA ASN B 23 12.40 12.98 -61.79
C ASN B 23 13.58 12.08 -62.14
N THR B 24 13.52 11.45 -63.33
CA THR B 24 14.68 10.73 -63.85
C THR B 24 15.82 11.70 -64.14
N ARG B 25 15.49 12.87 -64.66
CA ARG B 25 16.45 13.95 -64.83
C ARG B 25 16.50 14.76 -63.53
N ASN B 26 17.15 15.93 -63.60
CA ASN B 26 17.19 16.95 -62.54
C ASN B 26 17.74 16.43 -61.22
N ARG B 27 19.04 16.13 -61.16
CA ARG B 27 19.67 15.68 -59.92
C ARG B 27 19.88 16.84 -58.95
N LYS B 28 18.80 17.43 -58.47
CA LYS B 28 18.83 18.49 -57.47
C LYS B 28 17.81 18.07 -56.42
N ASN B 29 18.33 17.61 -55.27
CA ASN B 29 17.65 16.72 -54.32
C ASN B 29 17.08 15.56 -55.12
N PRO B 30 17.92 14.61 -55.55
CA PRO B 30 17.46 13.56 -56.48
C PRO B 30 16.45 12.61 -55.83
N ASP B 31 15.78 11.84 -56.69
CA ASP B 31 14.50 11.20 -56.39
C ASP B 31 13.48 12.20 -55.85
N ALA B 32 13.47 13.39 -56.44
CA ALA B 32 12.38 14.32 -56.23
C ALA B 32 11.19 13.86 -57.06
N PHE B 33 10.02 13.79 -56.43
CA PHE B 33 8.86 13.24 -57.10
C PHE B 33 8.34 14.22 -58.15
N PHE B 34 7.55 13.68 -59.07
CA PHE B 34 6.77 14.54 -59.95
C PHE B 34 5.60 15.16 -59.21
N LEU B 35 5.21 14.59 -58.08
CA LEU B 35 4.12 15.11 -57.29
C LEU B 35 4.67 15.92 -56.13
N THR B 36 3.97 17.00 -55.79
CA THR B 36 4.39 17.93 -54.76
C THR B 36 3.45 17.85 -53.56
N THR B 37 3.89 18.48 -52.46
CA THR B 37 3.15 18.36 -51.21
C THR B 37 1.82 19.09 -51.25
N SER B 38 1.72 20.15 -52.07
CA SER B 38 0.53 20.98 -52.06
C SER B 38 -0.67 20.26 -52.66
N LYS B 39 -0.49 19.53 -53.75
CA LYS B 39 -1.61 18.80 -54.34
C LYS B 39 -2.02 17.61 -53.50
N LEU B 40 -1.08 17.03 -52.76
CA LEU B 40 -1.44 15.94 -51.86
C LEU B 40 -2.21 16.47 -50.66
N ARG B 41 -1.84 17.65 -50.15
CA ARG B 41 -2.66 18.29 -49.13
C ARG B 41 -4.01 18.71 -49.66
N ASN B 42 -4.09 19.11 -50.92
CA ASN B 42 -5.38 19.46 -51.51
C ASN B 42 -6.23 18.22 -51.78
N LEU B 43 -5.61 17.04 -51.86
CA LEU B 43 -6.37 15.80 -51.83
C LEU B 43 -6.89 15.50 -50.43
N LEU B 44 -6.04 15.66 -49.43
CA LEU B 44 -6.41 15.33 -48.06
C LEU B 44 -7.47 16.27 -47.50
N SER B 45 -7.51 17.52 -47.95
CA SER B 45 -8.51 18.48 -47.52
C SER B 45 -9.91 18.14 -48.00
N LEU B 46 -10.04 17.25 -49.00
CA LEU B 46 -11.34 16.75 -49.38
C LEU B 46 -11.90 15.83 -48.31
N THR B 47 -11.03 15.07 -47.67
CA THR B 47 -11.44 13.99 -46.79
C THR B 47 -11.41 14.36 -45.32
N SER B 48 -10.76 15.48 -44.96
CA SER B 48 -10.67 15.85 -43.56
C SER B 48 -12.03 16.17 -42.93
N THR B 49 -12.86 16.94 -43.63
CA THR B 49 -14.18 17.27 -43.12
C THR B 49 -15.06 16.04 -43.00
N LEU B 50 -14.91 15.10 -43.93
CA LEU B 50 -15.60 13.82 -43.82
C LEU B 50 -15.09 13.00 -42.65
N PHE B 51 -13.80 13.07 -42.35
CA PHE B 51 -13.28 12.36 -41.20
C PHE B 51 -13.80 12.93 -39.89
N ASP B 52 -14.02 14.23 -39.83
CA ASP B 52 -14.66 14.79 -38.63
C ASP B 52 -16.14 14.45 -38.54
N GLU B 53 -16.84 14.49 -39.67
CA GLU B 53 -18.25 14.14 -39.66
C GLU B 53 -18.49 12.63 -39.48
N SER B 54 -17.46 11.81 -39.63
CA SER B 54 -17.54 10.40 -39.28
C SER B 54 -17.25 10.18 -37.81
N LYS B 55 -16.77 11.19 -37.11
CA LYS B 55 -16.71 11.16 -35.66
C LYS B 55 -17.98 11.68 -35.03
N VAL B 56 -18.52 12.77 -35.55
CA VAL B 56 -19.73 13.35 -34.97
C VAL B 56 -20.98 12.65 -35.49
N LYS B 57 -21.16 12.60 -36.80
CA LYS B 57 -22.41 12.13 -37.37
C LYS B 57 -22.33 10.66 -37.78
N GLU B 58 -23.41 10.21 -38.43
CA GLU B 58 -23.62 8.84 -38.84
C GLU B 58 -23.29 8.68 -40.32
N TYR B 59 -23.40 7.45 -40.80
CA TYR B 59 -23.12 7.17 -42.21
C TYR B 59 -24.25 7.66 -43.11
N ASP B 60 -25.47 7.70 -42.57
CA ASP B 60 -26.67 7.85 -43.36
C ASP B 60 -26.86 9.29 -43.83
N ALA B 61 -26.46 10.26 -43.03
CA ALA B 61 -26.49 11.65 -43.45
C ALA B 61 -25.22 12.06 -44.17
N LEU B 62 -24.41 11.10 -44.60
CA LEU B 62 -23.05 11.34 -45.02
C LEU B 62 -22.69 10.66 -46.34
N LEU B 63 -23.43 9.62 -46.73
CA LEU B 63 -23.08 8.85 -47.91
C LEU B 63 -23.17 9.67 -49.20
N ASP B 64 -23.93 10.76 -49.22
CA ASP B 64 -23.88 11.64 -50.39
C ASP B 64 -22.57 12.42 -50.46
N ARG B 65 -22.03 12.82 -49.30
CA ARG B 65 -20.70 13.44 -49.28
C ARG B 65 -19.62 12.47 -49.72
N ILE B 66 -19.72 11.21 -49.27
CA ILE B 66 -18.83 10.17 -49.79
C ILE B 66 -18.99 9.97 -51.29
N ALA B 67 -20.23 9.97 -51.80
CA ALA B 67 -20.47 9.81 -53.22
C ALA B 67 -19.89 10.96 -54.03
N TYR B 68 -19.89 12.17 -53.49
CA TYR B 68 -19.25 13.27 -54.19
C TYR B 68 -17.73 13.22 -54.07
N LEU B 69 -17.20 12.59 -53.03
CA LEU B 69 -15.75 12.56 -52.85
C LEU B 69 -15.05 11.76 -53.95
N ARG B 70 -15.74 10.75 -54.50
CA ARG B 70 -15.19 10.02 -55.64
C ARG B 70 -15.06 10.92 -56.85
N VAL B 71 -16.03 11.80 -57.08
CA VAL B 71 -15.97 12.73 -58.21
C VAL B 71 -14.92 13.80 -57.95
N GLN B 72 -14.68 14.15 -56.69
CA GLN B 72 -13.59 15.06 -56.35
C GLN B 72 -12.23 14.45 -56.71
N PHE B 73 -12.06 13.16 -56.39
CA PHE B 73 -10.80 12.49 -56.73
C PHE B 73 -10.68 12.29 -58.24
N VAL B 74 -11.80 12.08 -58.92
CA VAL B 74 -11.83 11.99 -60.37
C VAL B 74 -11.36 13.29 -60.99
N TYR B 75 -11.87 14.42 -60.49
CA TYR B 75 -11.50 15.72 -61.04
C TYR B 75 -10.06 16.07 -60.73
N GLN B 76 -9.58 15.75 -59.52
CA GLN B 76 -8.19 16.02 -59.21
C GLN B 76 -7.25 15.10 -59.97
N ALA B 77 -7.72 13.94 -60.41
CA ALA B 77 -6.91 13.09 -61.26
C ALA B 77 -6.71 13.71 -62.63
N GLY B 78 -7.75 14.34 -63.16
CA GLY B 78 -7.71 14.87 -64.52
C GLY B 78 -7.06 16.23 -64.67
N ARG B 79 -6.44 16.73 -63.60
CA ARG B 79 -5.75 18.01 -63.66
C ARG B 79 -4.25 17.86 -63.90
N GLU B 80 -3.61 16.92 -63.21
CA GLU B 80 -2.17 16.80 -63.23
C GLU B 80 -1.80 15.33 -63.42
N ILE B 81 -0.70 15.07 -64.13
CA ILE B 81 -0.36 13.71 -64.48
C ILE B 81 0.13 12.93 -63.26
N ALA B 82 0.76 13.60 -62.31
CA ALA B 82 1.23 12.91 -61.12
C ALA B 82 0.09 12.55 -60.18
N VAL B 83 -0.95 13.38 -60.11
CA VAL B 83 -2.10 13.02 -59.30
C VAL B 83 -2.91 11.95 -60.01
N LYS B 84 -2.89 11.94 -61.34
CA LYS B 84 -3.48 10.85 -62.13
C LYS B 84 -2.81 9.52 -61.86
N ASP B 85 -1.53 9.54 -61.49
CA ASP B 85 -0.75 8.35 -61.20
C ASP B 85 -0.77 7.94 -59.73
N LEU B 86 -0.81 8.92 -58.82
CA LEU B 86 -0.85 8.63 -57.38
C LEU B 86 -2.12 7.88 -57.00
N ILE B 87 -3.24 8.22 -57.63
CA ILE B 87 -4.48 7.46 -57.42
C ILE B 87 -4.46 6.10 -58.08
N GLU B 88 -3.42 5.77 -58.84
CA GLU B 88 -3.25 4.46 -59.45
C GLU B 88 -2.18 3.62 -58.78
N LYS B 89 -1.11 4.24 -58.27
CA LYS B 89 -0.12 3.50 -57.50
C LYS B 89 -0.73 3.08 -56.17
N ALA B 90 -1.11 4.06 -55.36
CA ALA B 90 -1.98 3.79 -54.23
C ALA B 90 -3.38 3.60 -54.75
N GLN B 91 -3.96 2.43 -54.50
CA GLN B 91 -5.32 2.20 -54.99
C GLN B 91 -6.31 3.03 -54.18
N ILE B 92 -6.61 4.22 -54.68
CA ILE B 92 -7.56 5.12 -54.05
C ILE B 92 -8.97 4.89 -54.57
N LEU B 93 -9.14 4.84 -55.90
CA LEU B 93 -10.47 4.63 -56.46
C LEU B 93 -10.92 3.21 -56.27
N GLU B 94 -9.98 2.28 -56.10
CA GLU B 94 -10.34 0.91 -55.75
C GLU B 94 -10.85 0.84 -54.31
N ALA B 95 -10.33 1.70 -53.44
CA ALA B 95 -10.73 1.71 -52.04
C ALA B 95 -11.94 2.57 -51.77
N LEU B 96 -12.22 3.54 -52.63
CA LEU B 96 -13.44 4.33 -52.50
C LEU B 96 -14.69 3.56 -52.84
N LYS B 97 -14.58 2.49 -53.62
CA LYS B 97 -15.74 1.69 -53.94
C LYS B 97 -16.23 0.92 -52.72
N GLU B 98 -15.35 0.67 -51.76
CA GLU B 98 -15.64 -0.14 -50.59
C GLU B 98 -15.63 0.77 -49.37
N ILE B 99 -16.74 1.47 -49.13
CA ILE B 99 -16.96 2.21 -47.90
C ILE B 99 -18.35 1.86 -47.42
N LYS B 100 -18.43 1.02 -46.39
CA LYS B 100 -19.69 0.39 -46.02
C LYS B 100 -20.06 0.82 -44.61
N ASP B 101 -19.19 1.62 -43.98
CA ASP B 101 -19.38 1.94 -42.58
C ASP B 101 -18.67 3.24 -42.21
N ARG B 102 -19.04 3.79 -41.05
CA ARG B 102 -18.16 4.73 -40.34
C ARG B 102 -16.76 4.16 -40.17
N GLU B 103 -16.65 2.91 -39.72
CA GLU B 103 -15.38 2.25 -39.43
C GLU B 103 -14.62 1.87 -40.64
N THR B 104 -15.15 2.08 -41.85
CA THR B 104 -14.38 1.99 -43.08
C THR B 104 -14.02 3.36 -43.62
N LEU B 105 -14.89 4.34 -43.42
CA LEU B 105 -14.60 5.70 -43.87
C LEU B 105 -13.48 6.31 -43.07
N GLN B 106 -13.49 6.11 -41.75
CA GLN B 106 -12.37 6.56 -40.92
C GLN B 106 -11.09 5.85 -41.30
N ARG B 107 -11.18 4.58 -41.69
CA ARG B 107 -10.01 3.84 -42.14
C ARG B 107 -9.47 4.38 -43.45
N PHE B 108 -10.36 4.79 -44.36
CA PHE B 108 -9.92 5.38 -45.62
C PHE B 108 -9.28 6.75 -45.38
N CYS B 109 -9.80 7.51 -44.42
CA CYS B 109 -9.19 8.79 -44.10
C CYS B 109 -7.83 8.61 -43.42
N ARG B 110 -7.66 7.59 -42.57
CA ARG B 110 -6.33 7.26 -42.09
C ARG B 110 -5.41 6.78 -43.19
N TYR B 111 -5.94 6.13 -44.23
CA TYR B 111 -5.11 5.76 -45.35
C TYR B 111 -4.62 6.99 -46.11
N MET B 112 -5.49 7.99 -46.27
CA MET B 112 -5.07 9.24 -46.91
C MET B 112 -4.01 9.95 -46.08
N GLU B 113 -4.21 10.00 -44.76
CA GLU B 113 -3.24 10.61 -43.88
C GLU B 113 -1.93 9.82 -43.84
N ALA B 114 -2.00 8.50 -44.01
CA ALA B 114 -0.79 7.70 -44.09
C ALA B 114 -0.03 7.97 -45.38
N LEU B 115 -0.76 8.20 -46.47
CA LEU B 115 -0.14 8.58 -47.73
C LEU B 115 0.61 9.90 -47.58
N VAL B 116 -0.03 10.89 -46.93
CA VAL B 116 0.60 12.20 -46.75
C VAL B 116 1.81 12.11 -45.82
N ALA B 117 1.69 11.29 -44.77
CA ALA B 117 2.79 11.13 -43.82
C ALA B 117 3.99 10.48 -44.46
N TYR B 118 3.77 9.41 -45.22
CA TYR B 118 4.89 8.74 -45.87
C TYR B 118 5.41 9.52 -47.07
N PHE B 119 4.63 10.45 -47.60
CA PHE B 119 5.16 11.38 -48.59
C PHE B 119 6.10 12.37 -47.93
N LYS B 120 5.69 12.92 -46.78
CA LYS B 120 6.50 13.92 -46.10
C LYS B 120 7.79 13.32 -45.55
N PHE B 121 7.74 12.06 -45.12
CA PHE B 121 8.93 11.38 -44.62
C PHE B 121 9.98 11.14 -45.71
N TYR B 122 9.55 11.07 -46.96
CA TYR B 122 10.44 10.72 -48.08
C TYR B 122 10.58 11.94 -48.97
N GLY B 123 11.68 12.67 -48.82
CA GLY B 123 11.94 13.86 -49.60
C GLY B 123 11.03 15.01 -49.27
N ILE C 3 13.32 -4.39 -31.42
CA ILE C 3 13.16 -5.30 -30.30
C ILE C 3 13.44 -4.58 -28.99
N LEU C 4 12.53 -4.75 -28.03
CA LEU C 4 12.70 -4.28 -26.67
C LEU C 4 11.90 -5.17 -25.75
N THR C 5 12.52 -5.61 -24.66
CA THR C 5 11.92 -6.54 -23.72
C THR C 5 11.88 -5.94 -22.33
N ASP C 6 11.33 -6.70 -21.39
CA ASP C 6 10.94 -6.16 -20.09
C ASP C 6 12.12 -5.84 -19.18
N GLU C 7 13.35 -6.18 -19.55
CA GLU C 7 14.47 -5.83 -18.70
C GLU C 7 15.20 -4.59 -19.20
N ASN C 8 14.99 -4.19 -20.44
CA ASN C 8 15.85 -3.21 -21.07
C ASN C 8 15.15 -1.97 -21.59
N TYR C 9 13.80 -1.93 -21.61
CA TYR C 9 13.12 -0.85 -22.30
C TYR C 9 13.20 0.49 -21.57
N VAL C 10 13.67 0.52 -20.34
CA VAL C 10 13.99 1.80 -19.73
C VAL C 10 15.44 2.17 -19.98
N ASP C 11 16.33 1.19 -20.00
CA ASP C 11 17.74 1.41 -20.29
C ASP C 11 17.95 1.80 -21.74
N ILE C 12 17.18 1.21 -22.66
CA ILE C 12 17.19 1.61 -24.06
C ILE C 12 16.80 3.07 -24.20
N ALA C 13 15.80 3.50 -23.45
CA ALA C 13 15.35 4.89 -23.51
C ALA C 13 16.39 5.83 -22.93
N GLU C 14 17.06 5.42 -21.85
CA GLU C 14 18.10 6.24 -21.24
C GLU C 14 19.28 6.44 -22.18
N LYS C 15 19.84 5.35 -22.71
CA LYS C 15 20.99 5.48 -23.59
C LYS C 15 20.59 5.71 -25.05
N ALA C 16 19.32 5.99 -25.30
CA ALA C 16 18.90 6.60 -26.56
C ALA C 16 18.67 8.09 -26.44
N ILE C 17 18.27 8.58 -25.27
CA ILE C 17 18.28 10.02 -25.05
C ILE C 17 19.71 10.53 -24.95
N LEU C 18 20.60 9.75 -24.32
CA LEU C 18 21.98 10.19 -24.16
C LEU C 18 22.73 10.21 -25.49
N LYS C 19 22.38 9.31 -26.41
CA LYS C 19 23.04 9.24 -27.71
C LYS C 19 22.58 10.34 -28.65
N LEU C 20 21.51 11.05 -28.32
CA LEU C 20 20.99 12.14 -29.13
C LEU C 20 21.98 13.31 -29.13
N GLU C 21 21.91 14.14 -30.17
CA GLU C 21 22.87 15.23 -30.34
C GLU C 21 22.34 16.52 -29.72
N ARG C 22 23.27 17.32 -29.23
CA ARG C 22 22.93 18.50 -28.46
C ARG C 22 23.02 19.75 -29.32
N ASN C 23 22.49 20.85 -28.78
CA ASN C 23 22.49 22.11 -29.51
C ASN C 23 23.91 22.67 -29.53
N THR C 24 24.33 23.12 -30.71
CA THR C 24 25.68 23.66 -30.86
C THR C 24 25.79 25.04 -30.21
N ARG C 25 25.01 25.98 -30.69
CA ARG C 25 24.98 27.35 -30.22
C ARG C 25 24.10 27.46 -28.98
N ASN C 26 23.66 28.68 -28.65
CA ASN C 26 22.76 29.02 -27.55
C ASN C 26 23.36 28.65 -26.20
N ARG C 27 24.43 29.37 -25.81
CA ARG C 27 25.16 29.03 -24.60
C ARG C 27 24.41 29.45 -23.34
N LYS C 28 23.28 30.13 -23.47
CA LYS C 28 22.32 30.19 -22.39
C LYS C 28 21.59 28.85 -22.31
N ASN C 29 21.77 28.15 -21.17
CA ASN C 29 21.49 26.73 -20.97
C ASN C 29 22.17 25.91 -22.07
N PRO C 30 23.50 25.78 -22.05
CA PRO C 30 24.18 25.08 -23.14
C PRO C 30 24.17 23.58 -22.95
N ASP C 31 24.64 22.85 -23.96
CA ASP C 31 24.51 21.39 -24.07
C ASP C 31 23.07 20.95 -23.84
N ALA C 32 22.15 21.65 -24.52
CA ALA C 32 20.73 21.39 -24.47
C ALA C 32 20.33 20.74 -25.78
N PHE C 33 19.07 20.33 -25.88
CA PHE C 33 18.63 19.50 -26.99
C PHE C 33 17.93 20.34 -28.05
N PHE C 34 18.03 19.89 -29.30
CA PHE C 34 17.26 20.49 -30.39
C PHE C 34 15.77 20.25 -30.19
N LEU C 35 15.42 19.11 -29.60
CA LEU C 35 14.05 18.62 -29.55
C LEU C 35 13.36 19.38 -28.44
N THR C 36 12.36 20.17 -28.79
CA THR C 36 11.58 20.87 -27.77
C THR C 36 10.67 19.88 -27.05
N THR C 37 10.22 20.26 -25.86
CA THR C 37 9.41 19.36 -25.05
C THR C 37 8.03 19.14 -25.66
N SER C 38 7.54 20.12 -26.41
CA SER C 38 6.23 19.99 -27.02
C SER C 38 6.23 18.98 -28.16
N LYS C 39 7.30 18.89 -28.94
CA LYS C 39 7.38 17.96 -30.05
C LYS C 39 7.58 16.52 -29.59
N LEU C 40 7.65 16.29 -28.30
CA LEU C 40 7.73 14.96 -27.72
C LEU C 40 6.53 14.64 -26.83
N ARG C 41 5.99 15.65 -26.14
CA ARG C 41 4.72 15.48 -25.45
C ARG C 41 3.56 15.28 -26.41
N ASN C 42 3.61 15.86 -27.61
CA ASN C 42 2.58 15.63 -28.60
C ASN C 42 2.76 14.32 -29.35
N LEU C 43 3.73 13.50 -28.94
CA LEU C 43 3.81 12.11 -29.37
C LEU C 43 3.51 11.14 -28.25
N LEU C 44 3.90 11.45 -27.01
CA LEU C 44 3.43 10.67 -25.88
C LEU C 44 1.93 10.86 -25.63
N SER C 45 1.34 11.95 -26.12
CA SER C 45 -0.09 12.16 -26.00
C SER C 45 -0.91 11.06 -26.66
N LEU C 46 -0.40 10.48 -27.75
CA LEU C 46 -1.07 9.36 -28.40
C LEU C 46 -1.01 8.11 -27.53
N THR C 47 0.19 7.71 -27.13
CA THR C 47 0.37 6.44 -26.46
C THR C 47 -0.13 6.44 -25.03
N SER C 48 -0.24 7.60 -24.39
CA SER C 48 -0.83 7.64 -23.05
C SER C 48 -2.32 7.34 -23.10
N THR C 49 -3.03 7.92 -24.05
CA THR C 49 -4.43 7.60 -24.23
C THR C 49 -4.66 6.24 -24.85
N LEU C 50 -3.64 5.67 -25.50
CA LEU C 50 -3.70 4.24 -25.80
C LEU C 50 -3.60 3.39 -24.55
N PHE C 51 -2.58 3.65 -23.73
CA PHE C 51 -2.27 2.82 -22.58
C PHE C 51 -3.35 2.88 -21.51
N ASP C 52 -4.04 4.01 -21.39
CA ASP C 52 -5.20 4.05 -20.52
C ASP C 52 -6.41 3.34 -21.10
N GLU C 53 -6.43 3.10 -22.41
CA GLU C 53 -7.47 2.35 -23.07
C GLU C 53 -7.12 0.87 -23.25
N SER C 54 -5.85 0.50 -23.12
CA SER C 54 -5.50 -0.90 -23.30
C SER C 54 -5.98 -1.74 -22.13
N LYS C 55 -6.10 -1.14 -20.94
CA LYS C 55 -6.60 -1.87 -19.78
C LYS C 55 -8.09 -2.13 -19.92
N VAL C 56 -8.84 -1.15 -20.40
CA VAL C 56 -10.28 -1.28 -20.54
C VAL C 56 -10.62 -2.21 -21.71
N LYS C 57 -10.09 -1.90 -22.88
CA LYS C 57 -10.49 -2.56 -24.11
C LYS C 57 -9.61 -3.74 -24.44
N GLU C 58 -10.16 -4.66 -25.22
CA GLU C 58 -9.38 -5.76 -25.77
C GLU C 58 -8.45 -5.22 -26.87
N TYR C 59 -7.40 -5.99 -27.16
CA TYR C 59 -6.43 -5.57 -28.17
C TYR C 59 -7.06 -5.52 -29.55
N ASP C 60 -7.87 -6.50 -29.87
CA ASP C 60 -8.40 -6.63 -31.22
C ASP C 60 -9.63 -5.74 -31.46
N ALA C 61 -9.92 -4.83 -30.54
CA ALA C 61 -10.72 -3.65 -30.81
C ALA C 61 -9.90 -2.37 -30.77
N LEU C 62 -8.62 -2.46 -30.40
CA LEU C 62 -7.70 -1.34 -30.35
C LEU C 62 -6.54 -1.49 -31.31
N LEU C 63 -6.80 -1.95 -32.54
CA LEU C 63 -5.72 -2.14 -33.49
C LEU C 63 -5.85 -1.20 -34.69
N ASP C 64 -6.72 -0.20 -34.57
CA ASP C 64 -6.71 0.94 -35.47
C ASP C 64 -5.91 2.11 -34.90
N ARG C 65 -5.94 2.28 -33.58
CA ARG C 65 -5.14 3.30 -32.93
C ARG C 65 -3.66 3.01 -33.08
N ILE C 66 -3.27 1.74 -32.94
CA ILE C 66 -1.89 1.36 -33.14
C ILE C 66 -1.46 1.52 -34.60
N ALA C 67 -2.40 1.39 -35.53
CA ALA C 67 -2.10 1.68 -36.91
C ALA C 67 -1.88 3.17 -37.11
N TYR C 68 -2.64 4.00 -36.40
CA TYR C 68 -2.43 5.45 -36.48
C TYR C 68 -1.12 5.88 -35.85
N LEU C 69 -0.59 5.10 -34.90
CA LEU C 69 0.72 5.41 -34.30
C LEU C 69 1.82 5.50 -35.35
N ARG C 70 1.92 4.53 -36.24
CA ARG C 70 2.96 4.58 -37.26
C ARG C 70 2.69 5.65 -38.31
N VAL C 71 1.44 6.10 -38.44
CA VAL C 71 1.15 7.26 -39.26
C VAL C 71 1.74 8.51 -38.62
N GLN C 72 1.43 8.71 -37.34
CA GLN C 72 1.76 9.97 -36.69
C GLN C 72 3.24 10.10 -36.38
N PHE C 73 3.91 9.00 -36.03
CA PHE C 73 5.35 9.08 -35.78
C PHE C 73 6.12 9.42 -37.03
N VAL C 74 5.69 8.85 -38.16
CA VAL C 74 6.27 9.16 -39.46
C VAL C 74 5.98 10.60 -39.85
N TYR C 75 4.77 11.09 -39.54
CA TYR C 75 4.44 12.45 -39.93
C TYR C 75 5.17 13.49 -39.08
N GLN C 76 5.30 13.25 -37.78
CA GLN C 76 6.05 14.16 -36.93
C GLN C 76 7.53 14.08 -37.21
N ALA C 77 8.01 12.94 -37.72
CA ALA C 77 9.41 12.83 -38.09
C ALA C 77 9.73 13.65 -39.33
N GLY C 78 8.84 13.63 -40.32
CA GLY C 78 9.07 14.33 -41.55
C GLY C 78 8.86 15.83 -41.52
N ARG C 79 8.49 16.37 -40.36
CA ARG C 79 8.25 17.80 -40.25
C ARG C 79 9.47 18.55 -39.73
N GLU C 80 10.22 17.96 -38.81
CA GLU C 80 11.44 18.59 -38.31
C GLU C 80 12.49 17.50 -38.12
N ILE C 81 13.76 17.90 -38.30
CA ILE C 81 14.86 16.95 -38.24
C ILE C 81 15.09 16.42 -36.83
N ALA C 82 14.59 17.12 -35.81
CA ALA C 82 14.83 16.70 -34.43
C ALA C 82 14.07 15.42 -34.10
N VAL C 83 12.78 15.37 -34.44
CA VAL C 83 12.00 14.17 -34.16
C VAL C 83 12.38 13.03 -35.12
N LYS C 84 12.84 13.37 -36.32
CA LYS C 84 13.40 12.36 -37.22
C LYS C 84 14.64 11.72 -36.61
N ASP C 85 15.50 12.55 -36.04
CA ASP C 85 16.66 12.06 -35.30
C ASP C 85 16.25 11.26 -34.08
N LEU C 86 15.11 11.61 -33.46
CA LEU C 86 14.63 10.86 -32.31
C LEU C 86 14.18 9.46 -32.70
N ILE C 87 13.34 9.34 -33.73
CA ILE C 87 12.89 8.00 -34.09
C ILE C 87 13.94 7.19 -34.82
N GLU C 88 15.02 7.84 -35.27
CA GLU C 88 16.17 7.09 -35.76
C GLU C 88 17.13 6.68 -34.66
N LYS C 89 17.22 7.46 -33.57
CA LYS C 89 18.08 7.09 -32.45
C LYS C 89 17.38 6.08 -31.56
N ALA C 90 16.28 6.49 -30.94
CA ALA C 90 15.40 5.58 -30.21
C ALA C 90 14.52 4.93 -31.26
N GLN C 91 14.77 3.64 -31.53
CA GLN C 91 14.15 3.02 -32.70
C GLN C 91 12.67 2.78 -32.48
N ILE C 92 11.87 3.81 -32.78
CA ILE C 92 10.44 3.79 -32.52
C ILE C 92 9.66 3.14 -33.64
N LEU C 93 10.08 3.31 -34.89
CA LEU C 93 9.43 2.61 -35.99
C LEU C 93 9.67 1.11 -35.93
N GLU C 94 10.88 0.67 -35.58
CA GLU C 94 11.14 -0.75 -35.42
C GLU C 94 10.65 -1.30 -34.10
N ALA C 95 10.16 -0.45 -33.21
CA ALA C 95 9.37 -0.87 -32.07
C ALA C 95 7.87 -0.85 -32.37
N LEU C 96 7.47 -0.40 -33.56
CA LEU C 96 6.07 -0.33 -33.95
C LEU C 96 5.66 -1.39 -34.94
N LYS C 97 6.59 -1.97 -35.70
CA LYS C 97 6.24 -3.17 -36.47
C LYS C 97 5.96 -4.34 -35.55
N GLU C 98 6.62 -4.36 -34.39
CA GLU C 98 6.59 -5.49 -33.48
C GLU C 98 5.81 -5.09 -32.23
N ILE C 99 4.49 -5.19 -32.32
CA ILE C 99 3.68 -5.07 -31.11
C ILE C 99 2.81 -6.32 -30.97
N LYS C 100 1.80 -6.46 -31.83
CA LYS C 100 0.99 -7.66 -32.05
C LYS C 100 0.20 -8.23 -30.87
N ASP C 101 0.34 -7.70 -29.64
CA ASP C 101 -0.49 -8.12 -28.51
C ASP C 101 -0.41 -7.09 -27.41
N ARG C 102 -1.20 -7.32 -26.35
CA ARG C 102 -1.51 -6.25 -25.40
C ARG C 102 -0.32 -5.91 -24.53
N GLU C 103 0.36 -6.91 -23.98
CA GLU C 103 1.47 -6.67 -23.07
C GLU C 103 2.64 -6.00 -23.78
N THR C 104 2.82 -6.29 -25.06
CA THR C 104 3.83 -5.57 -25.84
C THR C 104 3.39 -4.15 -26.17
N LEU C 105 2.08 -3.91 -26.31
CA LEU C 105 1.59 -2.55 -26.51
C LEU C 105 1.80 -1.70 -25.28
N GLN C 106 1.53 -2.26 -24.10
CA GLN C 106 1.81 -1.54 -22.87
C GLN C 106 3.31 -1.38 -22.64
N ARG C 107 4.11 -2.35 -23.11
CA ARG C 107 5.56 -2.21 -23.02
C ARG C 107 6.05 -1.07 -23.90
N PHE C 108 5.47 -0.90 -25.09
CA PHE C 108 5.87 0.20 -25.94
C PHE C 108 5.40 1.53 -25.37
N CYS C 109 4.22 1.56 -24.73
CA CYS C 109 3.76 2.78 -24.09
C CYS C 109 4.66 3.18 -22.93
N ARG C 110 5.10 2.21 -22.13
CA ARG C 110 6.05 2.52 -21.07
C ARG C 110 7.43 2.87 -21.60
N TYR C 111 7.79 2.37 -22.77
CA TYR C 111 9.02 2.81 -23.43
C TYR C 111 8.95 4.28 -23.80
N MET C 112 7.82 4.71 -24.36
CA MET C 112 7.62 6.12 -24.69
C MET C 112 7.63 6.98 -23.44
N GLU C 113 7.04 6.47 -22.35
CA GLU C 113 7.05 7.21 -21.10
C GLU C 113 8.45 7.32 -20.51
N ALA C 114 9.25 6.27 -20.63
CA ALA C 114 10.64 6.34 -20.18
C ALA C 114 11.46 7.31 -21.01
N LEU C 115 11.17 7.40 -22.31
CA LEU C 115 11.82 8.37 -23.17
C LEU C 115 11.51 9.80 -22.74
N VAL C 116 10.24 10.09 -22.46
CA VAL C 116 9.86 11.43 -22.02
C VAL C 116 10.44 11.74 -20.64
N ALA C 117 10.47 10.75 -19.75
CA ALA C 117 11.00 10.96 -18.41
C ALA C 117 12.48 11.26 -18.43
N TYR C 118 13.25 10.50 -19.21
CA TYR C 118 14.67 10.80 -19.29
C TYR C 118 14.98 11.99 -20.17
N PHE C 119 14.05 12.42 -21.01
CA PHE C 119 14.25 13.69 -21.70
C PHE C 119 14.06 14.86 -20.76
N LYS C 120 13.06 14.78 -19.88
CA LYS C 120 12.86 15.84 -18.89
C LYS C 120 13.95 15.82 -17.84
N PHE C 121 14.56 14.66 -17.59
CA PHE C 121 15.60 14.58 -16.58
C PHE C 121 16.88 15.29 -17.02
N TYR C 122 17.35 15.02 -18.25
CA TYR C 122 18.59 15.62 -18.75
C TYR C 122 18.30 16.90 -19.53
N GLY C 123 17.86 17.92 -18.79
CA GLY C 123 17.56 19.20 -19.41
C GLY C 123 16.29 19.19 -20.24
N THR D 2 -32.54 24.65 10.35
CA THR D 2 -33.24 24.46 9.09
C THR D 2 -32.25 24.28 7.95
N PHE D 3 -32.76 23.81 6.80
CA PHE D 3 -31.89 23.43 5.68
C PHE D 3 -32.71 23.51 4.40
N ALA D 4 -32.39 24.46 3.54
CA ALA D 4 -33.02 24.57 2.23
C ALA D 4 -31.94 24.61 1.17
N LYS D 5 -32.39 24.62 -0.08
CA LYS D 5 -31.49 24.54 -1.23
C LYS D 5 -32.24 25.02 -2.45
N ILE D 6 -31.72 26.07 -3.09
CA ILE D 6 -32.41 26.76 -4.18
C ILE D 6 -31.61 26.64 -5.48
N LYS D 7 -32.17 27.09 -6.59
CA LYS D 7 -31.64 26.70 -7.89
C LYS D 7 -31.88 27.78 -8.93
N PHE D 8 -30.83 28.18 -9.65
CA PHE D 8 -30.88 29.24 -10.66
C PHE D 8 -30.97 28.61 -12.04
N SER D 9 -32.09 28.80 -12.73
CA SER D 9 -32.27 28.19 -14.04
C SER D 9 -31.95 29.20 -15.14
N ALA D 10 -30.68 29.59 -15.21
CA ALA D 10 -30.30 30.55 -16.23
C ALA D 10 -30.15 29.86 -17.58
N GLN D 11 -30.02 30.65 -18.64
CA GLN D 11 -29.82 30.14 -19.99
C GLN D 11 -28.66 30.90 -20.58
N ILE D 12 -27.52 30.23 -20.77
CA ILE D 12 -26.39 30.90 -21.40
C ILE D 12 -26.65 30.93 -22.89
N ARG D 13 -27.04 32.09 -23.41
CA ARG D 13 -27.05 32.30 -24.84
C ARG D 13 -25.66 32.73 -25.27
N LEU D 14 -25.17 32.15 -26.34
CA LEU D 14 -23.85 32.47 -26.87
C LEU D 14 -23.94 33.69 -27.78
N GLU D 15 -22.88 34.50 -27.77
CA GLU D 15 -22.72 35.60 -28.71
C GLU D 15 -21.31 35.50 -29.24
N THR D 16 -21.17 35.11 -30.52
CA THR D 16 -19.89 34.79 -31.16
C THR D 16 -19.17 33.70 -30.37
N GLY D 17 -19.74 32.51 -30.47
CA GLY D 17 -19.52 31.39 -29.58
C GLY D 17 -18.12 30.91 -29.27
N LEU D 18 -18.05 29.99 -28.31
CA LEU D 18 -16.88 29.74 -27.51
C LEU D 18 -16.19 28.46 -27.92
N HIS D 19 -15.05 28.22 -27.31
CA HIS D 19 -14.27 27.03 -27.57
C HIS D 19 -13.59 26.68 -26.25
N ILE D 20 -14.17 25.71 -25.54
CA ILE D 20 -13.53 25.20 -24.34
C ILE D 20 -12.71 24.00 -24.79
N GLY D 21 -11.41 24.11 -24.71
CA GLY D 21 -10.53 23.06 -25.19
C GLY D 21 -10.48 21.73 -24.49
N GLY D 22 -10.03 20.74 -25.25
CA GLY D 22 -9.82 19.38 -24.80
C GLY D 22 -8.61 18.84 -25.55
N SER D 23 -7.93 17.83 -25.02
CA SER D 23 -6.77 17.30 -25.75
C SER D 23 -6.97 15.89 -26.26
N ASP D 24 -6.71 15.69 -27.55
CA ASP D 24 -6.85 14.38 -28.18
C ASP D 24 -5.54 13.96 -28.83
N ALA D 25 -5.09 12.74 -28.57
CA ALA D 25 -3.80 12.27 -29.13
C ALA D 25 -4.00 11.59 -30.49
N PHE D 26 -5.25 11.33 -30.87
CA PHE D 26 -5.55 10.68 -32.18
C PHE D 26 -6.59 11.56 -32.87
N ALA D 27 -6.13 12.71 -33.37
CA ALA D 27 -7.05 13.67 -33.94
C ALA D 27 -7.13 13.51 -35.44
N ALA D 28 -6.08 13.88 -36.16
CA ALA D 28 -5.98 13.82 -37.62
C ALA D 28 -4.60 14.25 -38.05
N ILE D 29 -4.40 14.41 -39.36
CA ILE D 29 -3.27 15.18 -39.85
C ILE D 29 -3.77 16.56 -40.27
N GLY D 30 -4.74 16.59 -41.17
CA GLY D 30 -5.17 17.87 -41.70
C GLY D 30 -6.56 18.29 -41.30
N ALA D 31 -6.93 18.03 -40.06
CA ALA D 31 -8.23 18.40 -39.53
C ALA D 31 -8.00 18.90 -38.11
N ILE D 32 -9.06 18.87 -37.30
CA ILE D 32 -9.12 19.55 -36.00
C ILE D 32 -8.00 19.10 -35.08
N ASN D 33 -7.22 20.08 -34.61
CA ASN D 33 -6.17 19.88 -33.64
C ASN D 33 -6.42 20.60 -32.33
N SER D 34 -7.55 21.32 -32.22
CA SER D 34 -7.95 21.98 -30.98
C SER D 34 -9.47 21.91 -30.86
N PRO D 35 -9.99 20.81 -30.34
CA PRO D 35 -11.45 20.62 -30.36
C PRO D 35 -12.17 21.12 -29.13
N VAL D 36 -13.44 21.49 -29.30
CA VAL D 36 -14.28 21.80 -28.16
C VAL D 36 -14.53 20.51 -27.38
N ILE D 37 -14.74 20.66 -26.07
CA ILE D 37 -15.05 19.52 -25.23
C ILE D 37 -16.52 19.20 -25.42
N LYS D 38 -16.81 17.97 -25.84
CA LYS D 38 -18.17 17.61 -26.17
C LYS D 38 -18.56 16.36 -25.40
N ASP D 39 -19.87 16.18 -25.28
CA ASP D 39 -20.43 15.03 -24.62
C ASP D 39 -20.11 13.77 -25.41
N PRO D 40 -19.78 12.67 -24.74
CA PRO D 40 -19.34 11.47 -25.48
C PRO D 40 -20.44 10.73 -26.21
N ILE D 41 -21.68 10.81 -25.75
CA ILE D 41 -22.75 10.00 -26.34
C ILE D 41 -23.74 10.83 -27.15
N THR D 42 -23.84 12.14 -26.93
CA THR D 42 -24.68 12.97 -27.77
C THR D 42 -23.89 13.82 -28.76
N ASN D 43 -22.58 14.00 -28.52
CA ASN D 43 -21.67 14.80 -29.35
C ASN D 43 -22.12 16.25 -29.50
N LEU D 44 -22.76 16.75 -28.49
CA LEU D 44 -23.02 18.17 -28.35
C LEU D 44 -21.95 18.80 -27.48
N PRO D 45 -21.56 20.03 -27.76
CA PRO D 45 -20.56 20.69 -26.92
C PRO D 45 -21.13 21.07 -25.57
N ILE D 46 -20.34 20.86 -24.55
CA ILE D 46 -20.74 21.22 -23.19
C ILE D 46 -20.01 22.48 -22.80
N ILE D 47 -20.63 23.26 -21.92
CA ILE D 47 -19.92 24.26 -21.14
C ILE D 47 -19.78 23.64 -19.76
N PRO D 48 -18.68 22.97 -19.44
CA PRO D 48 -18.59 22.24 -18.18
C PRO D 48 -18.55 23.17 -17.01
N GLY D 49 -18.99 22.65 -15.86
CA GLY D 49 -19.17 23.46 -14.68
C GLY D 49 -17.90 23.98 -14.08
N SER D 50 -16.78 23.32 -14.34
CA SER D 50 -15.50 23.78 -13.81
C SER D 50 -15.07 25.09 -14.45
N SER D 51 -15.30 25.25 -15.75
CA SER D 51 -14.92 26.47 -16.43
C SER D 51 -15.89 27.61 -16.18
N LEU D 52 -17.05 27.34 -15.59
CA LEU D 52 -17.89 28.41 -15.07
C LEU D 52 -17.46 28.80 -13.66
N LYS D 53 -17.22 27.80 -12.82
CA LYS D 53 -16.90 28.06 -11.42
C LYS D 53 -15.55 28.73 -11.27
N GLY D 54 -14.53 28.21 -11.93
CA GLY D 54 -13.23 28.81 -11.84
C GLY D 54 -13.05 30.04 -12.70
N LYS D 55 -14.06 30.45 -13.44
CA LYS D 55 -14.05 31.76 -14.07
C LYS D 55 -14.67 32.81 -13.16
N MET D 56 -15.84 32.48 -12.58
CA MET D 56 -16.46 33.35 -11.59
C MET D 56 -15.57 33.52 -10.37
N ARG D 57 -14.76 32.53 -10.04
CA ARG D 57 -13.84 32.64 -8.91
C ARG D 57 -12.81 33.73 -9.15
N THR D 58 -12.24 33.81 -10.35
CA THR D 58 -11.26 34.87 -10.60
C THR D 58 -11.90 36.22 -10.80
N LEU D 59 -13.10 36.26 -11.41
CA LEU D 59 -13.83 37.50 -11.57
C LEU D 59 -14.16 38.13 -10.22
N LEU D 60 -14.79 37.36 -9.35
CA LEU D 60 -15.03 37.88 -8.02
C LEU D 60 -13.81 37.82 -7.14
N ALA D 61 -12.66 37.27 -7.51
CA ALA D 61 -11.49 37.32 -6.67
C ALA D 61 -10.62 38.54 -6.92
N LYS D 62 -10.73 39.14 -8.09
CA LYS D 62 -10.14 40.47 -8.26
C LYS D 62 -11.03 41.58 -7.72
N VAL D 63 -12.24 41.27 -7.29
CA VAL D 63 -13.23 42.27 -6.91
C VAL D 63 -13.57 42.18 -5.43
N TYR D 64 -13.90 40.99 -4.92
CA TYR D 64 -14.32 40.83 -3.53
C TYR D 64 -13.16 40.47 -2.63
N ASN D 65 -11.97 40.95 -2.95
CA ASN D 65 -10.80 40.79 -2.10
C ASN D 65 -10.17 42.14 -1.85
N GLU D 66 -9.59 42.29 -0.67
CA GLU D 66 -8.76 43.45 -0.37
C GLU D 66 -7.29 43.10 -0.44
N LYS D 67 -6.88 42.08 0.31
CA LYS D 67 -5.55 41.53 0.18
C LYS D 67 -5.45 40.85 -1.19
N VAL D 68 -4.37 41.14 -1.92
CA VAL D 68 -4.13 40.48 -3.20
C VAL D 68 -3.89 39.01 -2.96
N ALA D 69 -4.69 38.17 -3.64
CA ALA D 69 -4.97 36.82 -3.14
C ALA D 69 -3.75 35.91 -3.21
N GLU D 70 -3.13 35.82 -4.40
CA GLU D 70 -1.93 35.05 -4.75
C GLU D 70 -2.19 33.54 -4.79
N LYS D 71 -3.35 33.11 -4.32
CA LYS D 71 -3.76 31.71 -4.27
C LYS D 71 -5.21 31.67 -3.85
N PRO D 72 -5.93 30.60 -4.19
CA PRO D 72 -7.10 30.23 -3.40
C PRO D 72 -6.61 29.64 -2.08
N SER D 73 -7.55 29.50 -1.15
CA SER D 73 -7.31 29.46 0.30
C SER D 73 -6.65 30.75 0.78
N ASP D 74 -6.98 31.85 0.11
CA ASP D 74 -6.60 33.18 0.56
C ASP D 74 -7.70 34.19 0.29
N ASP D 75 -8.88 33.75 -0.13
CA ASP D 75 -9.96 34.66 -0.45
C ASP D 75 -10.63 35.13 0.85
N SER D 76 -11.33 36.25 0.75
CA SER D 76 -11.72 37.02 1.91
C SER D 76 -13.01 36.54 2.55
N ASP D 77 -13.40 35.28 2.31
CA ASP D 77 -14.48 34.55 2.96
C ASP D 77 -15.87 35.06 2.60
N ILE D 78 -15.94 36.16 1.85
CA ILE D 78 -17.14 36.45 1.08
C ILE D 78 -17.19 35.54 -0.14
N LEU D 79 -16.03 35.09 -0.61
CA LEU D 79 -15.96 34.10 -1.66
C LEU D 79 -15.89 32.68 -1.10
N SER D 80 -15.09 32.49 -0.08
CA SER D 80 -14.73 31.17 0.38
C SER D 80 -15.84 30.45 1.14
N ARG D 81 -16.91 31.13 1.49
CA ARG D 81 -18.11 30.47 1.97
C ARG D 81 -19.04 30.10 0.83
N LEU D 82 -18.75 30.58 -0.37
CA LEU D 82 -19.49 30.17 -1.56
C LEU D 82 -18.71 29.19 -2.43
N PHE D 83 -17.40 29.33 -2.52
CA PHE D 83 -16.62 28.48 -3.40
C PHE D 83 -15.76 27.49 -2.63
N GLY D 84 -15.62 27.64 -1.33
CA GLY D 84 -14.85 26.70 -0.54
C GLY D 84 -13.37 26.93 -0.60
N ASN D 85 -12.69 26.97 0.54
CA ASN D 85 -11.26 26.82 0.54
C ASN D 85 -10.93 25.34 0.67
N SER D 86 -9.68 25.05 0.88
CA SER D 86 -9.35 23.74 1.41
C SER D 86 -8.25 23.82 2.45
N LYS D 87 -7.97 25.02 2.96
CA LYS D 87 -7.09 25.17 4.10
C LYS D 87 -7.76 25.84 5.28
N ASP D 88 -8.90 26.49 5.07
CA ASP D 88 -9.70 27.00 6.18
C ASP D 88 -10.56 25.88 6.73
N LYS D 89 -10.79 25.91 8.03
CA LYS D 89 -11.42 24.77 8.70
C LYS D 89 -12.91 24.71 8.44
N ARG D 90 -13.61 25.82 8.59
CA ARG D 90 -15.06 25.80 8.55
C ARG D 90 -15.63 26.01 7.15
N PHE D 91 -14.78 26.20 6.15
CA PHE D 91 -15.22 26.51 4.80
C PHE D 91 -14.65 25.52 3.79
N LYS D 92 -14.61 24.24 4.14
CA LYS D 92 -14.07 23.25 3.21
C LYS D 92 -15.09 22.89 2.13
N MET D 93 -16.35 22.73 2.54
CA MET D 93 -17.38 22.38 1.57
C MET D 93 -17.78 23.60 0.74
N GLY D 94 -18.58 23.36 -0.28
CA GLY D 94 -18.78 24.38 -1.30
C GLY D 94 -19.75 25.47 -0.87
N ARG D 95 -21.02 25.12 -0.68
CA ARG D 95 -22.26 25.91 -0.63
C ARG D 95 -22.71 26.38 -2.01
N LEU D 96 -21.90 26.23 -3.05
CA LEU D 96 -22.33 26.43 -4.43
C LEU D 96 -22.06 25.16 -5.21
N ILE D 97 -23.08 24.62 -5.85
CA ILE D 97 -22.97 23.45 -6.69
C ILE D 97 -23.29 23.89 -8.10
N PHE D 98 -22.26 24.01 -8.93
CA PHE D 98 -22.48 24.33 -10.32
C PHE D 98 -22.93 23.08 -11.07
N ARG D 99 -23.22 23.24 -12.36
CA ARG D 99 -23.54 22.09 -13.20
C ARG D 99 -22.84 22.26 -14.54
N ASP D 100 -22.63 21.15 -15.23
CA ASP D 100 -22.32 21.22 -16.65
C ASP D 100 -23.49 21.83 -17.40
N ALA D 101 -23.19 22.70 -18.34
CA ALA D 101 -24.22 23.34 -19.13
C ALA D 101 -24.36 22.55 -20.42
N PHE D 102 -25.34 21.67 -20.45
CA PHE D 102 -25.63 20.93 -21.67
C PHE D 102 -26.38 21.81 -22.66
N LEU D 103 -26.26 21.46 -23.93
CA LEU D 103 -26.83 22.28 -24.98
C LEU D 103 -28.32 21.99 -25.10
N SER D 104 -29.14 23.00 -24.85
CA SER D 104 -30.58 22.86 -24.99
C SER D 104 -31.02 22.82 -26.44
N ASN D 105 -30.79 23.90 -27.18
CA ASN D 105 -31.39 24.05 -28.51
C ASN D 105 -30.58 23.26 -29.54
N ALA D 106 -30.71 21.94 -29.46
CA ALA D 106 -30.22 21.07 -30.52
C ALA D 106 -31.22 20.94 -31.66
N ASP D 107 -32.34 21.63 -31.56
CA ASP D 107 -33.42 21.57 -32.55
C ASP D 107 -33.92 22.94 -32.99
N GLU D 108 -33.71 23.99 -32.20
CA GLU D 108 -33.88 25.36 -32.65
C GLU D 108 -32.65 25.86 -33.40
N LEU D 109 -31.59 25.06 -33.45
CA LEU D 109 -30.44 25.28 -34.30
C LEU D 109 -30.59 24.59 -35.65
N ASP D 110 -31.14 23.37 -35.66
CA ASP D 110 -31.45 22.69 -36.91
C ASP D 110 -32.58 23.35 -37.66
N SER D 111 -33.38 24.17 -36.97
CA SER D 111 -34.38 24.99 -37.66
C SER D 111 -33.71 25.96 -38.62
N LEU D 112 -32.61 26.57 -38.19
CA LEU D 112 -31.79 27.33 -39.10
C LEU D 112 -30.91 26.38 -39.92
N GLY D 113 -30.23 26.93 -40.91
CA GLY D 113 -29.47 26.10 -41.83
C GLY D 113 -28.16 25.59 -41.27
N VAL D 114 -28.23 24.80 -40.20
CA VAL D 114 -27.04 24.31 -39.51
C VAL D 114 -26.88 22.84 -39.82
N ARG D 115 -25.69 22.47 -40.29
CA ARG D 115 -25.40 21.08 -40.66
C ARG D 115 -24.35 20.45 -39.75
N SER D 116 -23.88 21.17 -38.74
CA SER D 116 -23.02 20.63 -37.70
C SER D 116 -23.06 21.60 -36.54
N TYR D 117 -23.20 21.08 -35.33
CA TYR D 117 -23.37 21.94 -34.17
C TYR D 117 -22.10 22.66 -33.75
N THR D 118 -20.95 22.31 -34.32
CA THR D 118 -19.73 23.08 -34.16
C THR D 118 -19.33 23.63 -35.50
N GLU D 119 -18.44 24.62 -35.48
CA GLU D 119 -17.88 25.15 -36.71
C GLU D 119 -16.37 25.21 -36.57
N VAL D 120 -15.67 24.80 -37.62
CA VAL D 120 -14.21 24.73 -37.60
C VAL D 120 -13.67 25.99 -38.24
N LYS D 121 -12.88 26.73 -37.49
CA LYS D 121 -12.31 27.98 -37.93
C LYS D 121 -10.84 27.79 -38.28
N PHE D 122 -10.43 28.33 -39.41
CA PHE D 122 -9.04 28.24 -39.85
C PHE D 122 -8.32 29.51 -39.40
N GLU D 123 -7.14 29.34 -38.79
CA GLU D 123 -6.55 30.39 -37.95
C GLU D 123 -5.03 30.55 -38.03
N ASN D 124 -4.47 30.91 -39.18
CA ASN D 124 -3.01 30.94 -39.35
C ASN D 124 -2.29 31.92 -38.40
N THR D 125 -0.96 31.83 -38.37
CA THR D 125 -0.11 32.65 -37.49
C THR D 125 0.96 33.29 -38.36
N ILE D 126 0.69 34.50 -38.83
CA ILE D 126 1.58 35.18 -39.76
C ILE D 126 2.85 35.58 -39.03
N ASP D 127 3.94 34.89 -39.32
CA ASP D 127 5.28 35.24 -38.86
C ASP D 127 5.62 36.63 -39.36
N ARG D 128 5.95 37.54 -38.44
CA ARG D 128 6.15 38.94 -38.82
C ARG D 128 7.45 39.19 -39.55
N ILE D 129 8.31 38.19 -39.67
CA ILE D 129 9.47 38.20 -40.54
C ILE D 129 9.37 36.95 -41.40
N THR D 130 9.62 37.08 -42.69
CA THR D 130 9.46 36.12 -43.79
C THR D 130 8.00 35.83 -44.12
N ALA D 131 7.05 36.50 -43.46
CA ALA D 131 5.63 36.59 -43.80
C ALA D 131 4.90 35.25 -43.81
N GLU D 132 5.50 34.19 -43.28
CA GLU D 132 4.97 32.86 -43.49
C GLU D 132 3.92 32.50 -42.45
N ALA D 133 3.08 31.54 -42.80
CA ALA D 133 1.92 31.19 -42.02
C ALA D 133 2.19 29.95 -41.21
N ASN D 134 1.21 29.59 -40.40
CA ASN D 134 1.25 28.40 -39.56
C ASN D 134 -0.19 28.07 -39.23
N PRO D 135 -0.90 27.37 -40.11
CA PRO D 135 -2.34 27.24 -39.96
C PRO D 135 -2.71 26.30 -38.83
N ARG D 136 -3.97 26.39 -38.45
CA ARG D 136 -4.55 25.49 -37.48
C ARG D 136 -6.04 25.44 -37.75
N GLN D 137 -6.73 24.57 -37.03
CA GLN D 137 -8.16 24.41 -37.20
C GLN D 137 -8.73 24.24 -35.81
N ILE D 138 -9.16 25.32 -35.18
CA ILE D 138 -9.75 25.23 -33.87
C ILE D 138 -11.26 25.15 -34.02
N GLU D 139 -11.88 24.27 -33.25
CA GLU D 139 -13.31 24.04 -33.32
C GLU D 139 -14.01 24.87 -32.27
N ARG D 140 -15.23 25.28 -32.57
CA ARG D 140 -15.97 26.13 -31.65
C ARG D 140 -17.45 25.94 -31.82
N ALA D 141 -18.20 26.18 -30.76
CA ALA D 141 -19.65 26.05 -30.79
C ALA D 141 -20.26 27.33 -31.37
N ILE D 142 -21.36 27.16 -32.11
CA ILE D 142 -21.86 28.21 -32.98
C ILE D 142 -22.65 29.26 -32.21
N ARG D 143 -23.01 30.36 -32.90
CA ARG D 143 -23.54 31.58 -32.31
C ARG D 143 -24.85 31.45 -31.55
N ASN D 144 -25.91 30.93 -32.18
CA ASN D 144 -27.22 31.03 -31.54
C ASN D 144 -27.52 29.84 -30.65
N SER D 145 -26.50 29.26 -30.02
CA SER D 145 -26.72 28.21 -29.07
C SER D 145 -27.38 28.76 -27.81
N THR D 146 -27.98 27.86 -27.03
CA THR D 146 -28.32 28.17 -25.66
C THR D 146 -28.04 26.95 -24.82
N PHE D 147 -27.70 27.19 -23.56
CA PHE D 147 -27.26 26.13 -22.65
C PHE D 147 -28.03 26.28 -21.35
N ASP D 148 -28.72 25.23 -20.93
CA ASP D 148 -29.44 25.23 -19.67
C ASP D 148 -28.44 25.23 -18.52
N PHE D 149 -28.33 26.36 -17.83
CA PHE D 149 -27.34 26.54 -16.78
C PHE D 149 -28.05 26.49 -15.44
N GLU D 150 -27.90 25.38 -14.74
CA GLU D 150 -28.41 25.24 -13.38
C GLU D 150 -27.29 25.44 -12.38
N LEU D 151 -27.59 26.24 -11.37
CA LEU D 151 -26.65 26.51 -10.29
C LEU D 151 -27.45 26.35 -9.01
N ILE D 152 -26.88 25.68 -8.03
CA ILE D 152 -27.61 25.30 -6.83
C ILE D 152 -26.93 25.92 -5.62
N TYR D 153 -27.69 26.59 -4.78
CA TYR D 153 -27.20 27.27 -3.59
C TYR D 153 -27.72 26.57 -2.34
N GLU D 154 -26.83 26.34 -1.38
CA GLU D 154 -27.16 25.65 -0.14
C GLU D 154 -27.50 26.64 0.97
N ILE D 155 -28.36 26.22 1.88
CA ILE D 155 -28.80 27.05 3.01
C ILE D 155 -28.90 26.13 4.22
N THR D 156 -28.09 26.39 5.23
CA THR D 156 -28.20 25.70 6.51
C THR D 156 -28.48 26.72 7.61
N ASP D 157 -28.39 26.27 8.85
CA ASP D 157 -28.43 27.19 9.99
C ASP D 157 -27.02 27.63 10.39
N GLU D 158 -26.24 28.00 9.38
CA GLU D 158 -25.02 28.78 9.53
C GLU D 158 -25.12 30.10 8.78
N ASN D 159 -26.22 30.28 8.05
CA ASN D 159 -26.55 31.53 7.39
C ASN D 159 -27.55 32.27 8.27
N GLU D 160 -27.00 32.98 9.27
CA GLU D 160 -27.83 33.78 10.15
C GLU D 160 -28.45 34.94 9.38
N ASN D 161 -27.62 35.68 8.64
CA ASN D 161 -28.07 36.78 7.80
C ASN D 161 -27.34 36.79 6.47
N GLN D 162 -26.87 35.63 6.02
CA GLN D 162 -25.90 35.57 4.93
C GLN D 162 -26.49 35.08 3.62
N VAL D 163 -27.80 34.85 3.57
CA VAL D 163 -28.40 34.35 2.33
C VAL D 163 -28.49 35.47 1.31
N GLU D 164 -29.25 36.52 1.62
CA GLU D 164 -29.50 37.59 0.66
C GLU D 164 -28.28 38.49 0.42
N GLU D 165 -27.23 38.35 1.22
CA GLU D 165 -25.95 38.96 0.87
C GLU D 165 -25.35 38.28 -0.36
N ASP D 166 -25.52 36.96 -0.46
CA ASP D 166 -24.82 36.17 -1.46
C ASP D 166 -25.36 36.38 -2.87
N PHE D 167 -26.54 36.94 -3.01
CA PHE D 167 -27.05 37.20 -4.35
C PHE D 167 -26.54 38.52 -4.91
N LYS D 168 -25.77 39.25 -4.12
CA LYS D 168 -24.88 40.28 -4.63
C LYS D 168 -23.52 39.71 -4.95
N VAL D 169 -23.34 38.39 -4.81
CA VAL D 169 -22.17 37.70 -5.31
C VAL D 169 -22.51 36.82 -6.50
N ILE D 170 -23.67 36.18 -6.50
CA ILE D 170 -24.11 35.38 -7.64
C ILE D 170 -24.50 36.25 -8.82
N ARG D 171 -25.25 37.33 -8.61
CA ARG D 171 -25.52 38.23 -9.72
C ARG D 171 -24.30 39.02 -10.16
N ASP D 172 -23.35 39.26 -9.25
CA ASP D 172 -22.10 39.92 -9.63
C ASP D 172 -21.27 39.03 -10.55
N GLY D 173 -21.16 37.75 -10.24
CA GLY D 173 -20.48 36.82 -11.12
C GLY D 173 -21.19 36.59 -12.43
N LEU D 174 -22.52 36.52 -12.39
CA LEU D 174 -23.31 36.23 -13.57
C LEU D 174 -23.68 37.46 -14.38
N LYS D 175 -23.16 38.64 -14.01
CA LYS D 175 -23.11 39.70 -15.01
C LYS D 175 -21.71 40.32 -15.07
N LEU D 176 -20.72 39.70 -14.45
CA LEU D 176 -19.33 39.88 -14.86
C LEU D 176 -18.87 38.84 -15.86
N LEU D 177 -19.53 37.69 -15.94
CA LEU D 177 -19.27 36.78 -17.06
C LEU D 177 -19.85 37.26 -18.38
N GLU D 178 -20.76 38.24 -18.35
CA GLU D 178 -21.18 38.91 -19.56
C GLU D 178 -20.22 40.00 -19.98
N LEU D 179 -19.14 40.14 -19.22
CA LEU D 179 -18.07 41.08 -19.52
C LEU D 179 -16.85 40.30 -20.01
N ASP D 180 -16.54 39.21 -19.29
CA ASP D 180 -15.43 38.32 -19.59
C ASP D 180 -15.76 37.28 -20.66
N TYR D 181 -14.76 36.51 -21.12
CA TYR D 181 -14.93 35.60 -22.29
C TYR D 181 -15.38 34.15 -22.02
N LEU D 182 -15.53 33.69 -20.77
CA LEU D 182 -15.93 32.29 -20.52
C LEU D 182 -15.03 31.20 -21.12
N GLY D 183 -13.73 31.27 -20.85
CA GLY D 183 -12.79 30.29 -21.35
C GLY D 183 -12.85 30.15 -22.85
N GLY D 184 -11.70 30.03 -23.47
CA GLY D 184 -11.57 30.17 -24.89
C GLY D 184 -10.40 31.05 -25.22
N SER D 185 -10.28 31.35 -26.51
CA SER D 185 -9.20 32.23 -26.96
C SER D 185 -9.38 33.62 -26.39
N GLY D 186 -10.62 34.06 -26.23
CA GLY D 186 -10.92 35.20 -25.39
C GLY D 186 -10.55 36.54 -25.97
N SER D 187 -9.26 36.78 -26.14
CA SER D 187 -8.81 38.00 -26.75
C SER D 187 -8.90 37.98 -28.27
N ARG D 188 -9.62 37.02 -28.84
CA ARG D 188 -9.90 36.94 -30.25
C ARG D 188 -11.37 36.65 -30.47
N GLY D 189 -12.21 37.09 -29.55
CA GLY D 189 -13.62 36.77 -29.59
C GLY D 189 -13.96 35.72 -28.55
N TYR D 190 -14.75 34.73 -28.94
CA TYR D 190 -14.91 33.44 -28.26
C TYR D 190 -15.56 33.53 -26.88
N GLY D 191 -16.01 34.69 -26.45
CA GLY D 191 -16.51 34.67 -25.11
C GLY D 191 -17.89 35.17 -24.78
N LYS D 192 -18.38 36.14 -25.54
CA LYS D 192 -19.46 36.99 -25.04
C LYS D 192 -20.76 36.21 -24.96
N VAL D 193 -21.43 36.33 -23.82
CA VAL D 193 -22.55 35.47 -23.49
C VAL D 193 -23.65 36.30 -22.85
N ALA D 194 -24.79 35.67 -22.64
CA ALA D 194 -25.97 36.38 -22.15
C ALA D 194 -26.72 35.41 -21.26
N PHE D 195 -26.64 35.62 -19.95
CA PHE D 195 -27.36 34.78 -19.01
C PHE D 195 -28.81 35.24 -18.99
N GLU D 196 -29.59 34.73 -19.94
CA GLU D 196 -31.02 35.01 -19.94
C GLU D 196 -31.70 34.27 -18.80
N ASN D 197 -32.82 34.83 -18.34
CA ASN D 197 -33.82 34.15 -17.49
C ASN D 197 -33.23 33.67 -16.17
N LEU D 198 -32.57 34.58 -15.45
CA LEU D 198 -32.05 34.26 -14.13
C LEU D 198 -33.22 34.10 -13.18
N LYS D 199 -33.69 32.86 -13.01
CA LYS D 199 -34.98 32.58 -12.39
C LYS D 199 -34.80 31.60 -11.23
N ALA D 200 -34.51 32.13 -10.04
CA ALA D 200 -34.23 31.30 -8.88
C ALA D 200 -35.49 30.64 -8.34
N THR D 201 -35.32 29.41 -7.85
CA THR D 201 -36.42 28.65 -7.27
C THR D 201 -35.85 27.65 -6.29
N THR D 202 -36.62 27.34 -5.25
CA THR D 202 -36.18 26.38 -4.25
C THR D 202 -36.55 24.97 -4.67
N VAL D 203 -35.65 24.03 -4.39
CA VAL D 203 -35.90 22.64 -4.70
C VAL D 203 -35.81 21.74 -3.48
N PHE D 204 -35.16 22.15 -2.40
CA PHE D 204 -35.35 21.43 -1.15
C PHE D 204 -35.57 22.40 -0.01
N GLY D 205 -36.41 22.00 0.93
CA GLY D 205 -36.82 22.88 2.00
C GLY D 205 -37.85 23.88 1.53
N ASN D 206 -38.30 24.69 2.47
CA ASN D 206 -39.25 25.75 2.16
C ASN D 206 -38.58 27.09 2.38
N TYR D 207 -38.75 27.99 1.42
CA TYR D 207 -38.05 29.26 1.45
C TYR D 207 -38.82 30.23 0.58
N ASP D 208 -38.78 31.50 0.96
CA ASP D 208 -39.47 32.55 0.22
C ASP D 208 -38.50 33.19 -0.75
N VAL D 209 -38.76 33.02 -2.04
CA VAL D 209 -37.94 33.62 -3.09
C VAL D 209 -38.71 34.68 -3.87
N LYS D 210 -39.86 35.10 -3.34
CA LYS D 210 -40.59 36.21 -3.95
C LYS D 210 -39.83 37.52 -3.78
N THR D 211 -39.11 37.64 -2.66
CA THR D 211 -38.17 38.76 -2.47
C THR D 211 -36.89 38.55 -3.25
N LEU D 212 -36.66 37.35 -3.77
CA LEU D 212 -35.40 37.05 -4.43
C LEU D 212 -35.41 37.38 -5.90
N ASN D 213 -36.52 37.14 -6.59
CA ASN D 213 -36.62 37.36 -8.02
C ASN D 213 -36.65 38.83 -8.42
N GLU D 214 -36.51 39.80 -7.53
CA GLU D 214 -36.44 41.20 -7.93
C GLU D 214 -35.01 41.70 -8.10
N LEU D 215 -34.05 41.16 -7.35
CA LEU D 215 -32.65 41.52 -7.51
C LEU D 215 -31.94 40.66 -8.53
N LEU D 216 -32.69 40.02 -9.41
CA LEU D 216 -32.16 39.29 -10.55
C LEU D 216 -32.52 39.94 -11.87
N THR D 217 -33.65 40.63 -11.94
CA THR D 217 -34.09 41.35 -13.13
C THR D 217 -33.69 42.83 -13.07
N ALA D 218 -32.77 43.18 -12.19
CA ALA D 218 -32.41 44.58 -11.99
C ALA D 218 -31.46 45.06 -13.08
N THR E 2 -44.39 -10.31 10.46
CA THR E 2 -43.20 -10.98 10.96
C THR E 2 -41.96 -10.49 10.20
N PHE E 3 -40.86 -11.23 10.33
CA PHE E 3 -39.58 -10.81 9.78
C PHE E 3 -39.62 -10.83 8.25
N ALA E 4 -38.97 -9.85 7.64
CA ALA E 4 -39.10 -9.61 6.21
C ALA E 4 -37.88 -8.83 5.73
N LYS E 5 -37.73 -8.74 4.40
CA LYS E 5 -36.72 -7.91 3.79
C LYS E 5 -37.33 -7.20 2.59
N ILE E 6 -37.03 -5.93 2.44
CA ILE E 6 -37.72 -5.06 1.48
C ILE E 6 -36.68 -4.53 0.50
N LYS E 7 -36.50 -5.20 -0.62
CA LYS E 7 -35.48 -4.80 -1.59
C LYS E 7 -35.95 -3.64 -2.45
N PHE E 8 -35.13 -2.59 -2.57
CA PHE E 8 -35.48 -1.37 -3.29
C PHE E 8 -34.76 -1.33 -4.64
N SER E 9 -35.32 -1.97 -5.66
CA SER E 9 -34.74 -1.92 -6.98
C SER E 9 -34.92 -0.54 -7.59
N ALA E 10 -33.83 0.01 -8.14
CA ALA E 10 -33.87 1.29 -8.82
C ALA E 10 -32.69 1.36 -9.79
N GLN E 11 -32.71 2.37 -10.65
CA GLN E 11 -31.68 2.57 -11.64
C GLN E 11 -31.11 3.97 -11.48
N ILE E 12 -29.79 4.08 -11.43
CA ILE E 12 -29.14 5.37 -11.26
C ILE E 12 -28.71 5.92 -12.62
N ARG E 13 -29.62 6.62 -13.29
CA ARG E 13 -29.31 7.25 -14.56
C ARG E 13 -28.45 8.47 -14.30
N LEU E 14 -27.27 8.51 -14.91
CA LEU E 14 -26.36 9.60 -14.68
C LEU E 14 -26.75 10.82 -15.50
N GLU E 15 -26.17 11.96 -15.15
CA GLU E 15 -26.22 13.20 -15.90
C GLU E 15 -24.97 13.94 -15.45
N THR E 16 -24.29 14.64 -16.36
CA THR E 16 -23.01 15.31 -16.09
C THR E 16 -22.00 14.35 -15.44
N GLY E 17 -21.53 13.40 -16.25
CA GLY E 17 -20.94 12.13 -15.86
C GLY E 17 -20.05 12.04 -14.63
N LEU E 18 -20.17 10.92 -13.93
CA LEU E 18 -19.78 10.77 -12.55
C LEU E 18 -18.33 10.32 -12.41
N HIS E 19 -17.60 11.00 -11.53
CA HIS E 19 -16.25 10.62 -11.16
C HIS E 19 -16.26 10.18 -9.71
N ILE E 20 -15.90 8.94 -9.45
CA ILE E 20 -15.68 8.46 -8.09
C ILE E 20 -14.28 7.90 -8.05
N GLY E 21 -13.41 8.55 -7.29
CA GLY E 21 -12.01 8.23 -7.33
C GLY E 21 -11.71 6.86 -6.77
N GLY E 22 -10.66 6.26 -7.31
CA GLY E 22 -10.24 4.97 -6.83
C GLY E 22 -8.88 5.12 -6.21
N SER E 23 -7.85 4.61 -6.87
CA SER E 23 -6.51 4.72 -6.35
C SER E 23 -5.98 6.14 -6.49
N ASP E 24 -5.24 6.58 -5.48
CA ASP E 24 -4.42 7.77 -5.58
C ASP E 24 -3.01 7.45 -6.07
N ALA E 25 -2.82 6.24 -6.62
CA ALA E 25 -1.52 5.74 -7.02
C ALA E 25 -0.89 6.62 -8.10
N PHE E 26 0.42 6.46 -8.28
CA PHE E 26 1.15 7.36 -9.17
C PHE E 26 0.76 7.08 -10.60
N ALA E 27 0.02 8.03 -11.17
CA ALA E 27 -0.34 8.05 -12.58
C ALA E 27 0.91 8.01 -13.44
N ALA E 28 0.82 7.29 -14.55
CA ALA E 28 1.90 7.29 -15.51
C ALA E 28 2.02 8.66 -16.16
N ILE E 29 3.15 8.86 -16.85
CA ILE E 29 3.73 10.18 -17.08
C ILE E 29 2.80 11.06 -17.91
N GLY E 30 2.08 10.48 -18.86
CA GLY E 30 1.03 11.22 -19.51
C GLY E 30 -0.36 10.76 -19.20
N ALA E 31 -0.54 9.83 -18.27
CA ALA E 31 -1.78 9.07 -18.20
C ALA E 31 -2.85 9.82 -17.43
N ILE E 32 -3.93 9.11 -17.11
CA ILE E 32 -5.04 9.68 -16.35
C ILE E 32 -4.61 9.90 -14.92
N ASN E 33 -4.78 11.13 -14.43
CA ASN E 33 -4.32 11.49 -13.10
C ASN E 33 -5.30 11.12 -12.00
N SER E 34 -6.60 11.18 -12.28
CA SER E 34 -7.62 10.79 -11.31
C SER E 34 -8.39 9.62 -11.90
N PRO E 35 -7.95 8.39 -11.69
CA PRO E 35 -8.67 7.26 -12.25
C PRO E 35 -9.93 6.95 -11.45
N VAL E 36 -10.96 6.53 -12.17
CA VAL E 36 -12.25 6.23 -11.56
C VAL E 36 -12.15 4.82 -11.00
N ILE E 37 -13.09 4.41 -10.16
CA ILE E 37 -13.08 3.08 -9.59
C ILE E 37 -13.75 2.13 -10.58
N LYS E 38 -13.21 0.92 -10.68
CA LYS E 38 -13.57 0.01 -11.76
C LYS E 38 -13.67 -1.41 -11.23
N ASP E 39 -14.68 -2.13 -11.69
CA ASP E 39 -14.84 -3.57 -11.50
C ASP E 39 -13.63 -4.30 -12.09
N PRO E 40 -12.90 -5.10 -11.32
CA PRO E 40 -11.64 -5.67 -11.86
C PRO E 40 -11.83 -6.75 -12.91
N ILE E 41 -13.04 -7.28 -13.09
CA ILE E 41 -13.28 -8.29 -14.11
C ILE E 41 -13.58 -7.64 -15.45
N THR E 42 -14.65 -6.87 -15.51
CA THR E 42 -15.13 -6.33 -16.77
C THR E 42 -14.58 -4.95 -17.09
N ASN E 43 -13.90 -4.30 -16.14
CA ASN E 43 -13.34 -2.95 -16.25
C ASN E 43 -14.38 -1.89 -16.57
N LEU E 44 -15.62 -2.13 -16.20
CA LEU E 44 -16.67 -1.15 -16.34
C LEU E 44 -16.61 -0.19 -15.16
N PRO E 45 -17.29 0.94 -15.23
CA PRO E 45 -17.50 1.74 -14.03
C PRO E 45 -18.37 1.04 -12.99
N ILE E 46 -18.23 1.50 -11.76
CA ILE E 46 -18.95 0.99 -10.61
C ILE E 46 -19.21 2.13 -9.65
N ILE E 47 -20.46 2.35 -9.28
CA ILE E 47 -20.73 3.15 -8.10
C ILE E 47 -20.72 2.20 -6.90
N PRO E 48 -19.83 2.39 -5.93
CA PRO E 48 -19.81 1.49 -4.78
C PRO E 48 -20.98 1.79 -3.87
N GLY E 49 -21.28 0.86 -3.00
CA GLY E 49 -22.33 1.14 -2.04
C GLY E 49 -21.93 2.09 -0.95
N SER E 50 -20.63 2.32 -0.77
CA SER E 50 -20.20 3.17 0.33
C SER E 50 -20.27 4.64 -0.02
N SER E 51 -20.10 5.02 -1.29
CA SER E 51 -20.43 6.38 -1.69
C SER E 51 -21.90 6.65 -1.53
N LEU E 52 -22.74 5.70 -1.97
CA LEU E 52 -24.17 5.79 -1.81
C LEU E 52 -24.61 5.80 -0.36
N LYS E 53 -23.83 5.22 0.55
CA LYS E 53 -24.18 5.29 1.96
C LYS E 53 -23.70 6.57 2.60
N GLY E 54 -22.47 6.98 2.33
CA GLY E 54 -21.91 8.14 2.97
C GLY E 54 -22.57 9.44 2.55
N LYS E 55 -22.81 9.60 1.27
CA LYS E 55 -23.41 10.84 0.80
C LYS E 55 -24.85 10.96 1.24
N MET E 56 -25.61 9.86 1.17
CA MET E 56 -26.98 9.85 1.66
C MET E 56 -27.03 10.04 3.17
N ARG E 57 -26.03 9.52 3.88
CA ARG E 57 -25.90 9.68 5.32
C ARG E 57 -25.74 11.16 5.69
N THR E 58 -24.78 11.84 5.08
CA THR E 58 -24.57 13.25 5.41
C THR E 58 -25.60 14.17 4.77
N LEU E 59 -26.43 13.68 3.85
CA LEU E 59 -27.52 14.50 3.37
C LEU E 59 -28.74 14.41 4.27
N LEU E 60 -29.09 13.22 4.74
CA LEU E 60 -30.17 13.09 5.71
C LEU E 60 -29.76 13.67 7.06
N ALA E 61 -28.47 13.70 7.36
CA ALA E 61 -28.03 14.31 8.61
C ALA E 61 -28.16 15.82 8.62
N LYS E 62 -28.17 16.46 7.46
CA LYS E 62 -28.45 17.89 7.41
C LYS E 62 -29.93 18.19 7.62
N VAL E 63 -30.79 17.18 7.51
CA VAL E 63 -32.22 17.37 7.63
C VAL E 63 -32.76 16.80 8.94
N TYR E 64 -32.30 15.62 9.33
CA TYR E 64 -32.97 14.85 10.36
C TYR E 64 -32.22 14.85 11.69
N ASN E 65 -31.39 15.85 11.94
CA ASN E 65 -30.74 15.96 13.23
C ASN E 65 -31.52 16.94 14.11
N GLU E 66 -30.97 17.27 15.27
CA GLU E 66 -31.34 18.48 15.99
C GLU E 66 -30.14 19.40 16.17
N LYS E 67 -29.04 18.88 16.67
CA LYS E 67 -27.79 19.62 16.72
C LYS E 67 -26.83 19.12 15.65
N VAL E 68 -25.78 19.89 15.42
CA VAL E 68 -24.75 19.47 14.47
C VAL E 68 -23.92 18.36 15.09
N ALA E 69 -23.86 17.23 14.41
CA ALA E 69 -23.17 16.06 14.94
C ALA E 69 -21.67 16.21 14.83
N GLU E 70 -20.96 15.56 15.74
CA GLU E 70 -19.51 15.59 15.78
C GLU E 70 -18.90 14.37 15.11
N LYS E 71 -19.71 13.36 14.80
CA LYS E 71 -19.27 12.11 14.19
C LYS E 71 -20.52 11.36 13.72
N PRO E 72 -20.37 10.38 12.82
CA PRO E 72 -21.53 9.56 12.42
C PRO E 72 -22.18 8.75 13.53
N SER E 73 -21.54 8.64 14.69
CA SER E 73 -22.14 8.00 15.85
C SER E 73 -22.94 8.97 16.72
N ASP E 74 -22.80 10.27 16.50
CA ASP E 74 -23.50 11.29 17.28
C ASP E 74 -24.82 11.69 16.61
N ASP E 75 -25.39 10.82 15.79
CA ASP E 75 -26.59 11.15 15.03
C ASP E 75 -27.84 11.02 15.90
N SER E 76 -29.00 11.13 15.26
CA SER E 76 -30.27 11.03 15.94
C SER E 76 -30.66 9.58 16.17
N ASP E 77 -31.93 9.36 16.51
CA ASP E 77 -32.49 8.02 16.62
C ASP E 77 -33.09 7.54 15.32
N ILE E 78 -33.45 8.46 14.43
CA ILE E 78 -34.03 8.09 13.14
C ILE E 78 -32.96 7.71 12.13
N LEU E 79 -31.76 8.27 12.24
CA LEU E 79 -30.66 7.93 11.34
C LEU E 79 -29.78 6.81 11.87
N SER E 80 -29.68 6.65 13.19
CA SER E 80 -28.89 5.56 13.72
C SER E 80 -29.58 4.23 13.50
N ARG E 81 -30.90 4.21 13.51
CA ARG E 81 -31.58 2.95 13.26
C ARG E 81 -31.57 2.61 11.78
N LEU E 82 -31.51 3.63 10.91
CA LEU E 82 -31.53 3.39 9.49
C LEU E 82 -30.15 3.00 8.98
N PHE E 83 -29.12 3.68 9.45
CA PHE E 83 -27.79 3.45 8.92
C PHE E 83 -26.97 2.58 9.85
N GLY E 84 -26.78 3.02 11.08
CA GLY E 84 -26.04 2.23 12.04
C GLY E 84 -25.22 3.06 12.98
N ASN E 85 -25.35 2.79 14.27
CA ASN E 85 -24.59 3.49 15.29
C ASN E 85 -23.55 2.53 15.86
N SER E 86 -22.30 2.95 15.87
CA SER E 86 -21.26 2.11 16.43
C SER E 86 -21.22 2.14 17.94
N LYS E 87 -21.90 3.10 18.56
CA LYS E 87 -21.82 3.26 20.00
C LYS E 87 -22.96 2.60 20.75
N ASP E 88 -24.15 2.57 20.18
CA ASP E 88 -25.29 2.09 20.93
C ASP E 88 -25.30 0.57 21.04
N LYS E 89 -26.06 0.09 22.02
CA LYS E 89 -26.20 -1.32 22.33
C LYS E 89 -27.32 -1.97 21.55
N ARG E 90 -28.14 -1.18 20.85
CA ARG E 90 -29.21 -1.73 20.04
C ARG E 90 -29.19 -1.23 18.60
N PHE E 91 -28.19 -0.47 18.21
CA PHE E 91 -28.18 0.14 16.88
C PHE E 91 -26.96 -0.25 16.08
N LYS E 92 -26.24 -1.27 16.51
CA LYS E 92 -25.21 -1.87 15.68
C LYS E 92 -25.88 -2.67 14.58
N MET E 93 -25.35 -2.53 13.37
CA MET E 93 -25.84 -3.24 12.20
C MET E 93 -27.32 -3.02 12.01
N GLY E 94 -27.76 -1.77 11.94
CA GLY E 94 -29.18 -1.56 11.79
C GLY E 94 -29.85 -1.02 10.55
N ARG E 95 -30.75 -1.84 10.02
CA ARG E 95 -31.67 -1.53 8.93
C ARG E 95 -31.28 -1.09 7.53
N LEU E 96 -30.13 -1.44 6.99
CA LEU E 96 -29.93 -1.08 5.59
C LEU E 96 -28.64 -1.65 5.08
N ILE E 97 -28.71 -2.34 3.95
CA ILE E 97 -27.53 -2.85 3.26
C ILE E 97 -27.48 -2.18 1.91
N PHE E 98 -26.48 -1.34 1.70
CA PHE E 98 -26.37 -0.63 0.42
C PHE E 98 -25.47 -1.50 -0.45
N ARG E 99 -26.08 -2.25 -1.35
CA ARG E 99 -25.32 -3.02 -2.31
C ARG E 99 -24.74 -2.08 -3.37
N ASP E 100 -23.89 -2.63 -4.22
CA ASP E 100 -23.18 -1.81 -5.20
C ASP E 100 -24.07 -1.45 -6.40
N ALA E 101 -23.45 -0.94 -7.45
CA ALA E 101 -24.18 -0.48 -8.62
C ALA E 101 -23.30 -0.72 -9.83
N PHE E 102 -23.82 -1.44 -10.83
CA PHE E 102 -22.93 -2.19 -11.70
C PHE E 102 -23.22 -2.05 -13.20
N LEU E 103 -23.60 -0.85 -13.67
CA LEU E 103 -23.66 -0.50 -15.08
C LEU E 103 -24.61 -1.42 -15.87
N SER E 104 -25.90 -1.23 -15.59
CA SER E 104 -26.98 -2.00 -16.22
C SER E 104 -26.95 -1.93 -17.74
N ASN E 105 -26.96 -0.72 -18.31
CA ASN E 105 -26.89 -0.58 -19.76
C ASN E 105 -25.43 -0.49 -20.18
N ALA E 106 -24.73 -1.62 -20.07
CA ALA E 106 -23.39 -1.71 -20.62
C ALA E 106 -23.38 -1.92 -22.12
N ASP E 107 -24.56 -2.06 -22.75
CA ASP E 107 -24.65 -2.21 -24.19
C ASP E 107 -25.68 -1.32 -24.84
N GLU E 108 -26.54 -0.62 -24.09
CA GLU E 108 -27.36 0.40 -24.71
C GLU E 108 -26.54 1.64 -25.04
N LEU E 109 -25.51 1.92 -24.24
CA LEU E 109 -24.53 2.92 -24.64
C LEU E 109 -23.80 2.50 -25.90
N ASP E 110 -23.46 1.22 -26.00
CA ASP E 110 -22.76 0.68 -27.15
C ASP E 110 -23.66 0.55 -28.38
N SER E 111 -24.98 0.66 -28.23
CA SER E 111 -25.86 0.81 -29.38
C SER E 111 -25.87 2.23 -29.91
N LEU E 112 -25.45 3.20 -29.11
CA LEU E 112 -25.14 4.53 -29.59
C LEU E 112 -23.65 4.58 -29.91
N GLY E 113 -23.11 5.77 -30.13
CA GLY E 113 -21.71 5.89 -30.48
C GLY E 113 -20.78 6.07 -29.29
N VAL E 114 -20.58 5.02 -28.49
CA VAL E 114 -19.70 5.09 -27.33
C VAL E 114 -18.42 4.33 -27.65
N ARG E 115 -17.30 5.06 -27.69
CA ARG E 115 -15.98 4.47 -27.83
C ARG E 115 -15.69 3.62 -26.60
N SER E 116 -15.56 4.27 -25.44
CA SER E 116 -15.28 3.56 -24.20
C SER E 116 -16.15 4.14 -23.10
N TYR E 117 -16.24 3.41 -22.00
CA TYR E 117 -17.24 3.68 -20.97
C TYR E 117 -16.79 4.71 -19.94
N THR E 118 -15.62 5.30 -20.09
CA THR E 118 -15.18 6.38 -19.22
C THR E 118 -14.52 7.44 -20.08
N GLU E 119 -15.12 8.62 -20.16
CA GLU E 119 -14.44 9.69 -20.84
C GLU E 119 -13.33 10.25 -19.96
N VAL E 120 -12.41 10.98 -20.59
CA VAL E 120 -11.32 11.64 -19.90
C VAL E 120 -11.49 13.14 -20.15
N LYS E 121 -12.00 13.84 -19.15
CA LYS E 121 -12.10 15.28 -19.24
C LYS E 121 -10.75 15.89 -18.91
N PHE E 122 -10.19 16.62 -19.86
CA PHE E 122 -8.99 17.40 -19.62
C PHE E 122 -9.40 18.69 -18.96
N GLU E 123 -8.53 19.22 -18.11
CA GLU E 123 -8.93 20.26 -17.19
C GLU E 123 -7.65 20.93 -16.74
N ASN E 124 -7.76 22.12 -16.16
CA ASN E 124 -6.53 22.72 -15.62
C ASN E 124 -6.88 23.61 -14.42
N THR E 125 -5.91 24.44 -14.02
CA THR E 125 -6.15 25.49 -13.05
C THR E 125 -5.25 26.67 -13.41
N ILE E 126 -5.78 27.88 -13.32
CA ILE E 126 -5.02 29.08 -13.64
C ILE E 126 -4.61 29.71 -12.33
N ASP E 127 -3.31 29.83 -12.12
CA ASP E 127 -2.78 30.50 -10.94
C ASP E 127 -3.16 31.98 -10.96
N ARG E 128 -3.33 32.57 -9.78
CA ARG E 128 -3.78 33.95 -9.78
C ARG E 128 -2.64 34.93 -10.05
N ILE E 129 -1.52 34.66 -9.41
CA ILE E 129 -0.31 35.41 -9.62
C ILE E 129 0.49 34.50 -10.53
N THR E 130 0.94 35.07 -11.66
CA THR E 130 1.77 34.50 -12.76
C THR E 130 0.98 33.68 -13.77
N ALA E 131 -0.32 33.53 -13.52
CA ALA E 131 -1.23 32.92 -14.48
C ALA E 131 -0.73 31.67 -15.19
N GLU E 132 -0.05 30.76 -14.50
CA GLU E 132 0.39 29.53 -15.14
C GLU E 132 -0.78 28.57 -15.24
N ALA E 133 -0.47 27.34 -15.61
CA ALA E 133 -1.50 26.35 -15.82
C ALA E 133 -1.02 24.97 -15.43
N ASN E 134 -1.76 24.32 -14.55
CA ASN E 134 -1.48 22.96 -14.13
C ASN E 134 -2.59 22.06 -14.62
N PRO E 135 -2.39 21.28 -15.67
CA PRO E 135 -3.49 20.49 -16.24
C PRO E 135 -3.70 19.21 -15.45
N ARG E 136 -4.81 18.54 -15.76
CA ARG E 136 -5.16 17.28 -15.15
C ARG E 136 -6.08 16.54 -16.10
N GLN E 137 -5.90 15.24 -16.20
CA GLN E 137 -6.67 14.41 -17.10
C GLN E 137 -7.56 13.56 -16.21
N ILE E 138 -8.70 14.07 -15.79
CA ILE E 138 -9.48 13.31 -14.82
C ILE E 138 -10.63 12.63 -15.51
N GLU E 139 -10.96 11.45 -15.03
CA GLU E 139 -11.78 10.47 -15.70
C GLU E 139 -13.18 10.46 -15.10
N ARG E 140 -14.18 10.27 -15.96
CA ARG E 140 -15.53 10.18 -15.43
C ARG E 140 -16.38 9.32 -16.34
N ALA E 141 -17.40 8.70 -15.75
CA ALA E 141 -18.27 7.79 -16.48
C ALA E 141 -19.16 8.54 -17.48
N ILE E 142 -19.82 7.76 -18.34
CA ILE E 142 -20.58 8.31 -19.46
C ILE E 142 -21.85 9.01 -18.95
N ARG E 143 -22.31 10.00 -19.72
CA ARG E 143 -23.42 10.85 -19.33
C ARG E 143 -24.74 10.09 -19.17
N ASN E 144 -24.94 9.02 -19.93
CA ASN E 144 -26.24 8.36 -19.89
C ASN E 144 -26.13 6.90 -19.47
N SER E 145 -25.23 6.60 -18.55
CA SER E 145 -25.18 5.28 -17.97
C SER E 145 -26.32 5.10 -16.98
N THR E 146 -26.73 3.86 -16.75
CA THR E 146 -27.60 3.54 -15.63
C THR E 146 -26.95 2.41 -14.83
N PHE E 147 -26.80 2.65 -13.55
CA PHE E 147 -26.24 1.69 -12.62
C PHE E 147 -27.38 1.02 -11.84
N ASP E 148 -27.08 -0.10 -11.21
CA ASP E 148 -28.09 -0.98 -10.63
C ASP E 148 -28.18 -0.80 -9.13
N PHE E 149 -29.14 -0.03 -8.66
CA PHE E 149 -29.26 0.32 -7.25
C PHE E 149 -30.20 -0.63 -6.54
N GLU E 150 -29.78 -1.15 -5.39
CA GLU E 150 -30.72 -1.90 -4.55
C GLU E 150 -30.35 -1.75 -3.08
N LEU E 151 -31.39 -1.75 -2.24
CA LEU E 151 -31.23 -1.61 -0.80
C LEU E 151 -32.08 -2.67 -0.12
N ILE E 152 -31.45 -3.56 0.64
CA ILE E 152 -32.18 -4.59 1.37
C ILE E 152 -32.55 -3.97 2.71
N TYR E 153 -33.61 -3.17 2.71
CA TYR E 153 -34.12 -2.65 3.98
C TYR E 153 -34.76 -3.79 4.74
N GLU E 154 -34.08 -4.28 5.77
CA GLU E 154 -34.64 -5.39 6.53
C GLU E 154 -35.44 -4.89 7.71
N ILE E 155 -36.65 -5.43 7.87
CA ILE E 155 -37.43 -5.19 9.08
C ILE E 155 -36.85 -6.12 10.14
N THR E 156 -36.99 -5.76 11.41
CA THR E 156 -36.34 -6.49 12.49
C THR E 156 -37.28 -7.11 13.50
N ASP E 157 -38.61 -7.04 13.30
CA ASP E 157 -39.64 -7.41 14.30
C ASP E 157 -39.46 -6.68 15.62
N GLU E 158 -38.96 -5.44 15.56
CA GLU E 158 -38.81 -4.60 16.72
C GLU E 158 -39.40 -3.22 16.53
N ASN E 159 -39.66 -2.81 15.28
CA ASN E 159 -40.26 -1.52 15.06
C ASN E 159 -41.76 -1.62 14.78
N GLU E 160 -42.15 -2.29 13.68
CA GLU E 160 -43.50 -2.72 13.33
C GLU E 160 -44.54 -1.60 13.13
N ASN E 161 -44.18 -0.36 13.42
CA ASN E 161 -44.95 0.81 13.05
C ASN E 161 -44.05 1.90 12.51
N GLN E 162 -42.74 1.77 12.69
CA GLN E 162 -41.73 2.62 12.11
C GLN E 162 -41.28 2.14 10.74
N VAL E 163 -42.07 1.27 10.11
CA VAL E 163 -41.74 0.80 8.77
C VAL E 163 -41.94 1.91 7.76
N GLU E 164 -43.18 2.40 7.65
CA GLU E 164 -43.48 3.50 6.75
C GLU E 164 -42.87 4.81 7.22
N GLU E 165 -42.47 4.89 8.48
CA GLU E 165 -41.81 6.09 8.99
C GLU E 165 -40.44 6.26 8.36
N ASP E 166 -39.76 5.14 8.06
CA ASP E 166 -38.41 5.16 7.50
C ASP E 166 -38.39 5.36 5.99
N PHE E 167 -39.49 5.12 5.31
CA PHE E 167 -39.48 5.32 3.87
C PHE E 167 -39.79 6.73 3.46
N LYS E 168 -40.44 7.50 4.32
CA LYS E 168 -40.43 8.96 4.17
C LYS E 168 -39.04 9.54 4.37
N VAL E 169 -38.13 8.81 5.00
CA VAL E 169 -36.73 9.23 5.13
C VAL E 169 -35.91 8.74 3.94
N ILE E 170 -36.16 7.52 3.48
CA ILE E 170 -35.37 6.97 2.38
C ILE E 170 -35.70 7.64 1.05
N ARG E 171 -36.99 7.86 0.75
CA ARG E 171 -37.32 8.61 -0.45
C ARG E 171 -36.88 10.06 -0.35
N ASP E 172 -36.80 10.61 0.86
CA ASP E 172 -36.20 11.93 1.03
C ASP E 172 -34.71 11.92 0.72
N GLY E 173 -34.01 10.85 1.12
CA GLY E 173 -32.60 10.73 0.80
C GLY E 173 -32.36 10.57 -0.70
N LEU E 174 -33.26 9.87 -1.38
CA LEU E 174 -33.15 9.77 -2.83
C LEU E 174 -33.48 11.08 -3.52
N LYS E 175 -34.40 11.87 -2.97
CA LYS E 175 -34.62 13.21 -3.51
C LYS E 175 -33.42 14.11 -3.30
N LEU E 176 -32.74 13.98 -2.15
CA LEU E 176 -31.56 14.79 -1.89
C LEU E 176 -30.38 14.37 -2.76
N LEU E 177 -30.24 13.07 -3.04
CA LEU E 177 -29.26 12.64 -4.02
C LEU E 177 -29.62 13.10 -5.43
N GLU E 178 -30.91 13.22 -5.74
CA GLU E 178 -31.25 13.87 -6.99
C GLU E 178 -30.98 15.37 -6.97
N LEU E 179 -30.75 15.96 -5.79
CA LEU E 179 -30.31 17.34 -5.70
C LEU E 179 -28.84 17.52 -5.40
N ASP E 180 -28.21 16.63 -4.66
CA ASP E 180 -26.79 16.78 -4.37
C ASP E 180 -26.02 15.86 -5.33
N TYR E 181 -24.70 15.73 -5.16
CA TYR E 181 -23.92 15.30 -6.31
C TYR E 181 -23.42 13.87 -6.31
N LEU E 182 -23.35 13.16 -5.18
CA LEU E 182 -22.91 11.75 -5.12
C LEU E 182 -21.49 11.55 -5.66
N GLY E 183 -20.53 12.08 -4.92
CA GLY E 183 -19.16 11.72 -5.15
C GLY E 183 -18.45 12.46 -6.27
N GLY E 184 -17.21 12.84 -6.02
CA GLY E 184 -16.39 13.52 -7.00
C GLY E 184 -16.44 15.02 -6.83
N SER E 185 -15.88 15.71 -7.81
CA SER E 185 -15.77 17.16 -7.76
C SER E 185 -17.13 17.82 -7.98
N GLY E 186 -18.03 17.67 -7.02
CA GLY E 186 -19.43 17.95 -7.26
C GLY E 186 -19.81 19.41 -7.29
N SER E 187 -18.94 20.28 -6.80
CA SER E 187 -19.14 21.71 -6.99
C SER E 187 -18.60 22.19 -8.32
N ARG E 188 -18.04 21.29 -9.11
CA ARG E 188 -17.67 21.56 -10.49
C ARG E 188 -18.54 20.78 -11.46
N GLY E 189 -19.74 20.42 -11.02
CA GLY E 189 -20.73 19.88 -11.92
C GLY E 189 -20.51 18.46 -12.36
N TYR E 190 -20.04 17.58 -11.48
CA TYR E 190 -20.01 16.16 -11.81
C TYR E 190 -21.14 15.50 -11.05
N GLY E 191 -21.19 14.18 -11.13
CA GLY E 191 -22.18 13.47 -10.36
C GLY E 191 -23.56 13.50 -10.94
N LYS E 192 -24.45 14.31 -10.36
CA LYS E 192 -25.84 14.58 -10.74
C LYS E 192 -26.60 13.31 -11.10
N VAL E 193 -26.87 12.47 -10.12
CA VAL E 193 -27.55 11.23 -10.40
C VAL E 193 -29.02 11.51 -10.55
N ALA E 194 -29.76 10.54 -11.07
CA ALA E 194 -31.21 10.58 -11.02
C ALA E 194 -31.67 9.14 -10.93
N PHE E 195 -32.85 8.94 -10.36
CA PHE E 195 -33.26 7.60 -9.96
C PHE E 195 -34.47 7.17 -10.76
N GLU E 196 -34.22 6.37 -11.79
CA GLU E 196 -35.30 5.83 -12.62
C GLU E 196 -35.90 4.60 -11.96
N ASN E 197 -37.24 4.52 -12.00
CA ASN E 197 -38.02 3.32 -11.68
C ASN E 197 -37.78 2.82 -10.25
N LEU E 198 -38.18 3.66 -9.29
CA LEU E 198 -38.17 3.21 -7.90
C LEU E 198 -39.25 2.17 -7.65
N LYS E 199 -38.86 1.06 -7.03
CA LYS E 199 -39.79 -0.04 -6.80
C LYS E 199 -39.30 -0.85 -5.61
N ALA E 200 -40.10 -0.89 -4.54
CA ALA E 200 -39.82 -1.69 -3.37
C ALA E 200 -40.55 -3.02 -3.48
N THR E 201 -39.85 -4.10 -3.13
CA THR E 201 -40.42 -5.43 -3.26
C THR E 201 -39.92 -6.34 -2.15
N THR E 202 -40.85 -7.04 -1.49
CA THR E 202 -40.47 -7.99 -0.46
C THR E 202 -39.86 -9.22 -1.10
N VAL E 203 -38.64 -9.56 -0.67
CA VAL E 203 -37.95 -10.75 -1.14
C VAL E 203 -37.97 -11.87 -0.12
N PHE E 204 -38.38 -11.59 1.13
CA PHE E 204 -38.43 -12.59 2.17
C PHE E 204 -39.44 -12.16 3.22
N GLY E 205 -40.28 -13.09 3.67
CA GLY E 205 -41.28 -12.78 4.67
C GLY E 205 -42.59 -12.38 4.03
N ASN E 206 -43.31 -11.45 4.64
CA ASN E 206 -44.54 -10.94 4.04
C ASN E 206 -44.81 -9.53 4.55
N TYR E 207 -44.86 -8.58 3.62
CA TYR E 207 -45.24 -7.21 3.96
C TYR E 207 -46.01 -6.60 2.80
N ASP E 208 -46.67 -5.49 3.10
CA ASP E 208 -47.53 -4.79 2.17
C ASP E 208 -46.73 -3.69 1.49
N VAL E 209 -45.85 -4.11 0.58
CA VAL E 209 -45.07 -3.14 -0.18
C VAL E 209 -45.89 -2.48 -1.26
N LYS E 210 -47.03 -3.07 -1.63
CA LYS E 210 -47.91 -2.52 -2.65
C LYS E 210 -48.61 -1.25 -2.18
N THR E 211 -48.82 -1.11 -0.87
CA THR E 211 -49.32 0.12 -0.28
C THR E 211 -48.21 1.12 0.02
N LEU E 212 -47.02 0.88 -0.50
CA LEU E 212 -45.80 1.58 -0.14
C LEU E 212 -45.03 2.06 -1.35
N ASN E 213 -45.28 1.45 -2.52
CA ASN E 213 -44.76 1.97 -3.77
C ASN E 213 -45.50 3.23 -4.22
N GLU E 214 -46.65 3.53 -3.59
CA GLU E 214 -47.38 4.75 -3.91
C GLU E 214 -46.58 6.00 -3.56
N LEU E 215 -45.76 5.93 -2.50
CA LEU E 215 -44.92 7.05 -2.15
C LEU E 215 -43.73 7.12 -3.09
N LEU E 216 -43.26 5.95 -3.53
CA LEU E 216 -42.21 5.90 -4.54
C LEU E 216 -42.72 6.38 -5.89
N THR E 217 -43.86 5.86 -6.32
CA THR E 217 -44.59 6.23 -7.54
C THR E 217 -43.74 6.15 -8.80
N THR F 2 -32.11 -44.37 10.84
CA THR F 2 -30.91 -44.93 10.24
C THR F 2 -29.87 -43.84 10.02
N PHE F 3 -28.74 -44.18 9.39
CA PHE F 3 -27.54 -43.36 9.42
C PHE F 3 -27.06 -43.04 8.01
N ALA F 4 -26.74 -41.77 7.78
CA ALA F 4 -26.16 -41.28 6.53
C ALA F 4 -25.59 -39.89 6.77
N LYS F 5 -24.72 -39.46 5.86
CA LYS F 5 -24.24 -38.08 5.79
C LYS F 5 -24.52 -37.54 4.41
N ILE F 6 -25.22 -36.42 4.33
CA ILE F 6 -25.70 -35.92 3.04
C ILE F 6 -25.16 -34.50 2.83
N LYS F 7 -24.10 -34.38 2.05
CA LYS F 7 -23.49 -33.07 1.90
C LYS F 7 -24.22 -32.22 0.88
N PHE F 8 -23.90 -30.93 0.90
CA PHE F 8 -24.60 -29.90 0.12
C PHE F 8 -23.56 -29.18 -0.72
N SER F 9 -23.24 -29.73 -1.88
CA SER F 9 -22.25 -29.09 -2.74
C SER F 9 -22.82 -27.82 -3.36
N ALA F 10 -21.95 -26.83 -3.54
CA ALA F 10 -22.33 -25.55 -4.13
C ALA F 10 -21.08 -24.82 -4.58
N GLN F 11 -21.22 -24.05 -5.64
CA GLN F 11 -20.30 -22.98 -5.96
C GLN F 11 -20.90 -21.71 -5.40
N ILE F 12 -20.15 -21.01 -4.58
CA ILE F 12 -20.61 -19.75 -4.03
C ILE F 12 -19.99 -18.68 -4.92
N ARG F 13 -20.79 -17.67 -5.27
CA ARG F 13 -20.36 -16.71 -6.28
C ARG F 13 -20.55 -15.30 -5.74
N LEU F 14 -19.48 -14.54 -5.71
CA LEU F 14 -19.56 -13.17 -5.24
C LEU F 14 -20.12 -12.29 -6.34
N GLU F 15 -21.15 -11.50 -6.04
CA GLU F 15 -21.55 -10.49 -7.00
C GLU F 15 -21.09 -9.09 -6.64
N THR F 16 -20.75 -8.83 -5.39
CA THR F 16 -19.87 -7.75 -5.01
C THR F 16 -18.66 -8.41 -4.37
N GLY F 17 -17.74 -7.62 -3.83
CA GLY F 17 -16.56 -8.21 -3.24
C GLY F 17 -16.84 -8.93 -1.94
N LEU F 18 -15.78 -9.47 -1.35
CA LEU F 18 -15.79 -9.89 0.04
C LEU F 18 -14.93 -8.98 0.87
N HIS F 19 -15.11 -9.07 2.18
CA HIS F 19 -14.10 -8.66 3.13
C HIS F 19 -14.28 -9.55 4.35
N ILE F 20 -13.31 -10.44 4.56
CA ILE F 20 -13.18 -11.18 5.81
C ILE F 20 -11.79 -10.90 6.33
N GLY F 21 -11.70 -10.18 7.43
CA GLY F 21 -10.42 -9.83 8.01
C GLY F 21 -9.83 -11.00 8.77
N GLY F 22 -8.66 -10.72 9.37
CA GLY F 22 -7.88 -11.72 10.11
C GLY F 22 -7.07 -11.04 11.19
N SER F 23 -6.10 -11.74 11.77
CA SER F 23 -5.26 -11.10 12.83
C SER F 23 -4.62 -9.85 12.23
N ASP F 24 -4.68 -8.74 12.98
CA ASP F 24 -4.16 -7.43 12.53
C ASP F 24 -2.64 -7.53 12.32
N ALA F 25 -2.14 -6.89 11.26
CA ALA F 25 -0.71 -6.90 10.91
C ALA F 25 -0.24 -5.46 10.64
N PHE F 26 1.07 -5.21 10.75
CA PHE F 26 1.65 -3.86 10.55
C PHE F 26 1.37 -3.38 9.12
N ALA F 27 0.95 -2.12 8.99
CA ALA F 27 0.65 -1.49 7.68
C ALA F 27 1.74 -0.44 7.44
N ALA F 28 2.66 -0.73 6.53
CA ALA F 28 3.80 0.19 6.28
C ALA F 28 3.37 1.27 5.29
N ILE F 29 2.51 2.20 5.73
CA ILE F 29 2.03 3.29 4.82
C ILE F 29 1.39 2.64 3.60
N GLY F 30 1.91 2.94 2.41
CA GLY F 30 1.34 2.39 1.19
C GLY F 30 0.56 1.08 1.34
N ALA F 31 1.05 0.19 2.19
CA ALA F 31 0.43 -1.12 2.37
C ALA F 31 -0.99 -1.04 2.90
N ILE F 32 -1.79 -2.02 2.48
CA ILE F 32 -3.19 -2.09 2.86
C ILE F 32 -3.38 -2.30 4.34
N ASN F 33 -4.22 -1.45 4.91
CA ASN F 33 -4.55 -1.49 6.32
C ASN F 33 -5.36 -2.70 6.75
N SER F 34 -6.29 -3.10 5.90
CA SER F 34 -7.26 -4.16 6.22
C SER F 34 -7.09 -5.28 5.21
N PRO F 35 -6.14 -6.18 5.43
CA PRO F 35 -5.96 -7.28 4.50
C PRO F 35 -6.96 -8.39 4.75
N VAL F 36 -7.38 -9.02 3.67
CA VAL F 36 -8.35 -10.11 3.73
C VAL F 36 -7.64 -11.37 4.20
N ILE F 37 -8.36 -12.25 4.89
CA ILE F 37 -7.77 -13.52 5.30
C ILE F 37 -7.54 -14.38 4.07
N LYS F 38 -6.50 -15.21 4.13
CA LYS F 38 -6.10 -15.97 2.96
C LYS F 38 -5.81 -17.41 3.31
N ASP F 39 -5.22 -18.14 2.38
CA ASP F 39 -4.74 -19.48 2.64
C ASP F 39 -3.22 -19.41 2.69
N PRO F 40 -2.58 -19.71 3.82
CA PRO F 40 -1.14 -19.45 3.96
C PRO F 40 -0.25 -20.33 3.10
N ILE F 41 -0.79 -21.39 2.50
CA ILE F 41 0.01 -22.19 1.57
C ILE F 41 -0.03 -21.60 0.18
N THR F 42 -1.23 -21.34 -0.33
CA THR F 42 -1.40 -20.94 -1.71
C THR F 42 -1.43 -19.43 -1.91
N ASN F 43 -1.50 -18.65 -0.83
CA ASN F 43 -1.69 -17.20 -0.83
C ASN F 43 -2.89 -16.80 -1.70
N LEU F 44 -4.02 -17.39 -1.36
CA LEU F 44 -5.26 -17.32 -2.09
C LEU F 44 -6.36 -17.06 -1.08
N PRO F 45 -7.38 -16.27 -1.43
CA PRO F 45 -8.41 -15.92 -0.44
C PRO F 45 -9.28 -17.09 -0.04
N ILE F 46 -10.13 -16.91 0.98
CA ILE F 46 -10.85 -18.02 1.58
C ILE F 46 -12.09 -17.44 2.23
N ILE F 47 -13.08 -18.29 2.49
CA ILE F 47 -14.14 -18.04 3.46
C ILE F 47 -14.04 -19.12 4.52
N PRO F 48 -13.58 -18.79 5.72
CA PRO F 48 -13.42 -19.83 6.74
C PRO F 48 -14.77 -20.30 7.23
N GLY F 49 -14.81 -21.57 7.64
CA GLY F 49 -16.06 -22.22 7.99
C GLY F 49 -16.75 -21.64 9.21
N SER F 50 -16.02 -20.95 10.07
CA SER F 50 -16.63 -20.27 11.19
C SER F 50 -17.36 -19.02 10.78
N SER F 51 -17.03 -18.45 9.63
CA SER F 51 -17.69 -17.26 9.13
C SER F 51 -18.96 -17.57 8.38
N LEU F 52 -19.24 -18.84 8.15
CA LEU F 52 -20.51 -19.28 7.59
C LEU F 52 -21.40 -19.93 8.62
N LYS F 53 -20.82 -20.63 9.60
CA LYS F 53 -21.62 -21.20 10.69
C LYS F 53 -22.21 -20.12 11.58
N GLY F 54 -21.50 -19.01 11.74
CA GLY F 54 -22.01 -17.92 12.53
C GLY F 54 -22.96 -17.04 11.75
N LYS F 55 -22.65 -16.83 10.47
CA LYS F 55 -23.48 -15.93 9.67
C LYS F 55 -24.81 -16.57 9.34
N MET F 56 -24.87 -17.89 9.17
CA MET F 56 -26.16 -18.49 8.93
C MET F 56 -26.98 -18.60 10.21
N ARG F 57 -26.32 -18.87 11.34
CA ARG F 57 -27.04 -18.99 12.60
C ARG F 57 -27.60 -17.66 13.06
N THR F 58 -26.82 -16.59 12.93
CA THR F 58 -27.29 -15.27 13.28
C THR F 58 -28.39 -14.78 12.34
N LEU F 59 -28.49 -15.37 11.16
CA LEU F 59 -29.54 -15.03 10.22
C LEU F 59 -30.82 -15.80 10.49
N LEU F 60 -30.72 -17.07 10.88
CA LEU F 60 -31.90 -17.84 11.22
C LEU F 60 -32.38 -17.57 12.63
N ALA F 61 -31.54 -16.97 13.47
CA ALA F 61 -32.01 -16.55 14.78
C ALA F 61 -32.96 -15.36 14.67
N LYS F 62 -32.92 -14.64 13.56
CA LYS F 62 -33.90 -13.59 13.32
C LYS F 62 -35.19 -14.14 12.75
N VAL F 63 -35.17 -15.36 12.22
CA VAL F 63 -36.35 -15.98 11.62
C VAL F 63 -37.00 -16.93 12.63
N TYR F 64 -36.21 -17.83 13.18
CA TYR F 64 -36.74 -18.84 14.09
C TYR F 64 -36.42 -18.52 15.53
N ASN F 65 -36.59 -17.25 15.92
CA ASN F 65 -36.16 -16.64 17.21
C ASN F 65 -36.71 -17.46 18.38
N GLU F 66 -38.02 -17.61 18.53
CA GLU F 66 -38.55 -18.38 19.63
C GLU F 66 -39.18 -19.66 19.12
N SER F 76 -34.49 -21.37 18.39
CA SER F 76 -34.07 -21.49 19.77
C SER F 76 -33.98 -22.96 20.19
N ASP F 77 -34.93 -23.75 19.70
CA ASP F 77 -34.92 -25.19 19.90
C ASP F 77 -34.75 -25.94 18.60
N ILE F 78 -34.72 -25.23 17.47
CA ILE F 78 -34.45 -25.81 16.17
C ILE F 78 -33.10 -25.36 15.62
N LEU F 79 -32.74 -24.10 15.87
CA LEU F 79 -31.37 -23.66 15.61
C LEU F 79 -30.39 -24.35 16.52
N SER F 80 -30.79 -24.61 17.76
CA SER F 80 -29.93 -25.30 18.71
C SER F 80 -29.72 -26.75 18.36
N ARG F 81 -30.67 -27.40 17.69
CA ARG F 81 -30.46 -28.76 17.23
C ARG F 81 -29.83 -28.84 15.86
N LEU F 82 -29.86 -27.75 15.09
CA LEU F 82 -29.16 -27.74 13.82
C LEU F 82 -27.70 -27.38 13.97
N PHE F 83 -27.37 -26.42 14.81
CA PHE F 83 -26.01 -25.94 14.90
C PHE F 83 -25.29 -26.39 16.15
N GLY F 84 -25.96 -26.37 17.28
CA GLY F 84 -25.34 -26.81 18.51
C GLY F 84 -25.65 -25.89 19.66
N ASN F 85 -25.55 -26.42 20.87
CA ASN F 85 -25.67 -25.61 22.08
C ASN F 85 -24.90 -26.34 23.16
N SER F 86 -23.97 -25.64 23.81
CA SER F 86 -23.03 -26.32 24.70
C SER F 86 -23.66 -26.67 26.02
N LYS F 87 -24.61 -25.85 26.47
CA LYS F 87 -25.19 -26.07 27.79
C LYS F 87 -26.21 -27.22 27.76
N ASP F 88 -27.05 -27.27 26.72
CA ASP F 88 -28.09 -28.29 26.62
C ASP F 88 -27.48 -29.66 26.37
N LYS F 89 -27.98 -30.67 27.07
CA LYS F 89 -27.36 -31.99 26.99
C LYS F 89 -27.72 -32.69 25.70
N ARG F 90 -28.82 -32.31 25.07
CA ARG F 90 -29.19 -32.94 23.82
C ARG F 90 -28.37 -32.44 22.63
N PHE F 91 -27.72 -31.27 22.76
CA PHE F 91 -27.30 -30.54 21.57
C PHE F 91 -25.86 -30.05 21.57
N LYS F 92 -24.98 -30.62 22.37
CA LYS F 92 -23.56 -30.33 22.20
C LYS F 92 -23.07 -31.04 20.95
N MET F 93 -22.44 -30.29 20.04
CA MET F 93 -21.89 -30.89 18.80
C MET F 93 -23.00 -31.61 18.02
N GLY F 94 -24.10 -30.90 17.72
CA GLY F 94 -25.17 -31.55 16.97
C GLY F 94 -25.68 -31.10 15.61
N ARG F 95 -25.73 -32.08 14.70
CA ARG F 95 -26.29 -31.98 13.35
C ARG F 95 -25.78 -31.07 12.24
N LEU F 96 -24.52 -30.67 12.24
CA LEU F 96 -24.06 -29.88 11.09
C LEU F 96 -22.55 -29.76 11.16
N ILE F 97 -21.92 -29.79 10.01
CA ILE F 97 -20.49 -29.57 9.87
C ILE F 97 -20.29 -28.74 8.62
N PHE F 98 -19.59 -27.63 8.74
CA PHE F 98 -19.32 -26.81 7.58
C PHE F 98 -17.90 -27.10 7.11
N ARG F 99 -17.42 -26.33 6.14
CA ARG F 99 -16.03 -26.43 5.71
C ARG F 99 -15.60 -25.06 5.21
N ASP F 100 -14.37 -24.97 4.71
CA ASP F 100 -13.86 -23.72 4.16
C ASP F 100 -14.42 -23.47 2.77
N ALA F 101 -13.80 -22.55 2.05
CA ALA F 101 -14.26 -22.24 0.70
C ALA F 101 -13.05 -21.87 -0.14
N PHE F 102 -12.60 -22.81 -0.97
CA PHE F 102 -11.22 -22.86 -1.41
C PHE F 102 -10.96 -22.23 -2.78
N LEU F 103 -11.86 -21.39 -3.28
CA LEU F 103 -11.70 -20.66 -4.54
C LEU F 103 -11.49 -21.58 -5.73
N SER F 104 -12.57 -22.22 -6.19
CA SER F 104 -12.48 -23.20 -7.25
C SER F 104 -12.02 -22.60 -8.57
N ASN F 105 -12.54 -21.44 -8.94
CA ASN F 105 -12.23 -20.88 -10.27
C ASN F 105 -10.99 -19.98 -10.22
N ALA F 106 -9.88 -20.58 -9.80
CA ALA F 106 -8.61 -19.87 -9.82
C ALA F 106 -8.09 -19.65 -11.23
N ASP F 107 -8.64 -20.32 -12.23
CA ASP F 107 -8.21 -20.19 -13.60
C ASP F 107 -9.29 -19.70 -14.54
N GLU F 108 -10.57 -19.83 -14.17
CA GLU F 108 -11.63 -19.16 -14.90
C GLU F 108 -11.59 -17.65 -14.69
N LEU F 109 -10.98 -17.20 -13.58
CA LEU F 109 -10.67 -15.79 -13.43
C LEU F 109 -9.59 -15.36 -14.42
N ASP F 110 -8.56 -16.19 -14.60
CA ASP F 110 -7.57 -15.91 -15.64
C ASP F 110 -8.15 -16.07 -17.04
N SER F 111 -9.11 -16.98 -17.21
CA SER F 111 -9.78 -17.16 -18.50
C SER F 111 -10.79 -16.07 -18.78
N LEU F 112 -11.33 -15.44 -17.73
CA LEU F 112 -12.04 -14.18 -17.91
C LEU F 112 -11.08 -13.01 -18.05
N GLY F 113 -9.87 -13.15 -17.53
CA GLY F 113 -8.81 -12.19 -17.74
C GLY F 113 -8.70 -11.23 -16.58
N VAL F 114 -7.76 -11.48 -15.67
CA VAL F 114 -7.64 -10.70 -14.44
C VAL F 114 -6.19 -10.83 -13.99
N ARG F 115 -5.75 -9.89 -13.15
CA ARG F 115 -4.33 -9.85 -12.86
C ARG F 115 -3.99 -10.42 -11.49
N SER F 116 -4.70 -10.00 -10.45
CA SER F 116 -4.45 -10.54 -9.12
C SER F 116 -5.78 -10.75 -8.44
N TYR F 117 -5.83 -11.75 -7.57
CA TYR F 117 -7.09 -12.30 -7.10
C TYR F 117 -7.79 -11.43 -6.07
N THR F 118 -7.12 -10.43 -5.51
CA THR F 118 -7.75 -9.50 -4.58
C THR F 118 -7.56 -8.08 -5.07
N GLU F 119 -8.64 -7.31 -5.07
CA GLU F 119 -8.55 -5.89 -5.37
C GLU F 119 -8.39 -5.10 -4.09
N VAL F 120 -7.99 -3.85 -4.24
CA VAL F 120 -7.75 -2.95 -3.12
C VAL F 120 -8.69 -1.78 -3.32
N LYS F 121 -9.82 -1.79 -2.63
CA LYS F 121 -10.77 -0.70 -2.72
C LYS F 121 -10.27 0.43 -1.85
N PHE F 122 -10.03 1.58 -2.45
CA PHE F 122 -9.68 2.76 -1.67
C PHE F 122 -10.96 3.40 -1.15
N GLU F 123 -10.87 4.02 0.01
CA GLU F 123 -12.08 4.47 0.68
C GLU F 123 -11.64 5.57 1.64
N ASN F 124 -12.59 6.30 2.22
CA ASN F 124 -12.18 7.35 3.17
C ASN F 124 -13.24 7.54 4.23
N THR F 125 -13.03 8.53 5.09
CA THR F 125 -13.90 8.91 6.20
C THR F 125 -13.89 10.42 6.30
N ILE F 126 -15.05 11.04 6.35
CA ILE F 126 -15.15 12.50 6.36
C ILE F 126 -15.86 12.94 7.63
N ASP F 127 -15.18 13.76 8.42
CA ASP F 127 -15.78 14.34 9.61
C ASP F 127 -16.87 15.33 9.23
N ARG F 128 -17.83 15.50 10.14
CA ARG F 128 -18.94 16.40 9.94
C ARG F 128 -18.73 17.74 10.61
N ILE F 129 -17.49 18.03 11.01
CA ILE F 129 -17.14 19.29 11.66
C ILE F 129 -16.02 19.95 10.87
N THR F 130 -14.93 19.21 10.68
CA THR F 130 -13.76 19.71 9.96
C THR F 130 -13.89 19.51 8.46
N ALA F 131 -14.78 18.59 8.05
CA ALA F 131 -14.92 18.13 6.66
C ALA F 131 -13.59 17.65 6.10
N GLU F 132 -12.87 16.89 6.92
CA GLU F 132 -11.54 16.42 6.64
C GLU F 132 -11.56 14.94 6.31
N ALA F 133 -10.82 14.53 5.29
CA ALA F 133 -10.81 13.13 4.90
C ALA F 133 -9.94 12.32 5.86
N ASN F 134 -10.05 11.00 5.75
CA ASN F 134 -9.29 10.05 6.54
C ASN F 134 -9.31 8.72 5.78
N PRO F 135 -8.31 8.43 4.99
CA PRO F 135 -8.43 7.34 4.02
C PRO F 135 -8.10 5.94 4.53
N ARG F 136 -8.77 4.96 3.92
CA ARG F 136 -8.63 3.55 4.18
C ARG F 136 -8.28 2.83 2.89
N GLN F 137 -7.66 1.67 3.03
CA GLN F 137 -7.53 0.73 1.94
C GLN F 137 -8.07 -0.61 2.39
N ILE F 138 -9.06 -1.13 1.68
CA ILE F 138 -9.75 -2.34 2.08
C ILE F 138 -9.43 -3.39 1.04
N GLU F 139 -8.70 -4.42 1.43
CA GLU F 139 -8.46 -5.51 0.50
C GLU F 139 -9.71 -6.37 0.41
N ARG F 140 -10.00 -6.82 -0.80
CA ARG F 140 -11.29 -7.39 -1.13
C ARG F 140 -11.10 -8.53 -2.12
N ALA F 141 -11.82 -9.62 -1.90
CA ALA F 141 -11.83 -10.70 -2.90
C ALA F 141 -12.71 -10.27 -4.05
N ILE F 142 -12.23 -10.49 -5.27
CA ILE F 142 -12.81 -9.81 -6.43
C ILE F 142 -14.14 -10.45 -6.82
N ARG F 143 -14.87 -9.73 -7.67
CA ARG F 143 -16.20 -10.10 -8.11
C ARG F 143 -16.15 -11.35 -8.98
N ASN F 144 -17.29 -12.04 -9.07
CA ASN F 144 -17.55 -13.33 -9.70
C ASN F 144 -16.45 -14.38 -9.54
N SER F 145 -15.86 -14.44 -8.35
CA SER F 145 -15.13 -15.64 -7.96
C SER F 145 -16.11 -16.67 -7.45
N THR F 146 -15.75 -17.93 -7.61
CA THR F 146 -16.51 -19.02 -7.02
C THR F 146 -15.69 -19.65 -5.91
N PHE F 147 -16.40 -20.25 -4.98
CA PHE F 147 -15.82 -20.89 -3.81
C PHE F 147 -16.48 -22.24 -3.61
N ASP F 148 -15.68 -23.25 -3.32
CA ASP F 148 -16.19 -24.61 -3.16
C ASP F 148 -16.86 -24.74 -1.80
N PHE F 149 -18.17 -24.48 -1.75
CA PHE F 149 -18.93 -24.57 -0.53
C PHE F 149 -19.53 -25.97 -0.42
N GLU F 150 -19.47 -26.54 0.78
CA GLU F 150 -20.09 -27.83 1.05
C GLU F 150 -20.42 -27.91 2.53
N LEU F 151 -21.45 -28.70 2.84
CA LEU F 151 -22.10 -28.63 4.15
C LEU F 151 -22.59 -30.04 4.50
N ILE F 152 -21.81 -30.75 5.31
CA ILE F 152 -22.23 -32.05 5.79
C ILE F 152 -23.40 -31.88 6.75
N TYR F 153 -24.45 -32.66 6.52
CA TYR F 153 -25.57 -32.76 7.47
C TYR F 153 -25.75 -34.22 7.80
N GLU F 154 -25.52 -34.59 9.06
CA GLU F 154 -25.43 -35.98 9.49
C GLU F 154 -26.80 -36.47 9.94
N ILE F 155 -27.20 -37.63 9.45
CA ILE F 155 -28.49 -38.22 9.81
C ILE F 155 -28.23 -39.33 10.83
N THR F 156 -28.96 -39.30 11.93
CA THR F 156 -28.73 -40.25 13.01
C THR F 156 -30.07 -40.76 13.51
N ASP F 157 -30.05 -41.47 14.64
CA ASP F 157 -31.27 -42.09 15.16
C ASP F 157 -32.20 -41.04 15.77
N GLU F 158 -31.64 -40.12 16.56
CA GLU F 158 -32.45 -39.06 17.18
C GLU F 158 -32.86 -38.01 16.15
N ASN F 159 -32.13 -38.05 15.05
CA ASN F 159 -32.28 -37.23 13.87
C ASN F 159 -33.62 -37.47 13.19
N GLU F 160 -34.04 -38.72 13.20
CA GLU F 160 -35.26 -39.17 12.53
C GLU F 160 -36.56 -38.49 12.95
N ASN F 161 -37.40 -38.31 11.93
CA ASN F 161 -38.76 -37.74 11.96
C ASN F 161 -38.88 -36.21 12.01
N GLN F 162 -37.74 -35.53 12.01
CA GLN F 162 -37.75 -34.07 11.98
C GLN F 162 -36.91 -33.54 10.83
N VAL F 163 -36.36 -34.44 10.03
CA VAL F 163 -35.48 -34.02 8.94
C VAL F 163 -36.22 -33.16 7.92
N GLU F 164 -37.56 -33.22 7.91
CA GLU F 164 -38.36 -32.39 7.03
C GLU F 164 -38.35 -30.92 7.42
N GLU F 165 -38.01 -30.61 8.67
CA GLU F 165 -37.86 -29.22 9.09
C GLU F 165 -36.41 -28.88 9.40
N ASP F 166 -35.47 -29.73 8.99
CA ASP F 166 -34.08 -29.35 8.87
C ASP F 166 -33.74 -28.91 7.45
N PHE F 167 -34.69 -28.99 6.53
CA PHE F 167 -34.43 -28.70 5.14
C PHE F 167 -35.31 -27.61 4.55
N LYS F 168 -36.41 -27.26 5.21
CA LYS F 168 -37.05 -25.98 4.99
C LYS F 168 -36.48 -24.91 5.90
N VAL F 169 -35.31 -25.18 6.49
CA VAL F 169 -34.55 -24.22 7.28
C VAL F 169 -33.15 -24.03 6.70
N ILE F 170 -32.49 -25.13 6.34
CA ILE F 170 -31.22 -25.05 5.61
C ILE F 170 -31.43 -24.32 4.29
N ARG F 171 -32.46 -24.69 3.54
CA ARG F 171 -32.74 -23.99 2.30
C ARG F 171 -33.51 -22.69 2.55
N ASP F 172 -34.00 -22.48 3.77
CA ASP F 172 -34.42 -21.15 4.17
C ASP F 172 -33.27 -20.33 4.72
N GLY F 173 -32.12 -20.95 4.98
CA GLY F 173 -30.94 -20.26 5.43
C GLY F 173 -30.09 -19.81 4.27
N LEU F 174 -29.96 -20.67 3.27
CA LEU F 174 -29.27 -20.28 2.04
C LEU F 174 -30.08 -19.29 1.22
N LYS F 175 -31.38 -19.21 1.46
CA LYS F 175 -32.20 -18.13 0.92
C LYS F 175 -31.89 -16.80 1.59
N LEU F 176 -31.36 -16.82 2.81
CA LEU F 176 -31.06 -15.60 3.55
C LEU F 176 -29.71 -15.01 3.19
N LEU F 177 -28.70 -15.86 2.97
CA LEU F 177 -27.35 -15.39 2.63
C LEU F 177 -27.30 -14.73 1.27
N GLU F 178 -28.27 -15.01 0.40
CA GLU F 178 -28.42 -14.26 -0.84
C GLU F 178 -29.20 -12.98 -0.63
N LEU F 179 -29.52 -12.63 0.61
CA LEU F 179 -30.14 -11.36 0.93
C LEU F 179 -29.42 -10.59 2.02
N ASP F 180 -28.54 -11.23 2.79
CA ASP F 180 -27.73 -10.50 3.75
C ASP F 180 -26.32 -10.65 3.22
N TYR F 181 -25.29 -10.19 3.92
CA TYR F 181 -24.05 -9.92 3.19
C TYR F 181 -23.04 -11.05 3.18
N LEU F 182 -22.83 -11.78 4.28
CA LEU F 182 -21.70 -12.72 4.46
C LEU F 182 -20.35 -12.03 4.26
N GLY F 183 -19.96 -11.20 5.23
CA GLY F 183 -18.63 -10.65 5.20
C GLY F 183 -18.52 -9.40 6.04
N GLY F 184 -17.29 -8.96 6.32
CA GLY F 184 -17.12 -7.73 7.05
C GLY F 184 -17.46 -6.53 6.19
N SER F 185 -17.92 -5.48 6.88
CA SER F 185 -18.38 -4.22 6.27
C SER F 185 -19.43 -4.49 5.20
N GLY F 186 -20.38 -5.33 5.55
CA GLY F 186 -21.37 -5.71 4.58
C GLY F 186 -22.47 -4.72 4.37
N SER F 187 -22.57 -3.68 5.19
CA SER F 187 -23.56 -2.66 5.00
C SER F 187 -23.09 -1.56 4.05
N ARG F 188 -21.97 -1.75 3.39
CA ARG F 188 -21.42 -0.84 2.40
C ARG F 188 -21.07 -1.59 1.14
N GLY F 189 -21.89 -2.57 0.77
CA GLY F 189 -21.55 -3.50 -0.28
C GLY F 189 -20.97 -4.77 0.29
N TYR F 190 -19.85 -5.24 -0.28
CA TYR F 190 -18.97 -6.26 0.30
C TYR F 190 -19.66 -7.60 0.55
N GLY F 191 -20.75 -7.84 -0.14
CA GLY F 191 -21.51 -9.04 0.10
C GLY F 191 -22.06 -9.63 -1.17
N LYS F 192 -23.38 -9.79 -1.20
CA LYS F 192 -24.16 -10.30 -2.31
C LYS F 192 -23.59 -11.62 -2.79
N VAL F 193 -23.58 -12.57 -1.86
CA VAL F 193 -23.17 -13.92 -2.17
C VAL F 193 -24.34 -14.66 -2.79
N ALA F 194 -24.09 -15.32 -3.92
CA ALA F 194 -25.10 -16.16 -4.56
C ALA F 194 -24.66 -17.61 -4.49
N PHE F 195 -25.62 -18.51 -4.58
CA PHE F 195 -25.36 -19.94 -4.57
C PHE F 195 -25.73 -20.51 -5.91
N GLU F 196 -24.94 -21.47 -6.39
CA GLU F 196 -25.28 -22.14 -7.63
C GLU F 196 -24.77 -23.57 -7.57
N ASN F 197 -25.37 -24.42 -8.41
CA ASN F 197 -25.12 -25.86 -8.44
C ASN F 197 -25.35 -26.48 -7.06
N LEU F 198 -26.49 -26.12 -6.46
CA LEU F 198 -26.74 -26.46 -5.07
C LEU F 198 -27.34 -27.86 -5.03
N LYS F 199 -26.48 -28.85 -5.20
CA LYS F 199 -26.85 -30.25 -5.21
C LYS F 199 -26.63 -30.86 -3.84
N ALA F 200 -27.51 -31.78 -3.47
CA ALA F 200 -27.42 -32.48 -2.20
C ALA F 200 -27.19 -33.95 -2.47
N THR F 201 -25.93 -34.34 -2.59
CA THR F 201 -25.59 -35.74 -2.79
C THR F 201 -25.60 -36.47 -1.45
N THR F 202 -25.09 -37.70 -1.44
CA THR F 202 -24.96 -38.46 -0.21
C THR F 202 -23.65 -39.25 -0.25
N VAL F 203 -22.95 -39.26 0.87
CA VAL F 203 -21.70 -40.01 1.01
C VAL F 203 -21.69 -40.70 2.36
N PHE F 204 -21.26 -41.96 2.36
CA PHE F 204 -21.29 -42.86 3.51
C PHE F 204 -22.70 -42.95 4.12
N GLY F 205 -23.59 -43.55 3.36
CA GLY F 205 -24.93 -43.76 3.85
C GLY F 205 -25.82 -44.42 2.83
N ASN F 206 -26.94 -44.93 3.33
CA ASN F 206 -27.95 -45.57 2.51
C ASN F 206 -29.26 -44.83 2.76
N TYR F 207 -29.45 -43.72 2.04
CA TYR F 207 -30.60 -42.85 2.19
C TYR F 207 -30.68 -42.00 0.94
N ASP F 208 -31.78 -42.10 0.21
CA ASP F 208 -31.87 -41.38 -1.05
C ASP F 208 -32.08 -39.89 -0.80
N VAL F 209 -31.63 -39.10 -1.77
CA VAL F 209 -31.68 -37.64 -1.70
C VAL F 209 -32.45 -37.05 -2.88
N LYS F 210 -33.00 -37.90 -3.74
CA LYS F 210 -33.56 -37.47 -5.01
C LYS F 210 -35.00 -36.99 -4.88
N THR F 211 -35.51 -36.85 -3.66
CA THR F 211 -36.66 -36.01 -3.41
C THR F 211 -36.24 -34.67 -2.83
N LEU F 212 -35.13 -34.65 -2.11
CA LEU F 212 -34.59 -33.39 -1.58
C LEU F 212 -34.01 -32.54 -2.70
N ASN F 213 -33.46 -33.16 -3.74
CA ASN F 213 -32.74 -32.45 -4.77
C ASN F 213 -33.63 -31.59 -5.67
N GLU F 214 -34.95 -31.69 -5.57
CA GLU F 214 -35.84 -30.76 -6.25
C GLU F 214 -36.48 -29.77 -5.30
N LEU F 215 -36.24 -29.91 -3.99
CA LEU F 215 -36.55 -28.82 -3.07
C LEU F 215 -35.58 -27.66 -3.29
N LEU F 216 -34.35 -27.98 -3.68
CA LEU F 216 -33.30 -26.98 -3.87
C LEU F 216 -33.28 -26.48 -5.31
N THR F 217 -33.03 -27.39 -6.26
CA THR F 217 -32.90 -27.03 -7.66
C THR F 217 -34.20 -27.30 -8.43
N THR G 2 -1.72 -53.77 12.85
CA THR G 2 -0.37 -54.03 12.40
C THR G 2 -0.40 -54.12 10.87
N TYR G 3 -1.62 -54.23 10.35
CA TYR G 3 -1.84 -54.25 8.91
C TYR G 3 -2.00 -52.82 8.41
N LYS G 4 -2.56 -52.66 7.20
CA LYS G 4 -2.35 -51.51 6.33
C LYS G 4 -2.70 -50.16 6.98
N LEU G 5 -1.84 -49.18 6.73
CA LEU G 5 -1.96 -47.84 7.30
C LEU G 5 -2.98 -47.00 6.55
N TYR G 6 -3.61 -46.08 7.25
CA TYR G 6 -4.80 -45.40 6.73
C TYR G 6 -4.49 -43.94 6.42
N ILE G 7 -4.08 -43.65 5.19
CA ILE G 7 -3.65 -42.31 4.82
C ILE G 7 -4.83 -41.35 4.85
N MET G 8 -4.69 -40.27 5.62
CA MET G 8 -5.72 -39.26 5.80
C MET G 8 -5.16 -37.91 5.34
N THR G 9 -5.90 -37.24 4.46
CA THR G 9 -5.43 -36.01 3.83
C THR G 9 -6.25 -34.83 4.34
N PHE G 10 -5.69 -34.10 5.29
CA PHE G 10 -6.44 -33.20 6.16
C PHE G 10 -6.72 -31.83 5.57
N GLN G 11 -5.67 -31.12 5.13
CA GLN G 11 -5.70 -29.81 4.45
C GLN G 11 -6.02 -28.69 5.44
N ASN G 12 -6.48 -28.98 6.67
CA ASN G 12 -6.64 -28.04 7.77
C ASN G 12 -7.05 -28.82 9.02
N ALA G 13 -6.52 -28.42 10.18
CA ALA G 13 -6.86 -29.12 11.42
C ALA G 13 -6.50 -28.27 12.62
N HIS G 14 -7.22 -28.50 13.71
CA HIS G 14 -6.89 -27.94 15.01
C HIS G 14 -6.71 -29.07 16.00
N PHE G 15 -5.55 -29.15 16.65
CA PHE G 15 -5.19 -30.35 17.41
C PHE G 15 -4.73 -30.08 18.83
N GLY G 16 -5.32 -29.12 19.53
CA GLY G 16 -5.31 -29.12 20.98
C GLY G 16 -4.01 -28.60 21.57
N SER G 17 -3.18 -29.51 22.10
CA SER G 17 -2.10 -29.21 23.05
C SER G 17 -2.61 -28.43 24.27
N GLY G 18 -3.80 -28.79 24.73
CA GLY G 18 -4.29 -28.25 25.98
C GLY G 18 -4.72 -26.81 25.94
N THR G 19 -4.87 -26.21 24.76
CA THR G 19 -5.28 -24.83 24.65
C THR G 19 -6.40 -24.76 23.63
N LEU G 20 -6.73 -23.54 23.23
CA LEU G 20 -7.35 -23.27 21.95
C LEU G 20 -6.43 -22.49 21.05
N ASP G 21 -5.34 -21.94 21.59
CA ASP G 21 -4.44 -21.05 20.88
C ASP G 21 -3.36 -21.81 20.14
N SER G 22 -3.29 -23.13 20.29
CA SER G 22 -2.16 -23.93 19.85
C SER G 22 -2.66 -25.13 19.07
N SER G 23 -1.71 -25.92 18.57
CA SER G 23 -2.06 -27.03 17.70
C SER G 23 -0.90 -28.01 17.63
N LYS G 24 -1.15 -29.27 17.99
CA LYS G 24 -0.19 -30.32 17.72
C LYS G 24 -0.14 -30.64 16.24
N LEU G 25 0.79 -31.52 15.89
CA LEU G 25 0.86 -32.02 14.52
C LEU G 25 0.35 -33.45 14.45
N THR G 26 0.66 -34.25 15.46
CA THR G 26 0.06 -35.57 15.61
C THR G 26 -1.34 -35.46 16.21
N PHE G 27 -1.88 -36.59 16.64
CA PHE G 27 -3.02 -36.54 17.55
C PHE G 27 -3.06 -37.66 18.59
N SER G 28 -1.92 -38.29 18.91
CA SER G 28 -1.71 -38.99 20.19
C SER G 28 -2.54 -40.26 20.36
N ALA G 29 -3.32 -40.63 19.32
CA ALA G 29 -4.10 -41.85 19.13
C ALA G 29 -5.32 -41.99 20.04
N ASP G 30 -5.40 -41.19 21.10
CA ASP G 30 -6.60 -41.17 21.90
C ASP G 30 -7.67 -40.34 21.22
N ARG G 31 -7.24 -39.38 20.38
CA ARG G 31 -8.19 -38.62 19.58
C ARG G 31 -8.85 -39.50 18.53
N ILE G 32 -8.07 -40.34 17.84
CA ILE G 32 -8.68 -41.19 16.84
C ILE G 32 -9.52 -42.29 17.49
N PHE G 33 -9.11 -42.80 18.66
CA PHE G 33 -9.96 -43.81 19.31
C PHE G 33 -11.24 -43.20 19.86
N SER G 34 -11.18 -41.99 20.41
CA SER G 34 -12.38 -41.32 20.86
C SER G 34 -13.26 -40.88 19.71
N ALA G 35 -12.69 -40.60 18.55
CA ALA G 35 -13.50 -40.29 17.39
C ALA G 35 -14.22 -41.52 16.88
N LEU G 36 -13.55 -42.67 16.90
CA LEU G 36 -14.19 -43.92 16.52
C LEU G 36 -15.30 -44.29 17.49
N VAL G 37 -15.07 -44.09 18.79
CA VAL G 37 -16.09 -44.42 19.79
C VAL G 37 -17.27 -43.46 19.70
N LEU G 38 -17.02 -42.19 19.42
CA LEU G 38 -18.11 -41.23 19.36
C LEU G 38 -18.89 -41.34 18.07
N GLU G 39 -18.28 -41.83 17.00
CA GLU G 39 -19.06 -42.01 15.78
C GLU G 39 -19.84 -43.31 15.80
N ALA G 40 -19.31 -44.33 16.47
CA ALA G 40 -19.99 -45.62 16.57
C ALA G 40 -21.05 -45.64 17.66
N LEU G 41 -21.41 -44.48 18.20
CA LEU G 41 -22.58 -44.36 19.03
C LEU G 41 -23.75 -43.75 18.29
N LYS G 42 -23.51 -42.98 17.23
CA LYS G 42 -24.62 -42.58 16.36
C LYS G 42 -25.12 -43.74 15.52
N MET G 43 -24.24 -44.65 15.12
CA MET G 43 -24.67 -45.85 14.43
C MET G 43 -25.13 -46.95 15.37
N GLY G 44 -24.97 -46.76 16.68
CA GLY G 44 -25.31 -47.80 17.62
C GLY G 44 -24.38 -49.00 17.59
N LYS G 45 -23.19 -48.84 17.01
CA LYS G 45 -22.22 -49.93 16.93
C LYS G 45 -21.18 -49.84 18.02
N LEU G 46 -21.59 -49.40 19.21
CA LEU G 46 -20.61 -49.09 20.26
C LEU G 46 -20.07 -50.34 20.92
N ASP G 47 -20.95 -51.20 21.44
CA ASP G 47 -20.49 -52.34 22.22
C ASP G 47 -19.82 -53.40 21.37
N ALA G 48 -20.16 -53.47 20.08
CA ALA G 48 -19.41 -54.32 19.15
C ALA G 48 -17.97 -53.83 19.02
N PHE G 49 -17.80 -52.52 18.86
CA PHE G 49 -16.46 -51.96 18.79
C PHE G 49 -15.73 -52.03 20.12
N LEU G 50 -16.46 -52.04 21.24
CA LEU G 50 -15.81 -52.12 22.55
C LEU G 50 -15.32 -53.52 22.83
N ALA G 51 -16.14 -54.53 22.56
CA ALA G 51 -15.71 -55.93 22.63
C ALA G 51 -14.68 -56.26 21.57
N GLU G 52 -14.61 -55.49 20.49
CA GLU G 52 -13.50 -55.58 19.55
C GLU G 52 -12.24 -54.91 20.11
N ALA G 53 -12.43 -53.85 20.89
CA ALA G 53 -11.34 -53.07 21.47
C ALA G 53 -10.71 -53.73 22.68
N ASN G 54 -11.40 -54.68 23.30
CA ASN G 54 -10.83 -55.47 24.39
C ASN G 54 -9.98 -56.63 23.89
N GLN G 55 -9.61 -56.64 22.62
CA GLN G 55 -8.86 -57.74 22.02
C GLN G 55 -7.56 -57.21 21.45
N ASP G 56 -6.66 -58.13 21.11
CA ASP G 56 -5.52 -57.78 20.28
C ASP G 56 -5.83 -57.88 18.80
N LYS G 57 -7.11 -58.03 18.45
CA LYS G 57 -7.54 -58.02 17.06
C LYS G 57 -7.35 -56.66 16.39
N PHE G 58 -7.27 -55.57 17.16
CA PHE G 58 -6.86 -54.32 16.56
C PHE G 58 -5.97 -53.54 17.52
N THR G 59 -4.95 -52.90 16.97
CA THR G 59 -4.12 -51.93 17.67
C THR G 59 -4.14 -50.64 16.90
N LEU G 60 -3.96 -49.53 17.59
CA LEU G 60 -3.94 -48.22 16.94
C LEU G 60 -2.56 -47.59 17.13
N THR G 61 -2.38 -46.45 16.47
CA THR G 61 -1.08 -45.78 16.40
C THR G 61 -1.32 -44.33 15.99
N ASP G 62 -0.70 -43.38 16.68
CA ASP G 62 -0.95 -41.99 16.38
C ASP G 62 -0.27 -41.56 15.08
N ALA G 63 -0.61 -40.36 14.63
CA ALA G 63 -0.27 -39.94 13.28
C ALA G 63 1.14 -39.42 13.17
N PHE G 64 1.74 -39.61 12.01
CA PHE G 64 3.05 -39.08 11.64
C PHE G 64 2.89 -38.60 10.20
N PRO G 65 3.73 -37.68 9.73
CA PRO G 65 3.56 -37.20 8.35
C PRO G 65 3.84 -38.27 7.32
N PHE G 66 3.24 -38.10 6.14
CA PHE G 66 3.51 -38.96 4.99
C PHE G 66 3.79 -38.07 3.80
N GLN G 67 5.04 -37.63 3.66
CA GLN G 67 5.45 -36.79 2.55
C GLN G 67 6.12 -37.69 1.52
N PHE G 68 5.29 -38.43 0.79
CA PHE G 68 5.69 -39.45 -0.18
C PHE G 68 6.60 -40.50 0.46
N GLY G 69 6.13 -41.03 1.58
CA GLY G 69 6.88 -41.98 2.37
C GLY G 69 6.49 -41.86 3.83
N PRO G 70 6.62 -42.96 4.58
CA PRO G 70 6.14 -42.93 5.97
C PRO G 70 7.16 -42.39 6.95
N PHE G 71 6.68 -41.70 7.99
CA PHE G 71 7.53 -41.10 9.00
C PHE G 71 7.26 -41.73 10.36
N LEU G 72 8.21 -41.56 11.25
CA LEU G 72 8.22 -42.11 12.59
C LEU G 72 8.69 -40.98 13.49
N PRO G 73 8.47 -41.05 14.80
CA PRO G 73 9.02 -40.03 15.68
C PRO G 73 10.53 -40.17 15.80
N LYS G 74 11.13 -39.13 16.34
CA LYS G 74 12.54 -39.18 16.66
C LYS G 74 12.74 -40.16 17.81
N PRO G 75 13.71 -41.06 17.73
CA PRO G 75 14.00 -41.93 18.87
C PRO G 75 14.57 -41.12 20.02
N ILE G 76 13.73 -40.89 21.02
CA ILE G 76 14.04 -39.93 22.06
C ILE G 76 15.11 -40.51 22.98
N GLY G 77 16.22 -39.80 23.10
CA GLY G 77 17.41 -40.29 23.72
C GLY G 77 18.42 -40.85 22.74
N TYR G 78 17.99 -41.34 21.57
CA TYR G 78 18.98 -41.96 20.64
C TYR G 78 19.34 -41.01 19.49
N PRO G 79 20.64 -40.71 19.26
CA PRO G 79 21.72 -41.70 19.24
C PRO G 79 22.61 -41.55 20.49
N LYS G 80 23.09 -42.67 21.06
CA LYS G 80 23.88 -42.58 22.27
C LYS G 80 25.21 -41.89 21.95
N HIS G 81 26.14 -41.95 22.89
CA HIS G 81 27.41 -41.24 22.75
C HIS G 81 28.35 -42.04 21.87
N ASP G 82 28.43 -41.66 20.59
CA ASP G 82 29.33 -42.32 19.65
C ASP G 82 30.16 -41.29 18.89
N GLN G 86 32.67 -37.50 19.05
CA GLN G 86 33.67 -36.74 18.31
C GLN G 86 33.74 -35.31 18.84
N SER G 87 34.92 -34.89 19.28
CA SER G 87 35.12 -33.56 19.86
C SER G 87 35.09 -32.34 18.91
N VAL G 88 35.11 -32.59 17.62
CA VAL G 88 35.16 -31.53 16.60
C VAL G 88 34.02 -30.51 16.53
N ASP G 89 34.38 -29.28 16.15
CA ASP G 89 33.44 -28.17 15.98
C ASP G 89 32.55 -27.82 17.17
N VAL G 90 33.15 -27.60 18.35
CA VAL G 90 32.34 -27.30 19.54
C VAL G 90 31.46 -26.08 19.28
N LYS G 91 31.71 -25.34 18.20
CA LYS G 91 30.74 -24.36 17.74
C LYS G 91 29.53 -25.04 17.12
N GLU G 92 29.77 -26.02 16.25
CA GLU G 92 28.72 -26.62 15.44
C GLU G 92 27.87 -27.63 16.21
N VAL G 93 28.27 -27.97 17.43
CA VAL G 93 27.42 -28.84 18.26
C VAL G 93 26.29 -28.07 18.92
N ARG G 94 26.33 -26.74 18.89
CA ARG G 94 25.22 -25.90 19.31
C ARG G 94 24.30 -25.52 18.14
N ARG G 95 24.78 -25.68 16.90
CA ARG G 95 23.98 -25.34 15.73
C ARG G 95 22.81 -26.31 15.56
N GLN G 96 23.08 -27.60 15.66
CA GLN G 96 22.05 -28.62 15.51
C GLN G 96 21.29 -28.86 16.81
N ALA G 97 21.65 -28.18 17.90
CA ALA G 97 20.87 -28.27 19.13
C ALA G 97 19.50 -27.64 18.96
N LYS G 98 19.45 -26.46 18.35
CA LYS G 98 18.18 -25.76 18.13
C LYS G 98 17.46 -26.21 16.87
N LEU G 99 18.06 -27.06 16.04
CA LEU G 99 17.40 -27.56 14.84
C LEU G 99 17.20 -29.07 14.87
N SER G 100 17.55 -29.74 15.96
CA SER G 100 17.05 -31.09 16.23
C SER G 100 16.07 -31.10 17.38
N LYS G 101 15.88 -29.95 18.05
CA LYS G 101 14.75 -29.80 18.96
C LYS G 101 13.44 -29.91 18.19
N LYS G 102 13.35 -29.20 17.07
CA LYS G 102 12.25 -29.42 16.13
C LYS G 102 12.66 -30.39 15.04
N LEU G 103 13.25 -31.53 15.39
CA LEU G 103 13.39 -32.61 14.40
C LEU G 103 12.11 -33.44 14.40
N GLN G 104 11.88 -34.17 15.50
CA GLN G 104 10.64 -34.81 15.93
C GLN G 104 9.95 -35.74 14.92
N PHE G 105 10.55 -35.98 13.75
CA PHE G 105 9.93 -36.78 12.68
C PHE G 105 11.00 -37.18 11.68
N LEU G 106 11.11 -38.48 11.40
CA LEU G 106 12.08 -39.02 10.46
C LEU G 106 11.42 -40.04 9.55
N ALA G 107 11.85 -40.10 8.30
CA ALA G 107 11.28 -41.08 7.38
C ALA G 107 11.77 -42.49 7.71
N LEU G 108 11.18 -43.50 7.07
CA LEU G 108 11.66 -44.87 7.24
C LEU G 108 13.06 -45.04 6.70
N GLU G 109 13.31 -44.58 5.48
CA GLU G 109 14.51 -44.90 4.71
C GLU G 109 15.78 -44.36 5.32
N ASN G 110 15.68 -43.53 6.35
CA ASN G 110 16.82 -43.04 7.07
C ASN G 110 16.71 -43.19 8.59
N VAL G 111 15.68 -43.86 9.11
CA VAL G 111 15.51 -43.95 10.56
C VAL G 111 16.55 -44.88 11.16
N ASP G 112 17.09 -45.81 10.39
CA ASP G 112 18.23 -46.58 10.85
C ASP G 112 19.54 -45.95 10.44
N ASP G 113 19.49 -44.90 9.60
CA ASP G 113 20.69 -44.15 9.27
C ASP G 113 20.93 -43.06 10.31
N TYR G 114 19.86 -42.60 10.95
CA TYR G 114 19.96 -41.53 11.95
C TYR G 114 20.69 -42.02 13.19
N LEU G 115 20.43 -43.27 13.60
CA LEU G 115 21.10 -43.83 14.76
C LEU G 115 22.57 -44.10 14.50
N ASN G 116 22.93 -44.35 13.24
CA ASN G 116 24.34 -44.39 12.88
C ASN G 116 24.96 -42.99 12.88
N GLY G 117 24.14 -41.95 12.82
CA GLY G 117 24.63 -40.59 12.92
C GLY G 117 24.50 -39.80 11.63
N GLU G 118 23.46 -38.98 11.57
CA GLU G 118 23.23 -38.09 10.44
C GLU G 118 22.44 -36.89 10.94
N LEU G 119 22.01 -36.01 10.04
CA LEU G 119 21.55 -34.70 10.46
C LEU G 119 20.07 -34.47 10.19
N PHE G 120 19.65 -34.53 8.93
CA PHE G 120 18.27 -34.34 8.46
C PHE G 120 17.69 -33.01 8.96
N GLU G 121 18.27 -31.94 8.41
CA GLU G 121 17.72 -30.59 8.53
C GLU G 121 16.24 -30.60 8.20
N ASN G 122 15.42 -30.29 9.21
CA ASN G 122 14.02 -30.73 9.23
C ASN G 122 13.19 -30.04 8.17
N GLU G 123 12.39 -30.83 7.47
CA GLU G 123 11.52 -30.33 6.42
C GLU G 123 10.39 -29.50 7.02
N GLU G 124 9.69 -28.78 6.16
CA GLU G 124 8.54 -27.99 6.59
C GLU G 124 7.30 -28.54 5.92
N HIS G 125 6.43 -29.14 6.72
CA HIS G 125 5.05 -29.35 6.33
C HIS G 125 4.14 -28.84 7.44
N ALA G 126 2.96 -28.40 7.02
CA ALA G 126 1.90 -27.93 7.91
C ALA G 126 2.32 -26.76 8.79
N VAL G 127 2.50 -25.58 8.19
CA VAL G 127 2.72 -24.37 8.97
C VAL G 127 1.53 -24.12 9.87
N ILE G 128 1.78 -23.95 11.16
CA ILE G 128 0.72 -23.76 12.14
C ILE G 128 0.41 -22.28 12.18
N ASP G 129 -0.65 -21.89 11.49
CA ASP G 129 -1.07 -20.49 11.49
C ASP G 129 -1.86 -20.22 12.76
N THR G 130 -2.30 -18.98 12.93
CA THR G 130 -3.17 -18.61 14.04
C THR G 130 -4.02 -17.44 13.62
N VAL G 131 -5.34 -17.54 13.81
CA VAL G 131 -6.26 -16.56 13.26
C VAL G 131 -7.25 -16.15 14.33
N THR G 132 -7.49 -14.85 14.44
CA THR G 132 -8.42 -14.33 15.42
C THR G 132 -9.85 -14.45 14.93
N LYS G 133 -10.76 -14.64 15.87
CA LYS G 133 -12.18 -14.80 15.59
C LYS G 133 -12.95 -13.99 16.61
N ASN G 134 -14.26 -13.88 16.42
CA ASN G 134 -15.03 -13.13 17.39
C ASN G 134 -16.41 -13.72 17.55
N GLN G 135 -17.24 -13.00 18.29
CA GLN G 135 -18.65 -13.34 18.46
C GLN G 135 -19.33 -12.00 18.61
N PRO G 136 -19.64 -11.34 17.50
CA PRO G 136 -19.70 -9.88 17.48
C PRO G 136 -20.89 -9.31 18.24
N HIS G 137 -20.72 -8.06 18.64
CA HIS G 137 -21.66 -7.27 19.45
C HIS G 137 -21.92 -7.88 20.83
N LYS G 138 -21.02 -8.72 21.34
CA LYS G 138 -21.28 -9.43 22.59
C LYS G 138 -20.25 -9.03 23.65
N ASP G 139 -20.29 -9.75 24.77
CA ASP G 139 -19.60 -9.33 25.99
C ASP G 139 -18.09 -9.61 25.92
N ASP G 140 -17.73 -10.87 25.77
CA ASP G 140 -16.35 -11.30 25.62
C ASP G 140 -16.22 -12.01 24.28
N ASN G 141 -15.60 -11.36 23.30
CA ASN G 141 -15.71 -11.84 21.95
C ASN G 141 -14.39 -11.79 21.20
N LEU G 142 -13.30 -12.22 21.81
CA LEU G 142 -12.14 -12.50 21.01
C LEU G 142 -11.48 -13.76 21.52
N TYR G 143 -11.12 -14.64 20.60
CA TYR G 143 -10.34 -15.82 20.91
C TYR G 143 -9.43 -16.05 19.72
N GLN G 144 -8.83 -17.22 19.66
CA GLN G 144 -7.76 -17.44 18.69
C GLN G 144 -7.63 -18.92 18.47
N VAL G 145 -7.88 -19.39 17.25
CA VAL G 145 -7.85 -20.80 16.94
C VAL G 145 -6.69 -21.04 15.99
N ALA G 146 -5.74 -21.87 16.40
CA ALA G 146 -4.52 -22.09 15.65
C ALA G 146 -4.72 -23.25 14.70
N THR G 147 -5.00 -22.92 13.44
CA THR G 147 -5.10 -23.90 12.39
C THR G 147 -3.74 -24.53 12.13
N THR G 148 -3.75 -25.79 11.67
CA THR G 148 -2.56 -26.46 11.16
C THR G 148 -2.80 -26.65 9.67
N ARG G 149 -2.53 -25.63 8.89
CA ARG G 149 -2.83 -25.69 7.47
C ARG G 149 -1.70 -26.46 6.77
N PHE G 150 -2.06 -27.61 6.19
CA PHE G 150 -1.08 -28.60 5.76
C PHE G 150 -0.53 -28.28 4.38
N SER G 151 0.73 -28.66 4.17
CA SER G 151 1.51 -28.17 3.03
C SER G 151 1.35 -29.02 1.78
N ASN G 152 0.11 -29.33 1.40
CA ASN G 152 -0.30 -29.79 0.06
C ASN G 152 0.27 -31.15 -0.39
N ASP G 153 1.13 -31.78 0.41
CA ASP G 153 1.73 -33.04 0.02
C ASP G 153 1.86 -34.01 1.19
N THR G 154 1.19 -33.74 2.30
CA THR G 154 1.45 -34.42 3.56
C THR G 154 0.17 -35.08 4.06
N SER G 155 0.31 -36.26 4.65
CA SER G 155 -0.91 -36.94 5.14
C SER G 155 -0.62 -37.53 6.51
N LEU G 156 -1.64 -37.61 7.36
CA LEU G 156 -1.44 -38.23 8.69
C LEU G 156 -1.93 -39.67 8.57
N TYR G 157 -1.03 -40.63 8.76
CA TYR G 157 -1.41 -42.05 8.60
C TYR G 157 -1.49 -42.74 9.96
N VAL G 158 -2.63 -43.36 10.23
CA VAL G 158 -2.83 -44.13 11.50
C VAL G 158 -2.61 -45.59 11.12
N ILE G 159 -1.71 -46.27 11.83
CA ILE G 159 -1.35 -47.66 11.55
C ILE G 159 -2.25 -48.54 12.38
N ALA G 160 -2.98 -49.44 11.73
CA ALA G 160 -4.09 -50.11 12.40
C ALA G 160 -4.03 -51.60 12.10
N ASN G 161 -5.13 -52.28 12.42
CA ASN G 161 -5.39 -53.66 11.99
C ASN G 161 -6.74 -53.60 11.29
N GLU G 162 -6.76 -53.94 10.01
CA GLU G 162 -7.89 -53.60 9.15
C GLU G 162 -9.08 -54.51 9.41
N SER G 163 -10.12 -53.96 10.02
CA SER G 163 -11.42 -54.59 10.17
C SER G 163 -12.47 -53.79 9.43
N ASP G 164 -13.55 -54.48 9.05
CA ASP G 164 -14.60 -53.85 8.26
C ASP G 164 -15.39 -52.82 9.05
N LEU G 165 -15.61 -53.07 10.35
CA LEU G 165 -16.15 -52.03 11.21
C LEU G 165 -15.18 -50.86 11.34
N LEU G 166 -13.89 -51.15 11.38
CA LEU G 166 -12.91 -50.07 11.49
C LEU G 166 -12.83 -49.29 10.19
N ASN G 167 -13.04 -49.96 9.05
CA ASN G 167 -13.15 -49.26 7.77
C ASN G 167 -14.40 -48.38 7.72
N GLU G 168 -15.50 -48.87 8.29
CA GLU G 168 -16.73 -48.09 8.35
C GLU G 168 -16.54 -46.83 9.18
N LEU G 169 -15.92 -46.97 10.35
CA LEU G 169 -15.74 -45.81 11.23
C LEU G 169 -14.72 -44.83 10.67
N MET G 170 -13.59 -45.34 10.18
CA MET G 170 -12.58 -44.49 9.56
C MET G 170 -13.05 -43.88 8.24
N SER G 171 -14.08 -44.41 7.60
CA SER G 171 -14.64 -43.75 6.44
C SER G 171 -15.75 -42.77 6.79
N SER G 172 -16.40 -42.95 7.94
CA SER G 172 -17.28 -41.91 8.44
C SER G 172 -16.51 -40.70 8.93
N LEU G 173 -15.28 -40.90 9.39
CA LEU G 173 -14.46 -39.77 9.79
C LEU G 173 -13.92 -38.97 8.62
N GLN G 174 -14.13 -39.42 7.39
CA GLN G 174 -13.88 -38.57 6.23
C GLN G 174 -14.75 -37.33 6.24
N TYR G 175 -15.97 -37.44 6.74
CA TYR G 175 -16.91 -36.34 6.67
C TYR G 175 -17.39 -35.87 8.03
N SER G 176 -17.14 -36.62 9.10
CA SER G 176 -17.55 -36.16 10.42
C SER G 176 -16.45 -35.41 11.16
N GLY G 177 -15.32 -35.13 10.51
CA GLY G 177 -14.29 -34.31 11.13
C GLY G 177 -13.43 -35.02 12.14
N LEU G 178 -12.21 -34.55 12.32
CA LEU G 178 -11.29 -35.13 13.30
C LEU G 178 -10.38 -34.02 13.80
N GLY G 179 -10.71 -33.41 14.93
CA GLY G 179 -9.89 -32.34 15.42
C GLY G 179 -10.61 -31.36 16.33
N GLY G 180 -10.10 -30.14 16.38
CA GLY G 180 -10.59 -29.19 17.36
C GLY G 180 -11.96 -28.65 17.08
N LYS G 181 -12.10 -27.76 16.11
CA LYS G 181 -13.41 -27.25 15.75
C LYS G 181 -13.79 -27.96 14.46
N ARG G 182 -14.33 -29.16 14.63
CA ARG G 182 -14.79 -29.93 13.48
C ARG G 182 -16.05 -29.32 12.90
N SER G 183 -16.87 -28.70 13.72
CA SER G 183 -18.12 -28.14 13.25
C SER G 183 -17.96 -26.77 12.67
N SER G 184 -16.73 -26.31 12.48
CA SER G 184 -16.45 -25.04 11.82
C SER G 184 -15.25 -25.21 10.89
N GLY G 185 -15.19 -26.34 10.22
CA GLY G 185 -14.24 -26.50 9.15
C GLY G 185 -13.07 -27.42 9.38
N PHE G 186 -12.51 -27.41 10.59
CA PHE G 186 -11.19 -28.00 10.74
C PHE G 186 -11.26 -29.52 10.88
N GLY G 187 -10.17 -30.17 10.51
CA GLY G 187 -9.99 -31.59 10.74
C GLY G 187 -10.82 -32.50 9.87
N ARG G 188 -11.06 -32.12 8.62
CA ARG G 188 -11.95 -32.85 7.73
C ARG G 188 -11.13 -33.39 6.56
N PHE G 189 -11.07 -34.72 6.43
CA PHE G 189 -10.09 -35.29 5.51
C PHE G 189 -10.66 -36.22 4.46
N GLU G 190 -9.77 -36.87 3.72
CA GLU G 190 -10.10 -37.91 2.77
C GLU G 190 -9.22 -39.10 3.06
N LEU G 191 -9.80 -40.30 3.07
CA LEU G 191 -9.07 -41.51 3.40
C LEU G 191 -8.67 -42.28 2.15
N ASP G 192 -7.53 -42.96 2.26
CA ASP G 192 -7.01 -43.77 1.16
C ASP G 192 -6.06 -44.79 1.78
N ILE G 193 -6.56 -46.01 2.03
CA ILE G 193 -5.73 -47.03 2.66
C ILE G 193 -4.64 -47.47 1.70
N GLN G 194 -3.41 -47.56 2.20
CA GLN G 194 -2.28 -47.86 1.33
C GLN G 194 -1.50 -49.07 1.81
N ASN G 195 -0.33 -49.29 1.22
CA ASN G 195 0.47 -50.47 1.50
C ASN G 195 1.52 -50.14 2.56
N ILE G 196 1.64 -51.01 3.55
CA ILE G 196 2.76 -50.92 4.48
C ILE G 196 3.99 -51.50 3.80
N PRO G 197 5.14 -50.82 3.83
CA PRO G 197 6.37 -51.38 3.26
C PRO G 197 6.81 -52.64 3.98
N LEU G 198 7.57 -53.49 3.27
CA LEU G 198 8.04 -54.75 3.83
C LEU G 198 9.02 -54.52 4.96
N GLU G 199 9.77 -53.42 4.90
CA GLU G 199 10.66 -53.04 5.99
C GLU G 199 9.91 -52.43 7.17
N LEU G 200 8.67 -52.03 7.00
CA LEU G 200 7.87 -51.51 8.10
C LEU G 200 7.03 -52.60 8.76
N SER G 201 6.49 -53.54 7.96
CA SER G 201 5.58 -54.54 8.48
C SER G 201 6.26 -55.57 9.36
N ASP G 202 7.55 -55.81 9.16
CA ASP G 202 8.27 -56.77 9.97
C ASP G 202 8.65 -56.23 11.33
N ARG G 203 8.63 -54.91 11.49
CA ARG G 203 9.25 -54.27 12.63
C ARG G 203 8.25 -53.84 13.70
N LEU G 204 6.97 -53.70 13.38
CA LEU G 204 5.97 -53.33 14.38
C LEU G 204 5.69 -54.52 15.28
N THR G 205 6.54 -54.69 16.28
CA THR G 205 6.34 -55.76 17.23
C THR G 205 5.35 -55.33 18.31
N LYS G 206 5.00 -56.29 19.16
CA LYS G 206 4.33 -55.98 20.41
C LYS G 206 4.93 -56.78 21.56
N ASN G 207 5.95 -57.61 21.29
CA ASN G 207 6.55 -58.47 22.30
C ASN G 207 8.06 -58.58 22.25
N HIS G 208 8.74 -57.98 21.28
CA HIS G 208 10.17 -58.21 21.06
C HIS G 208 11.00 -57.37 22.02
N SER G 209 11.73 -58.04 22.91
CA SER G 209 12.41 -57.36 24.01
C SER G 209 13.85 -57.05 23.63
N ASP G 210 14.06 -55.83 23.14
CA ASP G 210 15.39 -55.22 23.01
C ASP G 210 15.20 -53.72 23.16
N LYS G 211 16.15 -52.94 22.67
CA LYS G 211 15.96 -51.50 22.59
C LYS G 211 14.91 -51.18 21.54
N VAL G 212 13.71 -50.83 21.98
CA VAL G 212 12.56 -50.80 21.08
C VAL G 212 11.76 -49.51 21.31
N MET G 213 11.48 -48.79 20.24
CA MET G 213 10.78 -47.51 20.28
C MET G 213 9.28 -47.72 20.39
N SER G 214 8.60 -46.75 20.97
CA SER G 214 7.15 -46.72 20.98
C SER G 214 6.63 -45.88 19.83
N LEU G 215 5.39 -46.17 19.42
CA LEU G 215 4.75 -45.46 18.33
C LEU G 215 3.33 -45.04 18.68
N THR G 216 3.03 -44.88 19.97
CA THR G 216 1.82 -44.22 20.41
C THR G 216 2.01 -43.76 21.85
N THR G 217 1.00 -43.05 22.35
CA THR G 217 0.98 -42.63 23.75
C THR G 217 0.32 -43.74 24.54
N ALA G 218 1.13 -44.60 25.14
CA ALA G 218 0.62 -45.77 25.82
C ALA G 218 1.14 -45.79 27.25
N LEU G 219 0.29 -46.30 28.14
CA LEU G 219 0.55 -46.32 29.57
C LEU G 219 0.61 -47.79 29.98
N PRO G 220 1.67 -48.23 30.64
CA PRO G 220 1.79 -49.65 30.99
C PRO G 220 0.82 -50.06 32.07
N VAL G 221 0.69 -51.39 32.24
CA VAL G 221 0.04 -51.92 33.43
C VAL G 221 0.93 -51.56 34.61
N ASP G 222 0.30 -51.33 35.78
CA ASP G 222 1.02 -50.87 36.97
C ASP G 222 2.07 -51.85 37.47
N ALA G 223 1.96 -53.13 37.09
CA ALA G 223 2.99 -54.10 37.46
C ALA G 223 4.29 -53.84 36.70
N ASP G 224 4.19 -53.60 35.39
CA ASP G 224 5.38 -53.51 34.55
C ASP G 224 5.98 -52.12 34.50
N LEU G 225 5.31 -51.12 35.09
CA LEU G 225 5.71 -49.73 34.97
C LEU G 225 7.04 -49.44 35.66
N GLU G 226 7.39 -50.25 36.66
CA GLU G 226 8.60 -50.04 37.46
C GLU G 226 9.86 -50.15 36.63
N GLU G 227 9.98 -51.20 35.82
CA GLU G 227 11.09 -51.31 34.89
C GLU G 227 10.73 -50.78 33.51
N ALA G 228 9.47 -50.37 33.30
CA ALA G 228 9.19 -49.58 32.10
C ALA G 228 9.73 -48.17 32.22
N MET G 229 9.95 -47.68 33.44
CA MET G 229 10.60 -46.40 33.65
C MET G 229 11.99 -46.53 34.24
N GLU G 230 12.58 -47.72 34.23
CA GLU G 230 13.94 -47.88 34.70
C GLU G 230 14.94 -47.36 33.67
N ASP G 231 14.79 -47.79 32.42
CA ASP G 231 15.74 -47.40 31.39
C ASP G 231 15.01 -46.97 30.13
N GLY G 232 13.82 -46.40 30.29
CA GLY G 232 13.15 -45.77 29.18
C GLY G 232 13.48 -44.29 29.10
N HIS G 233 13.65 -43.82 27.88
CA HIS G 233 13.91 -42.40 27.62
C HIS G 233 12.65 -41.85 26.97
N TYR G 234 11.80 -41.21 27.76
CA TYR G 234 10.44 -40.95 27.34
C TYR G 234 10.11 -39.48 27.55
N LEU G 235 8.83 -39.17 27.40
CA LEU G 235 8.28 -37.87 27.76
C LEU G 235 7.08 -38.11 28.65
N LEU G 236 6.48 -37.04 29.13
CA LEU G 236 5.12 -37.13 29.63
C LEU G 236 4.20 -36.24 28.80
N THR G 237 2.91 -36.53 28.82
CA THR G 237 2.01 -35.97 27.82
C THR G 237 0.90 -35.12 28.41
N LYS G 238 0.33 -35.50 29.55
CA LYS G 238 -0.86 -34.87 30.13
C LYS G 238 -2.00 -34.88 29.14
N SER G 239 -2.53 -36.06 28.88
CA SER G 239 -3.76 -36.14 28.11
C SER G 239 -4.95 -35.95 29.03
N SER G 240 -5.63 -34.81 28.90
CA SER G 240 -6.77 -34.49 29.74
C SER G 240 -7.71 -33.64 28.91
N GLY G 241 -8.61 -32.93 29.57
CA GLY G 241 -9.59 -32.11 28.90
C GLY G 241 -10.99 -32.50 29.30
N PHE G 242 -11.95 -31.83 28.69
CA PHE G 242 -13.32 -32.08 29.08
C PHE G 242 -13.83 -33.37 28.43
N ALA G 243 -14.63 -34.11 29.18
CA ALA G 243 -15.21 -35.36 28.71
C ALA G 243 -16.47 -35.03 27.92
N PHE G 244 -16.38 -35.12 26.60
CA PHE G 244 -17.50 -34.77 25.73
C PHE G 244 -18.57 -35.84 25.82
N SER G 245 -19.79 -35.44 26.20
CA SER G 245 -20.87 -36.38 26.42
C SER G 245 -22.18 -35.77 25.95
N HIS G 246 -23.27 -36.50 26.20
CA HIS G 246 -24.62 -36.01 25.94
C HIS G 246 -25.57 -36.25 27.09
N ALA G 247 -25.12 -36.82 28.21
CA ALA G 247 -25.99 -37.13 29.34
C ALA G 247 -25.51 -36.44 30.62
N THR G 248 -25.12 -35.18 30.51
CA THR G 248 -24.59 -34.45 31.65
C THR G 248 -25.39 -33.21 31.99
N ASN G 249 -25.71 -32.39 30.97
CA ASN G 249 -26.23 -31.02 31.02
C ASN G 249 -25.26 -30.03 31.66
N GLU G 250 -24.05 -30.46 32.01
CA GLU G 250 -22.94 -29.58 32.39
C GLU G 250 -21.74 -30.09 31.63
N ASN G 251 -20.55 -29.61 31.96
CA ASN G 251 -19.36 -30.01 31.23
C ASN G 251 -18.26 -30.33 32.22
N TYR G 252 -17.93 -31.62 32.35
CA TYR G 252 -17.05 -32.11 33.38
C TYR G 252 -15.68 -32.44 32.80
N ARG G 253 -14.68 -32.46 33.67
CA ARG G 253 -13.33 -32.75 33.26
C ARG G 253 -13.04 -34.24 33.33
N LYS G 254 -12.08 -34.68 32.54
CA LYS G 254 -11.56 -36.03 32.63
C LYS G 254 -10.63 -36.16 33.82
N GLN G 255 -10.01 -37.33 33.96
CA GLN G 255 -9.31 -37.67 35.19
C GLN G 255 -7.79 -37.59 35.07
N ASP G 256 -7.27 -36.62 34.32
CA ASP G 256 -5.91 -36.09 34.51
C ASP G 256 -4.83 -37.13 34.26
N LEU G 257 -4.80 -37.66 33.05
CA LEU G 257 -3.94 -38.79 32.74
C LEU G 257 -2.62 -38.36 32.12
N TYR G 258 -1.52 -38.92 32.62
CA TYR G 258 -0.20 -38.73 32.06
C TYR G 258 0.21 -39.97 31.30
N LYS G 259 0.97 -39.79 30.21
CA LYS G 259 1.23 -40.89 29.30
C LYS G 259 2.62 -40.76 28.71
N PHE G 260 3.13 -41.86 28.16
CA PHE G 260 4.44 -41.87 27.53
C PHE G 260 4.30 -41.48 26.07
N ALA G 261 4.75 -40.29 25.72
CA ALA G 261 4.54 -39.74 24.39
C ALA G 261 5.30 -40.52 23.34
N SER G 262 4.75 -40.52 22.12
CA SER G 262 5.30 -41.30 21.01
C SER G 262 6.69 -40.81 20.64
N GLY G 263 7.59 -41.77 20.47
CA GLY G 263 9.02 -41.50 20.45
C GLY G 263 9.73 -42.04 21.65
N SER G 264 9.00 -42.53 22.64
CA SER G 264 9.57 -43.04 23.87
C SER G 264 10.27 -44.37 23.61
N THR G 265 11.60 -44.40 23.77
CA THR G 265 12.29 -45.67 23.71
C THR G 265 12.07 -46.44 24.99
N PHE G 266 12.10 -47.77 24.86
CA PHE G 266 12.11 -48.65 26.01
C PHE G 266 13.00 -49.83 25.71
N SER G 267 13.72 -50.29 26.72
CA SER G 267 14.24 -51.65 26.70
C SER G 267 13.20 -52.54 27.35
N LYS G 268 13.06 -53.77 26.83
CA LYS G 268 12.15 -54.78 27.36
C LYS G 268 10.70 -54.30 27.35
N THR G 269 10.10 -54.25 26.15
CA THR G 269 8.72 -53.87 25.86
C THR G 269 7.65 -54.36 26.83
N PHE G 270 6.60 -53.55 27.00
CA PHE G 270 5.56 -53.75 27.99
C PHE G 270 4.20 -53.97 27.30
N GLU G 271 3.13 -53.95 28.09
CA GLU G 271 1.78 -54.02 27.58
C GLU G 271 0.95 -52.89 28.16
N GLY G 272 0.16 -52.23 27.31
CA GLY G 272 -0.59 -51.06 27.68
C GLY G 272 -1.99 -51.35 28.16
N GLN G 273 -2.76 -50.29 28.38
CA GLN G 273 -4.08 -50.46 28.99
C GLN G 273 -4.97 -49.29 28.65
N ILE G 274 -6.26 -49.58 28.49
CA ILE G 274 -7.27 -48.56 28.22
C ILE G 274 -7.66 -47.97 29.57
N VAL G 275 -7.01 -46.88 29.95
CA VAL G 275 -7.09 -46.36 31.31
C VAL G 275 -8.37 -45.55 31.45
N ASP G 276 -9.35 -46.10 32.16
CA ASP G 276 -10.67 -45.48 32.33
C ASP G 276 -10.54 -44.21 33.16
N VAL G 277 -10.77 -43.07 32.52
CA VAL G 277 -10.61 -41.74 33.11
C VAL G 277 -11.98 -41.13 33.35
N ARG G 278 -12.96 -41.98 33.62
CA ARG G 278 -14.32 -41.54 33.86
C ARG G 278 -14.40 -40.66 35.10
N PRO G 279 -15.13 -39.55 35.06
CA PRO G 279 -15.30 -38.70 36.25
C PRO G 279 -16.06 -39.40 37.36
N LEU G 280 -16.02 -38.81 38.55
CA LEU G 280 -16.74 -39.39 39.67
C LEU G 280 -18.24 -39.16 39.52
N ASP G 281 -19.01 -40.23 39.73
CA ASP G 281 -20.47 -40.29 39.55
C ASP G 281 -20.86 -39.87 38.12
N PHE G 282 -20.37 -40.66 37.18
CA PHE G 282 -20.57 -40.36 35.78
C PHE G 282 -21.16 -41.59 35.10
N PRO G 283 -22.13 -41.41 34.19
CA PRO G 283 -22.88 -42.55 33.65
C PRO G 283 -22.07 -43.57 32.85
N HIS G 284 -21.37 -43.12 31.81
CA HIS G 284 -20.68 -43.99 30.88
C HIS G 284 -19.17 -43.84 31.04
N ALA G 285 -18.45 -44.91 30.71
CA ALA G 285 -17.01 -44.93 30.86
C ALA G 285 -16.34 -44.05 29.80
N VAL G 286 -15.15 -43.57 30.12
CA VAL G 286 -14.35 -42.74 29.24
C VAL G 286 -12.96 -43.37 29.13
N LEU G 287 -12.58 -43.76 27.93
CA LEU G 287 -11.66 -44.88 27.73
C LEU G 287 -10.19 -44.50 27.64
N ASN G 288 -9.82 -43.55 26.77
CA ASN G 288 -8.48 -42.98 26.65
C ASN G 288 -7.43 -44.06 26.32
N TYR G 289 -7.53 -44.55 25.09
CA TYR G 289 -6.70 -45.59 24.50
C TYR G 289 -5.20 -45.43 24.73
N ALA G 290 -4.61 -46.36 25.47
CA ALA G 290 -3.18 -46.35 25.71
C ALA G 290 -2.66 -47.79 25.66
N LYS G 291 -2.33 -48.25 24.46
CA LYS G 291 -1.69 -49.55 24.37
C LYS G 291 -0.78 -49.45 23.15
N PRO G 292 0.43 -49.97 23.23
CA PRO G 292 1.45 -49.63 22.25
C PRO G 292 1.57 -50.60 21.09
N LEU G 293 2.14 -50.08 20.00
CA LEU G 293 2.45 -50.85 18.81
C LEU G 293 3.85 -50.40 18.40
N PHE G 294 4.85 -51.20 18.71
CA PHE G 294 6.22 -50.73 18.85
C PHE G 294 7.00 -50.59 17.55
N PHE G 295 8.32 -50.47 17.67
CA PHE G 295 9.20 -50.33 16.51
C PHE G 295 10.58 -50.82 16.94
N LYS G 296 10.99 -51.99 16.43
CA LYS G 296 12.22 -52.62 16.86
C LYS G 296 13.42 -51.86 16.31
N LEU G 297 13.96 -50.94 17.12
CA LEU G 297 15.12 -50.16 16.69
C LEU G 297 16.38 -51.00 16.61
N ASN H 3 -15.19 49.82 -13.09
CA ASN H 3 -14.53 48.57 -13.46
C ASN H 3 -13.31 48.84 -14.32
N ASP H 4 -12.35 47.92 -14.27
CA ASP H 4 -11.11 48.08 -15.03
C ASP H 4 -11.33 47.91 -16.53
N TYR H 5 -12.38 47.18 -16.91
CA TYR H 5 -12.62 46.81 -18.30
C TYR H 5 -13.17 48.01 -19.07
N ARG H 6 -12.25 48.83 -19.58
CA ARG H 6 -12.62 49.98 -20.41
C ARG H 6 -12.96 49.48 -21.80
N THR H 7 -14.25 49.42 -22.12
CA THR H 7 -14.70 48.97 -23.43
C THR H 7 -14.40 49.99 -24.51
N PHE H 8 -14.64 49.62 -25.77
CA PHE H 8 -14.50 50.53 -26.88
C PHE H 8 -15.61 50.23 -27.88
N LYS H 9 -15.50 50.83 -29.06
CA LYS H 9 -16.38 50.54 -30.18
C LYS H 9 -15.65 50.96 -31.43
N LEU H 10 -15.26 49.99 -32.24
CA LEU H 10 -14.60 50.24 -33.50
C LEU H 10 -15.64 50.15 -34.61
N SER H 11 -15.68 51.15 -35.46
CA SER H 11 -16.47 51.05 -36.67
C SER H 11 -15.53 51.15 -37.86
N LEU H 12 -15.55 50.11 -38.68
CA LEU H 12 -14.62 49.92 -39.78
C LEU H 12 -15.35 50.17 -41.09
N LEU H 13 -14.59 50.52 -42.11
CA LEU H 13 -15.14 50.98 -43.37
C LEU H 13 -14.30 50.41 -44.48
N THR H 14 -14.95 49.89 -45.51
CA THR H 14 -14.27 49.23 -46.62
C THR H 14 -14.12 50.21 -47.76
N LEU H 15 -12.89 50.69 -47.98
CA LEU H 15 -12.58 51.37 -49.22
C LEU H 15 -12.27 50.36 -50.31
N ALA H 16 -11.26 49.57 -50.11
CA ALA H 16 -10.94 48.49 -51.01
C ALA H 16 -11.63 47.22 -50.53
N PRO H 17 -11.86 46.26 -51.42
CA PRO H 17 -12.41 44.97 -50.98
C PRO H 17 -11.45 44.20 -50.09
N ILE H 18 -12.01 43.44 -49.16
CA ILE H 18 -11.26 42.66 -48.21
C ILE H 18 -11.69 41.20 -48.34
N HIS H 19 -10.72 40.29 -48.44
CA HIS H 19 -11.03 38.85 -48.47
C HIS H 19 -10.36 38.23 -47.24
N ILE H 20 -11.10 37.47 -46.42
CA ILE H 20 -10.47 36.92 -45.19
C ILE H 20 -10.57 35.39 -45.10
N GLY H 21 -9.43 34.71 -45.25
CA GLY H 21 -9.25 33.26 -45.03
C GLY H 21 -10.28 32.35 -45.68
N ASN H 22 -10.75 31.39 -44.86
CA ASN H 22 -11.74 30.29 -45.08
C ASN H 22 -11.04 29.04 -45.61
N GLY H 23 -9.79 29.17 -46.05
CA GLY H 23 -8.99 28.01 -46.50
C GLY H 23 -9.42 27.37 -47.81
N GLU H 24 -10.67 26.91 -47.91
CA GLU H 24 -11.09 26.16 -49.07
C GLU H 24 -11.42 27.07 -50.24
N LYS H 25 -11.59 26.46 -51.40
CA LYS H 25 -11.92 27.21 -52.60
C LYS H 25 -12.69 26.30 -53.55
N TYR H 26 -13.60 26.90 -54.30
CA TYR H 26 -14.25 26.18 -55.37
C TYR H 26 -13.30 26.06 -56.56
N THR H 27 -13.63 25.15 -57.45
CA THR H 27 -12.81 24.89 -58.62
C THR H 27 -13.53 25.40 -59.86
N SER H 28 -12.97 25.07 -61.03
CA SER H 28 -13.54 25.51 -62.30
C SER H 28 -14.91 24.89 -62.57
N ARG H 29 -15.25 23.79 -61.91
CA ARG H 29 -16.50 23.12 -62.18
C ARG H 29 -17.32 22.96 -60.91
N GLU H 30 -17.45 24.03 -60.14
CA GLU H 30 -18.23 23.98 -58.91
C GLU H 30 -19.23 25.12 -58.81
N PHE H 31 -19.50 25.82 -59.92
CA PHE H 31 -20.44 26.93 -59.89
C PHE H 31 -21.35 26.90 -61.10
N ILE H 32 -22.42 27.69 -61.02
CA ILE H 32 -23.36 27.93 -62.10
C ILE H 32 -23.40 29.43 -62.33
N TYR H 33 -23.56 29.82 -63.60
CA TYR H 33 -23.59 31.22 -64.02
C TYR H 33 -24.68 31.32 -65.09
N GLU H 34 -25.91 31.60 -64.65
CA GLU H 34 -27.03 31.64 -65.57
C GLU H 34 -27.33 33.07 -66.00
N ASN H 35 -27.03 34.02 -65.13
CA ASN H 35 -27.27 35.44 -65.33
C ASN H 35 -26.16 36.16 -64.58
N LYS H 36 -26.41 37.41 -64.19
CA LYS H 36 -25.42 38.17 -63.41
C LYS H 36 -25.13 37.59 -62.03
N LYS H 37 -25.89 36.58 -61.60
CA LYS H 37 -25.62 35.83 -60.38
C LYS H 37 -24.75 34.63 -60.69
N PHE H 38 -23.68 34.45 -59.91
CA PHE H 38 -23.00 33.18 -59.81
C PHE H 38 -23.71 32.35 -58.74
N TYR H 39 -24.06 31.13 -59.09
CA TYR H 39 -24.68 30.19 -58.17
C TYR H 39 -23.58 29.27 -57.66
N PHE H 40 -23.40 29.22 -56.34
CA PHE H 40 -22.46 28.29 -55.75
C PHE H 40 -23.24 27.25 -54.96
N PRO H 41 -23.49 26.07 -55.52
CA PRO H 41 -24.34 25.09 -54.82
C PRO H 41 -23.55 24.17 -53.90
N ASP H 42 -24.26 23.44 -53.04
CA ASP H 42 -23.64 22.37 -52.26
C ASP H 42 -23.50 21.19 -53.21
N MET H 43 -22.27 20.96 -53.68
CA MET H 43 -22.03 20.06 -54.80
C MET H 43 -22.32 18.61 -54.47
N GLY H 44 -22.33 18.24 -53.20
CA GLY H 44 -22.80 16.92 -52.81
C GLY H 44 -24.26 16.71 -53.13
N LYS H 45 -25.09 17.72 -52.86
CA LYS H 45 -26.51 17.65 -53.20
C LYS H 45 -26.75 17.84 -54.69
N PHE H 46 -25.90 18.59 -55.39
CA PHE H 46 -25.96 18.65 -56.84
C PHE H 46 -25.73 17.26 -57.43
N TYR H 47 -24.71 16.57 -56.94
CA TYR H 47 -24.44 15.20 -57.36
C TYR H 47 -25.57 14.26 -56.96
N ASN H 48 -26.17 14.46 -55.79
CA ASN H 48 -27.26 13.60 -55.32
C ASN H 48 -28.53 13.79 -56.12
N LYS H 49 -28.78 14.98 -56.67
CA LYS H 49 -29.92 15.13 -57.56
C LYS H 49 -29.60 14.62 -58.96
N MET H 50 -28.40 14.94 -59.46
CA MET H 50 -28.05 14.61 -60.83
C MET H 50 -27.75 13.13 -61.03
N VAL H 51 -27.48 12.37 -59.97
CA VAL H 51 -27.20 10.95 -60.11
C VAL H 51 -28.48 10.14 -60.39
N GLU H 52 -29.67 10.75 -60.21
CA GLU H 52 -30.92 10.05 -60.45
C GLU H 52 -31.11 9.71 -61.92
N LYS H 53 -30.56 10.51 -62.83
CA LYS H 53 -30.73 10.30 -64.26
C LYS H 53 -29.79 9.24 -64.82
N ARG H 54 -28.97 8.60 -63.97
CA ARG H 54 -27.79 7.82 -64.35
C ARG H 54 -26.86 8.62 -65.24
N LEU H 55 -26.80 9.93 -65.00
CA LEU H 55 -26.09 10.90 -65.80
C LEU H 55 -24.74 11.22 -65.19
N ALA H 56 -24.49 10.72 -63.98
CA ALA H 56 -23.26 10.99 -63.24
C ALA H 56 -22.05 10.40 -63.94
N GLU H 57 -22.22 9.31 -64.66
CA GLU H 57 -21.13 8.78 -65.48
C GLU H 57 -20.73 9.76 -66.57
N LYS H 58 -21.72 10.45 -67.16
CA LYS H 58 -21.43 11.58 -68.03
C LYS H 58 -20.71 12.67 -67.27
N PHE H 59 -21.10 12.89 -66.01
CA PHE H 59 -20.41 13.83 -65.14
C PHE H 59 -19.00 13.34 -64.81
N GLU H 60 -18.73 12.05 -64.94
CA GLU H 60 -17.35 11.60 -64.79
C GLU H 60 -16.52 12.00 -65.99
N ALA H 61 -17.15 12.12 -67.17
CA ALA H 61 -16.40 12.50 -68.36
C ALA H 61 -16.18 14.01 -68.40
N PHE H 62 -17.14 14.77 -67.87
CA PHE H 62 -17.10 16.22 -67.97
C PHE H 62 -16.01 16.83 -67.09
N LEU H 63 -15.65 16.16 -66.01
CA LEU H 63 -14.76 16.79 -65.04
C LEU H 63 -13.31 16.71 -65.47
N ILE H 64 -12.92 15.66 -66.19
CA ILE H 64 -11.54 15.56 -66.66
C ILE H 64 -11.46 16.11 -68.07
N GLN H 65 -12.57 16.63 -68.57
CA GLN H 65 -12.63 17.11 -69.95
C GLN H 65 -11.98 18.48 -70.03
N THR H 66 -10.74 18.51 -70.50
CA THR H 66 -10.03 19.75 -70.79
C THR H 66 -10.30 20.22 -72.21
N ARG H 67 -11.58 20.32 -72.53
CA ARG H 67 -12.03 20.81 -73.82
C ARG H 67 -11.77 22.31 -73.89
N PRO H 68 -11.38 22.86 -75.05
CA PRO H 68 -11.07 24.30 -75.13
C PRO H 68 -12.31 25.17 -75.10
N ASN H 69 -12.13 26.49 -75.32
CA ASN H 69 -13.22 27.47 -75.43
C ASN H 69 -14.06 27.50 -74.15
N ALA H 70 -13.44 28.07 -73.10
CA ALA H 70 -13.82 28.00 -71.68
C ALA H 70 -15.30 28.19 -71.35
N ARG H 71 -16.04 28.83 -72.26
CA ARG H 71 -17.50 28.85 -72.31
C ARG H 71 -18.11 27.48 -72.06
N ASN H 72 -17.51 26.43 -72.64
CA ASN H 72 -17.96 25.06 -72.50
C ASN H 72 -17.08 24.27 -71.53
N ASN H 73 -16.67 24.90 -70.43
CA ASN H 73 -15.85 24.23 -69.43
C ASN H 73 -16.34 24.45 -68.01
N ARG H 74 -17.37 25.25 -67.81
CA ARG H 74 -17.65 25.80 -66.48
C ARG H 74 -18.95 25.31 -65.88
N LEU H 75 -19.45 24.16 -66.34
CA LEU H 75 -20.61 23.42 -65.81
C LEU H 75 -21.94 24.13 -66.10
N ILE H 76 -21.90 25.32 -66.69
CA ILE H 76 -23.13 25.86 -67.26
C ILE H 76 -23.45 25.14 -68.55
N SER H 77 -22.43 24.85 -69.36
CA SER H 77 -22.64 24.14 -70.61
C SER H 77 -23.03 22.69 -70.37
N PHE H 78 -22.68 22.14 -69.20
CA PHE H 78 -23.16 20.81 -68.84
C PHE H 78 -24.66 20.83 -68.63
N LEU H 79 -25.17 21.85 -67.96
CA LEU H 79 -26.60 22.00 -67.74
C LEU H 79 -27.32 22.62 -68.93
N ASN H 80 -26.61 23.40 -69.75
CA ASN H 80 -27.18 23.86 -71.01
C ASN H 80 -27.08 22.81 -72.11
N ASP H 81 -26.40 21.70 -71.85
CA ASP H 81 -26.22 20.63 -72.83
C ASP H 81 -27.17 19.48 -72.56
N ASN H 82 -27.11 18.92 -71.36
CA ASN H 82 -28.00 17.82 -70.96
C ASN H 82 -29.33 18.30 -70.41
N ARG H 83 -29.63 19.60 -70.56
CA ARG H 83 -30.91 20.27 -70.21
C ARG H 83 -31.41 19.96 -68.80
N ILE H 84 -30.49 19.79 -67.87
CA ILE H 84 -30.84 19.91 -66.45
C ILE H 84 -31.22 21.36 -66.19
N ALA H 85 -32.43 21.58 -65.68
CA ALA H 85 -33.00 22.93 -65.62
C ALA H 85 -33.70 23.24 -64.30
N GLU H 86 -33.07 22.98 -63.15
CA GLU H 86 -33.73 23.27 -61.87
C GLU H 86 -33.17 24.51 -61.16
N ARG H 87 -31.85 24.53 -60.93
CA ARG H 87 -31.16 25.50 -60.06
C ARG H 87 -31.76 25.57 -58.65
N SER H 88 -32.31 24.47 -58.15
CA SER H 88 -32.95 24.46 -56.84
C SER H 88 -32.02 23.94 -55.75
N PHE H 89 -30.71 23.92 -56.01
CA PHE H 89 -29.76 23.31 -55.09
C PHE H 89 -29.51 24.23 -53.90
N GLY H 90 -28.70 23.75 -52.96
CA GLY H 90 -28.41 24.55 -51.79
C GLY H 90 -27.39 25.65 -52.02
N GLY H 91 -26.61 25.98 -50.99
CA GLY H 91 -25.56 26.95 -51.14
C GLY H 91 -26.06 28.37 -51.27
N TYR H 92 -25.13 29.26 -51.62
CA TYR H 92 -25.42 30.67 -51.78
C TYR H 92 -25.15 31.09 -53.21
N SER H 93 -25.78 32.19 -53.61
CA SER H 93 -25.71 32.70 -54.97
C SER H 93 -25.49 34.20 -54.90
N ILE H 94 -24.33 34.66 -55.35
CA ILE H 94 -23.97 36.06 -55.23
C ILE H 94 -23.85 36.67 -56.61
N SER H 95 -24.22 37.94 -56.74
CA SER H 95 -24.21 38.57 -58.04
C SER H 95 -22.79 38.96 -58.41
N GLU H 96 -22.60 39.38 -59.65
CA GLU H 96 -21.28 39.60 -60.18
C GLU H 96 -20.71 40.93 -59.74
N THR H 97 -19.39 41.02 -59.82
CA THR H 97 -18.65 42.24 -59.60
C THR H 97 -19.00 43.14 -60.79
N GLY H 98 -19.05 42.51 -61.97
CA GLY H 98 -19.36 43.13 -63.24
C GLY H 98 -18.16 43.56 -64.07
N LEU H 99 -16.97 43.61 -63.47
CA LEU H 99 -15.78 44.02 -64.24
C LEU H 99 -14.51 43.17 -64.12
N GLU H 100 -14.63 41.92 -63.68
CA GLU H 100 -13.46 41.05 -63.48
C GLU H 100 -13.22 40.08 -64.65
N SER H 101 -13.91 40.36 -65.75
CA SER H 101 -13.91 39.55 -66.93
C SER H 101 -13.37 40.42 -68.00
N ASP H 102 -12.05 40.60 -67.96
CA ASP H 102 -11.32 41.47 -68.88
C ASP H 102 -11.49 40.97 -70.30
N LYS H 103 -11.80 39.68 -70.42
CA LYS H 103 -11.99 39.02 -71.70
C LYS H 103 -13.30 39.43 -72.38
N ASN H 104 -13.41 39.04 -73.65
CA ASN H 104 -14.53 39.46 -74.49
C ASN H 104 -15.92 39.09 -74.01
N PRO H 105 -16.90 39.97 -74.30
CA PRO H 105 -18.28 39.72 -73.90
C PRO H 105 -18.79 38.44 -74.53
N ASN H 106 -19.46 37.66 -73.66
CA ASN H 106 -20.12 36.35 -73.82
C ASN H 106 -19.13 35.19 -73.72
N SER H 107 -17.85 35.51 -73.54
CA SER H 107 -16.84 34.51 -73.27
C SER H 107 -17.00 34.55 -71.76
N ALA H 108 -17.17 35.78 -71.31
CA ALA H 108 -17.37 36.16 -69.92
C ALA H 108 -18.10 35.08 -69.12
N GLY H 109 -17.75 34.98 -67.84
CA GLY H 109 -18.29 33.99 -66.94
C GLY H 109 -17.37 32.79 -66.83
N ALA H 110 -16.19 32.90 -67.44
CA ALA H 110 -15.18 31.84 -67.42
C ALA H 110 -14.24 32.01 -66.26
N ILE H 111 -14.75 32.44 -65.11
CA ILE H 111 -13.97 32.48 -63.88
C ILE H 111 -13.57 31.06 -63.49
N ASN H 112 -12.44 30.93 -62.81
CA ASN H 112 -11.84 29.62 -62.62
C ASN H 112 -11.81 29.18 -61.15
N GLU H 113 -11.10 29.87 -60.27
CA GLU H 113 -10.90 29.36 -58.91
C GLU H 113 -11.26 30.43 -57.89
N VAL H 114 -12.39 30.25 -57.24
CA VAL H 114 -12.91 31.26 -56.31
C VAL H 114 -12.70 30.79 -54.88
N ASN H 115 -12.11 31.67 -54.06
CA ASN H 115 -11.78 31.38 -52.67
C ASN H 115 -12.92 31.87 -51.81
N LYS H 116 -13.41 31.03 -50.91
CA LYS H 116 -14.61 31.37 -50.16
C LYS H 116 -14.29 32.40 -49.09
N PHE H 117 -15.33 33.13 -48.67
CA PHE H 117 -15.24 34.02 -47.53
C PHE H 117 -15.51 33.23 -46.26
N ILE H 118 -14.95 33.71 -45.14
CA ILE H 118 -15.16 33.02 -43.87
C ILE H 118 -16.62 33.15 -43.46
N ARG H 119 -17.17 32.09 -42.90
CA ARG H 119 -18.59 32.06 -42.58
C ARG H 119 -18.82 31.31 -41.29
N ASP H 120 -19.86 31.70 -40.57
CA ASP H 120 -20.39 30.88 -39.50
C ASP H 120 -21.54 30.04 -40.02
N ALA H 121 -21.90 29.01 -39.25
CA ALA H 121 -22.58 27.83 -39.79
C ALA H 121 -24.01 28.10 -40.25
N PHE H 122 -24.57 29.27 -39.94
CA PHE H 122 -25.94 29.55 -40.32
C PHE H 122 -26.08 29.92 -41.78
N GLY H 123 -25.01 30.40 -42.42
CA GLY H 123 -25.06 30.75 -43.82
C GLY H 123 -24.71 32.20 -44.11
N ASN H 124 -24.35 32.95 -43.08
CA ASN H 124 -23.95 34.33 -43.21
C ASN H 124 -22.44 34.45 -43.11
N PRO H 125 -21.86 35.52 -43.64
CA PRO H 125 -20.44 35.75 -43.38
C PRO H 125 -20.23 36.71 -42.24
N TYR H 126 -19.00 36.82 -41.77
CA TYR H 126 -18.62 37.81 -40.77
C TYR H 126 -17.14 38.07 -40.93
N ILE H 127 -16.63 39.01 -40.16
CA ILE H 127 -15.19 39.24 -40.06
C ILE H 127 -14.74 38.79 -38.67
N PRO H 128 -13.75 37.90 -38.58
CA PRO H 128 -13.34 37.41 -37.26
C PRO H 128 -12.63 38.49 -36.47
N GLY H 129 -12.73 38.38 -35.15
CA GLY H 129 -11.99 39.28 -34.30
C GLY H 129 -10.51 39.04 -34.34
N SER H 130 -10.10 37.82 -34.64
CA SER H 130 -8.68 37.53 -34.73
C SER H 130 -8.03 38.14 -35.97
N SER H 131 -8.77 38.36 -37.05
CA SER H 131 -8.21 39.04 -38.21
C SER H 131 -7.94 40.50 -37.92
N LEU H 132 -8.90 41.18 -37.30
CA LEU H 132 -8.70 42.56 -36.88
C LEU H 132 -7.61 42.65 -35.82
N LYS H 133 -7.52 41.64 -34.94
CA LYS H 133 -6.51 41.68 -33.90
C LYS H 133 -5.11 41.49 -34.45
N GLY H 134 -4.97 40.64 -35.46
CA GLY H 134 -3.68 40.55 -36.11
C GLY H 134 -3.33 41.72 -36.99
N ALA H 135 -4.33 42.45 -37.49
CA ALA H 135 -4.03 43.69 -38.19
C ALA H 135 -3.66 44.79 -37.21
N ILE H 136 -4.23 44.77 -36.01
CA ILE H 136 -3.91 45.75 -34.98
C ILE H 136 -2.50 45.51 -34.46
N ARG H 137 -2.11 44.24 -34.33
CA ARG H 137 -0.81 43.90 -33.77
C ARG H 137 0.35 44.38 -34.65
N THR H 138 0.16 44.43 -35.97
CA THR H 138 1.23 44.95 -36.83
C THR H 138 1.40 46.45 -36.67
N ILE H 139 0.32 47.19 -36.51
CA ILE H 139 0.39 48.61 -36.22
C ILE H 139 1.11 48.85 -34.91
N LEU H 140 0.72 48.10 -33.88
CA LEU H 140 1.32 48.31 -32.56
C LEU H 140 2.75 47.80 -32.49
N MET H 141 3.14 46.87 -33.37
CA MET H 141 4.52 46.43 -33.40
C MET H 141 5.40 47.30 -34.27
N ASN H 142 4.86 47.94 -35.30
CA ASN H 142 5.67 48.77 -36.18
C ASN H 142 5.69 50.24 -35.80
N THR H 143 4.79 50.68 -34.92
CA THR H 143 4.81 52.07 -34.49
C THR H 143 5.46 52.26 -33.13
N THR H 144 5.48 51.23 -32.30
CA THR H 144 6.28 51.26 -31.09
C THR H 144 7.73 51.02 -31.50
N PRO H 145 8.61 52.02 -31.40
CA PRO H 145 9.96 51.87 -31.95
C PRO H 145 10.87 50.96 -31.16
N LYS H 146 10.45 50.52 -29.96
CA LYS H 146 11.22 49.53 -29.21
C LYS H 146 10.94 48.11 -29.69
N TRP H 147 9.93 47.93 -30.54
CA TRP H 147 9.52 46.61 -31.02
C TRP H 147 9.82 46.42 -32.50
N ASN H 148 10.95 46.95 -32.97
CA ASN H 148 11.39 46.71 -34.33
C ASN H 148 12.86 46.35 -34.45
N ASN H 149 13.69 46.73 -33.50
CA ASN H 149 15.14 46.70 -33.70
C ASN H 149 15.73 45.29 -33.52
N GLU H 150 15.61 44.72 -32.33
CA GLU H 150 16.26 43.46 -32.02
C GLU H 150 15.40 42.24 -32.32
N ASN H 151 14.13 42.45 -32.67
CA ASN H 151 13.23 41.34 -32.97
C ASN H 151 13.56 40.80 -34.35
N ALA H 152 14.55 39.92 -34.39
CA ALA H 152 14.98 39.29 -35.63
C ALA H 152 15.53 37.90 -35.29
N VAL H 153 16.27 37.32 -36.23
CA VAL H 153 16.57 35.91 -36.15
C VAL H 153 17.69 35.63 -35.16
N ASN H 154 18.76 36.42 -35.22
CA ASN H 154 20.10 36.17 -34.67
C ASN H 154 20.75 34.91 -35.26
N ASP H 155 20.26 34.43 -36.41
CA ASP H 155 20.80 33.30 -37.18
C ASP H 155 20.86 32.02 -36.33
N PHE H 156 19.69 31.53 -35.94
CA PHE H 156 19.61 30.30 -35.15
C PHE H 156 19.60 29.06 -36.03
N GLY H 157 18.62 28.95 -36.93
CA GLY H 157 18.60 27.84 -37.87
C GLY H 157 19.35 28.19 -39.14
N ARG H 158 18.60 28.31 -40.22
CA ARG H 158 19.16 28.83 -41.47
C ARG H 158 19.07 30.39 -41.44
N PHE H 159 18.48 30.91 -40.34
CA PHE H 159 18.23 32.32 -39.93
C PHE H 159 16.97 33.08 -40.35
N PRO H 160 16.04 32.45 -41.08
CA PRO H 160 14.87 33.24 -41.46
C PRO H 160 13.95 33.64 -40.29
N LYS H 161 13.73 32.72 -39.36
CA LYS H 161 12.79 32.91 -38.25
C LYS H 161 13.00 34.00 -37.20
N GLU H 162 11.87 34.58 -36.80
CA GLU H 162 11.77 35.62 -35.78
C GLU H 162 11.86 35.02 -34.39
N ASN H 163 12.02 35.86 -33.36
CA ASN H 163 12.11 35.33 -32.00
C ASN H 163 10.75 35.09 -31.37
N LYS H 164 9.77 35.95 -31.67
CA LYS H 164 8.40 35.94 -31.16
C LYS H 164 8.29 36.07 -29.64
N ASN H 165 9.34 36.53 -28.97
CA ASN H 165 9.31 36.71 -27.52
C ASN H 165 9.37 38.17 -27.10
N LEU H 166 9.51 39.10 -28.04
CA LEU H 166 9.73 40.50 -27.72
C LEU H 166 8.46 41.21 -27.28
N ILE H 167 7.34 40.49 -27.29
CA ILE H 167 6.04 41.06 -26.83
C ILE H 167 5.70 40.34 -25.52
N PRO H 168 5.20 41.03 -24.47
CA PRO H 168 4.83 40.34 -23.23
C PRO H 168 3.98 39.12 -23.55
N TRP H 169 4.53 37.94 -23.28
CA TRP H 169 3.91 36.68 -23.68
C TRP H 169 4.19 35.65 -22.59
N GLY H 170 3.12 35.08 -22.03
CA GLY H 170 3.23 33.83 -21.33
C GLY H 170 3.00 33.89 -19.83
N PRO H 171 2.93 32.72 -19.21
CA PRO H 171 2.93 32.64 -17.75
C PRO H 171 4.18 33.18 -17.08
N LYS H 172 5.37 32.67 -17.45
CA LYS H 172 6.66 33.18 -17.00
C LYS H 172 6.88 33.12 -15.49
N LYS H 173 7.23 31.93 -14.98
CA LYS H 173 7.46 31.58 -13.56
C LYS H 173 8.04 32.66 -12.66
N GLY H 174 7.38 32.92 -11.54
CA GLY H 174 7.83 33.93 -10.60
C GLY H 174 7.33 35.32 -10.91
N LYS H 175 7.36 35.68 -12.19
CA LYS H 175 6.95 37.01 -12.62
C LYS H 175 5.44 37.17 -12.50
N GLU H 176 5.00 38.38 -12.16
CA GLU H 176 3.60 38.75 -12.23
C GLU H 176 3.12 38.69 -13.69
N TYR H 177 1.84 38.39 -13.86
CA TYR H 177 1.25 38.21 -15.18
C TYR H 177 1.24 39.52 -15.96
N ASP H 178 2.12 39.67 -16.94
CA ASP H 178 2.07 40.89 -17.74
C ASP H 178 1.07 40.80 -18.89
N ASP H 179 1.42 40.07 -19.96
CA ASP H 179 0.60 39.85 -21.16
C ASP H 179 -0.18 41.05 -21.68
N LEU H 180 0.53 42.02 -22.30
CA LEU H 180 -0.12 43.18 -22.90
C LEU H 180 -1.25 42.81 -23.85
N PHE H 181 -1.04 41.80 -24.68
CA PHE H 181 -2.02 41.49 -25.71
C PHE H 181 -3.11 40.54 -25.25
N ASN H 182 -2.99 39.95 -24.06
CA ASN H 182 -4.18 39.46 -23.37
C ASN H 182 -5.10 40.61 -23.02
N ALA H 183 -4.53 41.76 -22.70
CA ALA H 183 -5.29 42.92 -22.26
C ALA H 183 -5.88 43.72 -23.40
N ILE H 184 -5.81 43.23 -24.63
CA ILE H 184 -6.48 43.82 -25.77
C ILE H 184 -7.38 42.72 -26.33
N ARG H 185 -8.69 42.86 -26.14
CA ARG H 185 -9.61 41.76 -26.42
C ARG H 185 -10.54 42.16 -27.55
N VAL H 186 -10.12 41.92 -28.79
CA VAL H 186 -10.96 42.26 -29.93
C VAL H 186 -12.02 41.19 -30.13
N SER H 187 -13.29 41.58 -30.10
CA SER H 187 -14.37 40.65 -30.32
C SER H 187 -14.75 40.63 -31.79
N ASP H 188 -15.55 39.63 -32.16
CA ASP H 188 -15.90 39.38 -33.55
C ASP H 188 -16.87 40.45 -34.04
N SER H 189 -17.13 40.45 -35.33
CA SER H 189 -18.05 41.40 -35.93
C SER H 189 -19.46 40.84 -35.92
N LYS H 190 -20.42 41.73 -36.03
CA LYS H 190 -21.80 41.33 -36.20
C LYS H 190 -21.97 40.80 -37.61
N PRO H 191 -22.41 39.55 -37.79
CA PRO H 191 -22.39 38.93 -39.13
C PRO H 191 -23.43 39.52 -40.05
N PHE H 192 -22.95 39.98 -41.21
CA PHE H 192 -23.77 40.65 -42.20
C PHE H 192 -24.29 39.62 -43.20
N ASP H 193 -24.81 40.07 -44.34
CA ASP H 193 -25.44 39.20 -45.32
C ASP H 193 -24.59 39.15 -46.58
N ASN H 194 -24.83 38.12 -47.39
CA ASN H 194 -24.12 37.83 -48.64
C ASN H 194 -24.35 38.84 -49.75
N LYS H 195 -25.11 39.92 -49.56
CA LYS H 195 -25.33 40.90 -50.61
C LYS H 195 -24.29 42.00 -50.60
N SER H 196 -23.10 41.72 -50.07
CA SER H 196 -22.00 42.66 -50.09
C SER H 196 -20.71 41.97 -50.52
N LEU H 197 -20.83 40.92 -51.32
CA LEU H 197 -19.68 40.14 -51.78
C LEU H 197 -19.69 40.11 -53.30
N ILE H 198 -18.53 40.34 -53.91
CA ILE H 198 -18.47 40.66 -55.33
C ILE H 198 -17.48 39.82 -56.14
N LEU H 199 -16.60 39.09 -55.45
CA LEU H 199 -15.59 38.21 -56.07
C LEU H 199 -14.67 38.96 -57.03
N VAL H 200 -13.81 39.80 -56.46
CA VAL H 200 -12.81 40.51 -57.25
C VAL H 200 -11.75 39.54 -57.76
N GLN H 201 -11.12 39.91 -58.85
CA GLN H 201 -9.96 39.17 -59.34
C GLN H 201 -8.70 39.90 -58.93
N LYS H 202 -7.65 39.14 -58.65
CA LYS H 202 -6.37 39.74 -58.31
C LYS H 202 -5.75 40.38 -59.55
N TRP H 203 -5.14 41.55 -59.36
CA TRP H 203 -4.50 42.26 -60.47
C TRP H 203 -3.14 42.74 -60.00
N ASP H 204 -2.08 42.20 -60.57
CA ASP H 204 -0.73 42.59 -60.19
C ASP H 204 -0.23 43.74 -61.05
N TYR H 205 0.20 44.83 -60.41
CA TYR H 205 0.66 46.04 -61.08
C TYR H 205 2.12 46.28 -60.69
N SER H 206 3.04 45.82 -61.53
CA SER H 206 4.43 45.86 -61.15
C SER H 206 5.09 47.16 -61.59
N ALA H 207 6.20 47.47 -60.92
CA ALA H 207 7.16 48.43 -61.45
C ALA H 207 8.12 47.70 -62.37
N LYS H 208 8.90 48.49 -63.14
CA LYS H 208 9.92 48.08 -64.10
C LYS H 208 9.36 47.38 -65.33
N THR H 209 8.05 47.11 -65.35
CA THR H 209 7.29 46.78 -66.54
C THR H 209 5.89 47.32 -66.25
N ASN H 210 5.66 48.57 -66.64
CA ASN H 210 4.52 49.33 -66.15
C ASN H 210 3.26 48.81 -66.82
N LYS H 211 2.63 47.84 -66.17
CA LYS H 211 1.49 47.11 -66.73
C LYS H 211 0.76 46.48 -65.54
N ALA H 212 -0.44 45.98 -65.81
CA ALA H 212 -1.35 45.48 -64.78
C ALA H 212 -1.78 44.08 -65.18
N LYS H 213 -0.82 43.18 -65.37
CA LYS H 213 -1.13 41.81 -65.76
C LYS H 213 -1.98 41.13 -64.70
N PRO H 214 -3.18 40.65 -65.05
CA PRO H 214 -4.04 40.00 -64.06
C PRO H 214 -3.57 38.60 -63.72
N LEU H 215 -4.16 38.05 -62.68
CA LEU H 215 -3.84 36.74 -62.13
C LEU H 215 -5.09 35.88 -62.12
N PRO H 216 -4.95 34.56 -62.25
CA PRO H 216 -6.14 33.70 -62.31
C PRO H 216 -6.67 33.31 -60.95
N LEU H 217 -6.73 34.25 -60.00
CA LEU H 217 -7.10 33.95 -58.64
C LEU H 217 -8.24 34.88 -58.26
N TYR H 218 -9.46 34.36 -58.20
CA TYR H 218 -10.62 35.22 -58.11
C TYR H 218 -11.23 35.05 -56.74
N ARG H 219 -10.68 35.72 -55.74
CA ARG H 219 -11.17 35.55 -54.39
C ARG H 219 -12.46 36.32 -54.18
N GLU H 220 -13.36 35.77 -53.37
CA GLU H 220 -14.51 36.55 -52.93
C GLU H 220 -14.04 37.62 -51.96
N SER H 221 -14.85 38.67 -51.80
CA SER H 221 -14.37 39.83 -51.08
C SER H 221 -15.56 40.56 -50.49
N ILE H 222 -15.33 41.77 -50.00
CA ILE H 222 -16.36 42.61 -49.40
C ILE H 222 -16.61 43.78 -50.33
N SER H 223 -17.88 44.11 -50.56
CA SER H 223 -18.22 45.31 -51.31
C SER H 223 -17.72 46.55 -50.59
N PRO H 224 -17.25 47.56 -51.30
CA PRO H 224 -16.78 48.77 -50.63
C PRO H 224 -17.92 49.57 -50.03
N LEU H 225 -17.54 50.46 -49.11
CA LEU H 225 -18.45 51.28 -48.31
C LEU H 225 -19.44 50.42 -47.53
N THR H 226 -18.89 49.62 -46.62
CA THR H 226 -19.66 48.83 -45.67
C THR H 226 -19.10 49.09 -44.27
N LYS H 227 -19.92 49.65 -43.41
CA LYS H 227 -19.52 49.94 -42.04
C LYS H 227 -19.73 48.68 -41.20
N ILE H 228 -18.68 48.28 -40.48
CA ILE H 228 -18.61 47.00 -39.80
C ILE H 228 -18.37 47.26 -38.32
N GLU H 229 -19.16 46.61 -37.47
CA GLU H 229 -19.07 46.81 -36.03
C GLU H 229 -17.97 45.96 -35.42
N PHE H 230 -17.37 46.47 -34.35
CA PHE H 230 -16.31 45.76 -33.64
C PHE H 230 -16.24 46.30 -32.23
N GLU H 231 -15.66 45.50 -31.33
CA GLU H 231 -15.38 45.92 -29.98
C GLU H 231 -13.94 45.61 -29.62
N ILE H 232 -13.32 46.47 -28.81
CA ILE H 232 -12.01 46.21 -28.22
C ILE H 232 -12.07 46.52 -26.73
N THR H 233 -12.34 45.53 -25.90
CA THR H 233 -12.60 45.77 -24.48
C THR H 233 -11.35 45.44 -23.69
N THR H 234 -10.55 46.46 -23.41
CA THR H 234 -9.26 46.25 -22.76
C THR H 234 -9.44 45.91 -21.29
N THR H 235 -8.32 45.54 -20.65
CA THR H 235 -8.34 45.32 -19.20
C THR H 235 -7.15 45.92 -18.47
N THR H 236 -6.14 46.42 -19.16
CA THR H 236 -5.01 47.09 -18.54
C THR H 236 -4.88 48.49 -19.13
N ASP H 237 -4.58 49.47 -18.29
CA ASP H 237 -4.40 50.84 -18.75
C ASP H 237 -3.18 50.98 -19.65
N GLU H 238 -2.17 50.11 -19.49
CA GLU H 238 -1.08 50.03 -20.46
C GLU H 238 -1.59 49.66 -21.85
N ALA H 239 -2.59 48.78 -21.92
CA ALA H 239 -3.24 48.51 -23.19
C ALA H 239 -4.18 49.64 -23.59
N GLY H 240 -4.73 50.35 -22.60
CA GLY H 240 -5.57 51.50 -22.89
C GLY H 240 -4.81 52.61 -23.57
N ARG H 241 -3.53 52.75 -23.27
CA ARG H 241 -2.67 53.71 -23.96
C ARG H 241 -2.54 53.37 -25.44
N LEU H 242 -2.30 52.10 -25.76
CA LEU H 242 -2.13 51.70 -27.16
C LEU H 242 -3.43 51.82 -27.95
N ILE H 243 -4.55 51.42 -27.34
CA ILE H 243 -5.82 51.55 -28.04
C ILE H 243 -6.24 53.01 -28.17
N GLU H 244 -5.83 53.87 -27.23
CA GLU H 244 -6.13 55.28 -27.39
C GLU H 244 -5.25 55.91 -28.48
N GLU H 245 -4.01 55.45 -28.61
CA GLU H 245 -3.11 55.99 -29.60
C GLU H 245 -3.20 55.28 -30.94
N LEU H 246 -4.17 54.36 -31.11
CA LEU H 246 -4.41 53.75 -32.41
C LEU H 246 -4.68 54.78 -33.51
N GLY H 247 -5.48 55.80 -33.20
CA GLY H 247 -5.85 56.80 -34.19
C GLY H 247 -4.70 57.66 -34.69
N LYS H 248 -3.56 57.66 -33.99
CA LYS H 248 -2.34 58.31 -34.43
C LYS H 248 -1.30 57.33 -34.94
N ARG H 249 -1.22 56.14 -34.34
CA ARG H 249 -0.25 55.14 -34.80
C ARG H 249 -0.64 54.55 -36.14
N ALA H 250 -1.93 54.50 -36.46
CA ALA H 250 -2.33 54.05 -37.79
C ALA H 250 -1.84 55.01 -38.86
N GLN H 251 -1.95 56.32 -38.60
CA GLN H 251 -1.43 57.31 -39.52
C GLN H 251 0.10 57.26 -39.59
N ALA H 252 0.76 57.01 -38.47
CA ALA H 252 2.22 56.94 -38.47
C ALA H 252 2.72 55.71 -39.23
N PHE H 253 2.02 54.59 -39.07
CA PHE H 253 2.32 53.39 -39.84
C PHE H 253 2.09 53.61 -41.32
N TYR H 254 1.01 54.32 -41.67
CA TYR H 254 0.75 54.59 -43.08
C TYR H 254 1.74 55.59 -43.66
N LYS H 255 2.27 56.49 -42.83
CA LYS H 255 3.26 57.44 -43.31
C LYS H 255 4.61 56.78 -43.52
N ASP H 256 4.99 55.84 -42.64
CA ASP H 256 6.21 55.06 -42.87
C ASP H 256 6.01 53.95 -43.88
N TYR H 257 4.78 53.71 -44.30
CA TYR H 257 4.50 52.78 -45.39
C TYR H 257 4.57 53.49 -46.74
N LYS H 258 3.79 54.57 -46.89
CA LYS H 258 3.65 55.25 -48.16
C LYS H 258 4.93 55.94 -48.60
N ALA H 259 5.80 56.33 -47.67
CA ALA H 259 7.09 56.87 -48.05
C ALA H 259 8.05 55.75 -48.45
N PHE H 260 7.75 54.51 -48.06
CA PHE H 260 8.64 53.39 -48.26
C PHE H 260 8.24 52.50 -49.43
N PHE H 261 6.98 52.07 -49.50
CA PHE H 261 6.61 51.11 -50.53
C PHE H 261 5.60 51.65 -51.54
N LEU H 262 4.64 52.47 -51.10
CA LEU H 262 3.65 52.98 -52.04
C LEU H 262 4.24 54.04 -52.96
N SER H 263 5.23 54.78 -52.49
CA SER H 263 6.05 55.54 -53.40
C SER H 263 6.90 54.58 -54.22
N GLU H 264 7.29 55.05 -55.41
CA GLU H 264 7.85 54.35 -56.61
C GLU H 264 6.72 53.66 -57.38
N PHE H 265 5.48 53.79 -56.91
CA PHE H 265 4.30 53.38 -57.63
C PHE H 265 3.40 54.60 -57.73
N PRO H 266 2.72 54.80 -58.87
CA PRO H 266 2.13 56.11 -59.15
C PRO H 266 0.88 56.41 -58.34
N ASP H 267 0.58 57.71 -58.26
CA ASP H 267 -0.42 58.22 -57.32
C ASP H 267 -1.83 57.83 -57.72
N ASP H 268 -2.07 57.60 -59.00
CA ASP H 268 -3.41 57.28 -59.48
C ASP H 268 -3.90 55.93 -58.99
N LYS H 269 -2.98 54.98 -58.74
CA LYS H 269 -3.37 53.68 -58.22
C LYS H 269 -3.67 53.71 -56.73
N ILE H 270 -3.35 54.80 -56.04
CA ILE H 270 -3.49 54.88 -54.59
C ILE H 270 -4.83 55.53 -54.29
N GLN H 271 -5.38 55.23 -53.11
CA GLN H 271 -6.65 55.79 -52.70
C GLN H 271 -6.45 56.87 -51.66
N ALA H 272 -7.56 57.42 -51.17
CA ALA H 272 -7.53 58.37 -50.06
C ALA H 272 -7.70 57.59 -48.75
N ASN H 273 -7.89 58.30 -47.65
CA ASN H 273 -8.09 57.61 -46.38
C ASN H 273 -9.45 57.83 -45.77
N LEU H 274 -9.83 59.08 -45.48
CA LEU H 274 -11.11 59.56 -44.96
C LEU H 274 -11.37 59.18 -43.50
N GLN H 275 -10.58 58.26 -42.94
CA GLN H 275 -10.65 57.87 -41.53
C GLN H 275 -9.24 57.41 -41.14
N TYR H 276 -9.13 56.57 -39.98
CA TYR H 276 -7.73 56.19 -39.85
C TYR H 276 -7.45 54.89 -40.60
N PRO H 277 -6.31 54.77 -41.28
CA PRO H 277 -6.10 53.64 -42.20
C PRO H 277 -5.60 52.37 -41.55
N ILE H 278 -6.05 51.25 -42.10
CA ILE H 278 -5.72 49.91 -41.63
C ILE H 278 -5.69 49.00 -42.85
N TYR H 279 -4.94 47.91 -42.75
CA TYR H 279 -4.73 47.02 -43.87
C TYR H 279 -5.14 45.61 -43.46
N LEU H 280 -6.37 45.23 -43.78
CA LEU H 280 -6.89 43.93 -43.41
C LEU H 280 -6.42 42.88 -44.41
N GLY H 281 -6.63 41.60 -44.06
CA GLY H 281 -5.87 40.52 -44.65
C GLY H 281 -6.21 40.18 -46.09
N ALA H 282 -5.40 39.25 -46.62
CA ALA H 282 -5.57 38.59 -47.92
C ALA H 282 -5.59 39.55 -49.11
N GLY H 283 -4.45 40.14 -49.42
CA GLY H 283 -4.34 40.88 -50.66
C GLY H 283 -3.49 42.11 -50.48
N SER H 284 -3.28 42.49 -49.23
CA SER H 284 -2.51 43.69 -48.94
C SER H 284 -1.03 43.50 -49.19
N GLY H 285 -0.56 42.27 -49.25
CA GLY H 285 0.84 42.01 -49.51
C GLY H 285 1.61 41.77 -48.23
N ALA H 286 2.86 41.36 -48.38
CA ALA H 286 3.70 41.02 -47.26
C ALA H 286 4.39 42.21 -46.63
N TRP H 287 3.97 43.42 -46.94
CA TRP H 287 4.50 44.58 -46.24
C TRP H 287 3.48 45.19 -45.30
N THR H 288 2.28 44.63 -45.22
CA THR H 288 1.35 44.95 -44.16
C THR H 288 1.23 43.81 -43.16
N LYS H 289 1.76 42.65 -43.48
CA LYS H 289 1.76 41.52 -42.58
C LYS H 289 3.06 41.41 -41.80
N THR H 290 4.01 42.31 -42.02
CA THR H 290 5.35 42.16 -41.51
C THR H 290 5.84 43.44 -40.85
N LEU H 291 6.86 43.29 -40.02
CA LEU H 291 7.69 44.42 -39.59
C LEU H 291 8.58 44.75 -40.78
N PHE H 292 8.09 45.62 -41.66
CA PHE H 292 8.69 45.74 -42.99
C PHE H 292 10.03 46.45 -42.95
N LYS H 293 10.28 47.26 -41.93
CA LYS H 293 11.52 48.01 -41.88
C LYS H 293 12.71 47.15 -41.44
N GLN H 294 12.48 45.89 -41.09
CA GLN H 294 13.55 44.93 -40.86
C GLN H 294 13.44 43.69 -41.74
N ALA H 295 12.30 43.49 -42.41
CA ALA H 295 12.08 42.34 -43.26
C ALA H 295 12.37 42.64 -44.73
N ASP H 296 13.20 43.65 -45.01
CA ASP H 296 13.55 43.96 -46.38
C ASP H 296 14.62 43.00 -46.92
N GLY H 297 15.52 42.53 -46.07
CA GLY H 297 16.56 41.61 -46.49
C GLY H 297 16.32 40.17 -46.11
N ILE H 298 15.27 39.88 -45.35
CA ILE H 298 14.98 38.53 -44.93
C ILE H 298 13.83 37.90 -45.70
N LEU H 299 12.89 38.70 -46.21
CA LEU H 299 11.75 38.14 -46.92
C LEU H 299 12.14 37.65 -48.31
N GLN H 300 13.03 38.38 -48.98
CA GLN H 300 13.40 38.02 -50.35
C GLN H 300 14.38 36.86 -50.43
N ARG H 301 14.92 36.42 -49.29
CA ARG H 301 15.76 35.23 -49.30
C ARG H 301 14.95 33.96 -49.51
N ARG H 302 13.70 33.94 -49.00
CA ARG H 302 12.84 32.78 -49.09
C ARG H 302 12.44 32.44 -50.52
N TYR H 303 12.35 33.42 -51.40
CA TYR H 303 11.87 33.19 -52.76
C TYR H 303 13.07 33.00 -53.68
N SER H 304 13.53 31.76 -53.72
CA SER H 304 14.54 31.27 -54.64
C SER H 304 13.93 30.22 -55.56
N ARG H 305 12.73 30.52 -56.08
CA ARG H 305 11.93 29.58 -56.84
C ARG H 305 11.61 30.19 -58.19
N MET H 306 10.65 29.63 -58.93
CA MET H 306 10.36 30.08 -60.28
C MET H 306 9.70 31.45 -60.36
N LYS H 307 9.29 32.02 -59.23
CA LYS H 307 8.57 33.28 -59.21
C LYS H 307 9.10 34.20 -58.11
N THR H 308 10.41 34.43 -58.14
CA THR H 308 11.11 35.35 -57.23
C THR H 308 10.55 36.77 -57.25
N LYS H 309 10.70 37.47 -56.15
CA LYS H 309 10.19 38.83 -56.07
C LYS H 309 11.07 39.65 -57.00
N MET H 310 10.51 40.66 -57.64
CA MET H 310 11.34 41.43 -58.53
C MET H 310 12.12 42.36 -57.63
N VAL H 311 13.41 42.07 -57.51
CA VAL H 311 14.33 42.81 -56.65
C VAL H 311 13.70 42.83 -55.27
N LYS H 312 13.56 44.02 -54.72
CA LYS H 312 12.91 44.18 -53.42
C LYS H 312 11.62 44.96 -53.64
N LYS H 313 10.65 44.76 -52.75
CA LYS H 313 9.33 45.45 -52.83
C LYS H 313 8.72 45.24 -54.21
N GLY H 314 8.70 44.00 -54.68
CA GLY H 314 8.29 43.73 -56.06
C GLY H 314 6.95 44.04 -56.70
N VAL H 315 5.82 43.77 -56.07
CA VAL H 315 4.58 44.06 -56.77
C VAL H 315 3.47 44.68 -55.94
N LEU H 316 2.70 45.57 -56.55
CA LEU H 316 1.56 46.15 -55.85
C LEU H 316 0.27 45.47 -56.30
N LYS H 317 -0.57 45.09 -55.33
CA LYS H 317 -1.73 44.26 -55.58
C LYS H 317 -2.98 45.12 -55.68
N LEU H 318 -3.68 45.02 -56.79
CA LEU H 318 -4.93 45.73 -57.04
C LEU H 318 -6.01 44.75 -57.42
N THR H 319 -7.25 45.23 -57.50
CA THR H 319 -8.39 44.41 -57.89
C THR H 319 -9.30 45.23 -58.80
N LYS H 320 -10.51 44.75 -59.02
CA LYS H 320 -11.50 45.46 -59.80
C LYS H 320 -12.85 45.28 -59.14
N ALA H 321 -13.41 46.35 -58.61
CA ALA H 321 -14.71 46.31 -57.95
C ALA H 321 -15.61 47.33 -58.63
N PRO H 322 -16.93 47.30 -58.42
CA PRO H 322 -17.75 48.43 -58.89
C PRO H 322 -17.41 49.69 -58.11
N LEU H 323 -17.25 50.79 -58.84
CA LEU H 323 -16.89 52.03 -58.20
C LEU H 323 -18.07 52.64 -57.46
N LYS H 324 -17.99 52.61 -56.13
CA LYS H 324 -19.04 53.17 -55.30
C LYS H 324 -18.40 54.30 -54.50
N THR H 325 -19.03 55.47 -54.53
CA THR H 325 -18.50 56.63 -53.81
C THR H 325 -19.57 57.34 -52.98
N SER H 334 -15.02 59.71 -54.46
CA SER H 334 -15.54 58.58 -55.23
C SER H 334 -14.79 57.29 -54.91
N LEU H 335 -14.07 57.31 -53.79
CA LEU H 335 -13.27 56.18 -53.30
C LEU H 335 -12.26 55.62 -54.29
N VAL H 336 -11.56 56.49 -55.02
CA VAL H 336 -10.57 56.03 -55.99
C VAL H 336 -9.52 57.03 -56.47
N LYS H 337 -9.96 57.96 -57.30
CA LYS H 337 -9.09 58.95 -57.94
C LYS H 337 -8.54 58.48 -59.31
N ASN H 338 -9.09 57.43 -59.91
CA ASN H 338 -8.60 57.03 -61.22
C ASN H 338 -9.69 56.32 -62.02
N HIS H 339 -9.38 56.04 -63.27
CA HIS H 339 -10.26 55.28 -64.14
C HIS H 339 -10.17 53.78 -63.81
N GLU H 340 -11.01 53.01 -64.49
CA GLU H 340 -11.00 51.54 -64.62
C GLU H 340 -11.06 50.73 -63.32
N SER H 341 -11.28 51.41 -62.19
CA SER H 341 -11.59 50.81 -60.89
C SER H 341 -10.51 49.84 -60.40
N PHE H 342 -9.31 50.37 -60.17
CA PHE H 342 -8.24 49.60 -59.54
C PHE H 342 -8.13 50.01 -58.08
N TYR H 343 -8.57 49.12 -57.20
CA TYR H 343 -8.58 49.32 -55.76
C TYR H 343 -7.26 48.86 -55.18
N GLU H 344 -7.15 48.74 -53.86
CA GLU H 344 -5.90 48.32 -53.25
C GLU H 344 -5.95 46.94 -52.59
N MET H 345 -7.14 46.34 -52.48
CA MET H 345 -7.36 44.99 -51.94
C MET H 345 -6.82 44.86 -50.52
N GLY H 346 -7.51 45.52 -49.61
CA GLY H 346 -7.18 45.39 -48.22
C GLY H 346 -7.11 46.71 -47.49
N LYS H 347 -7.27 47.80 -48.23
CA LYS H 347 -7.42 49.10 -47.60
C LYS H 347 -8.74 49.16 -46.86
N ALA H 348 -8.69 49.50 -45.58
CA ALA H 348 -9.88 49.75 -44.82
C ALA H 348 -9.58 50.88 -43.85
N ASN H 349 -10.62 51.45 -43.27
CA ASN H 349 -10.46 52.63 -42.46
C ASN H 349 -11.40 52.57 -41.26
N PHE H 350 -10.85 52.77 -40.08
CA PHE H 350 -11.63 52.60 -38.87
C PHE H 350 -11.61 53.89 -38.07
N MET H 351 -12.63 54.02 -37.22
CA MET H 351 -12.61 55.01 -36.16
C MET H 351 -12.99 54.35 -34.85
N ILE H 352 -12.40 54.84 -33.78
CA ILE H 352 -12.48 54.28 -32.45
C ILE H 352 -13.08 55.31 -31.50
N LYS H 353 -13.78 54.82 -30.48
CA LYS H 353 -14.32 55.67 -29.45
C LYS H 353 -14.50 54.84 -28.19
N GLU H 354 -14.28 55.47 -27.05
CA GLU H 354 -14.62 54.81 -25.79
C GLU H 354 -16.13 54.79 -25.61
N ILE H 355 -16.62 53.76 -24.94
CA ILE H 355 -18.02 53.69 -24.58
C ILE H 355 -18.14 53.61 -23.06
#